data_9FFR
#
_entry.id   9FFR
#
_cell.length_a   1.00
_cell.length_b   1.00
_cell.length_c   1.00
_cell.angle_alpha   90.00
_cell.angle_beta   90.00
_cell.angle_gamma   90.00
#
_symmetry.space_group_name_H-M   'P 1'
#
loop_
_entity.id
_entity.type
_entity.pdbx_description
1 polymer 'Gamma-aminobutyric acid receptor subunit alpha-1'
2 polymer 'Gamma-aminobutyric acid receptor subunit beta-3'
3 polymer 'Megabody25,Outer membrane protein'
4 branched alpha-D-mannopyranose-(1-3)-[alpha-D-mannopyranose-(1-6)]beta-D-mannopyranose-(1-4)-2-acetamido-2-deoxy-beta-D-glucopyranose-(1-4)-2-acetamido-2-deoxy-beta-D-glucopyranose
5 branched 2-acetamido-2-deoxy-beta-D-glucopyranose-(1-4)-2-acetamido-2-deoxy-beta-D-glucopyranose
6 non-polymer CHOLESTEROL
7 non-polymer 'GAMMA-AMINO-BUTANOIC ACID'
#
loop_
_entity_poly.entity_id
_entity_poly.type
_entity_poly.pdbx_seq_one_letter_code
_entity_poly.pdbx_strand_id
1 'polypeptide(L)'
;MDEKTTGWRGGHVVEGLAGELEQLRARLEHHPQGQREPDYDIPTTENLYFQGTGQPSQDELKDNTTVFTRILDRLLDGYD
NRLRPGLGERVTEVKTDIFVTSFGPVSDHDMEYTIDVFFRQSWKDERLKFKGPMTVLRLNNLMASKIWTPDTFFHNGKKS
VAHNMTMPNKLLRITEDGTLLYTMRLTVRAECPMHLEDFPMDAHACPLKFGSYAYTRAEVVYEWTREPARSVVVAEDGSR
LNQYDLLGQTVDSGIVQSSTGEYVVMTTHFHLKRKIGYFVIQTYLPCIMTVILSQVSFWLNRESVPARTVFGVTTVLTMT
TLSISARNSLPKVAYATAMDWFIAVCYAFVFSALIEFATVNYFTKSQPARAAKIDRLSRIAFPLLFGIFNLVYWATYLNR
EPQLKAPTPHQ
;
D,A
2 'polypeptide(L)'
;MDEKTTGWRGGHVVEGLAGELEQLRARLEHHPQGQREPDYDIPTTENLYFQGTGQSVNDPGNMSFVKETVDKLLKGYDIR
LRPDFGGPPVCVGMNIDIASIDMVSEVNMDYTLTMYFQQYWRDKRLAYSGIPLNLTLDNRVADQLWVPDTYFLNDKKSFV
HGVTVKNRMIRLHPDGTVLYGLRITTTAACMMDLRRYPLDEQNCTLEIESYGYTTDDIEFYWRGGDKAVTGVERIELPQF
SIVEHRLVSRNVVFATGAYPRLSLSFRLKRNIGYFILQTYMPSILITILSWVSFWINYDASAARVALGITTVLTMTTINT
HLRETLPKIPYVKAIDMYLMGCFVFVFLALLEYAFVNYIFFSQPARAAAIDRWSRIVFPFTFSLFNLVYWLYYVN
;
E,B,C
3 'polypeptide(L)'
;QVQLVESGGGLVQTKTTTSVIDTTNDAQNLLTQAQTIVNTLKDYCPILIAKSSSSNGGTNNANTPSWQTAGGGKNSCATF
GAEFSAASDMINNAQKIVQETQQLSANQPKNITQPHNLNLNSPSSLTALAQKMLKNAQSQAEILKLANQVESDFNKLSSG
HLKDYIGKCDASAISSANMTMQNQKNNWGNGCAGVEETQSLLKTSAADFNNQTPQINQAQNLANTLIQELGNNTYEQLSR
LLTNDNGTNSKTSAQAINQAVNNLNERAKTLAGGTTNSPAYQATLLALRSVLGLWNSMGYAVICGGYTKSPGENNQKDFH
YTDENGNGTTINCGGSTNSNGTHSYNGTNTLKADKNVSLSIEQYEKIHEAYQILSKALKQAGLAPLNSKGEKLEAHVTTS
KYGSLRLSCAASGHTFNYPIMGWFRQAPGKEREFVGAISWSGGSTSYADSVKDRFTISRDNAKNTVYLEMNNLKPEDTAV
YYCAAKGRYSGGLYYPTNYDYWGQGTQVTVSSHHHHHHEPEA
;
F
#
loop_
_chem_comp.id
_chem_comp.type
_chem_comp.name
_chem_comp.formula
ABU non-polymer 'GAMMA-AMINO-BUTANOIC ACID' 'C4 H9 N O2'
BMA D-saccharide, beta linking beta-D-mannopyranose 'C6 H12 O6'
CLR non-polymer CHOLESTEROL 'C27 H46 O'
MAN D-saccharide, alpha linking alpha-D-mannopyranose 'C6 H12 O6'
NAG D-saccharide, beta linking 2-acetamido-2-deoxy-beta-D-glucopyranose 'C8 H15 N O6'
#
# COMPACT_ATOMS: atom_id res chain seq x y z
N THR A 65 -5.11 -40.39 36.15
CA THR A 65 -5.40 -39.22 35.34
C THR A 65 -6.71 -38.57 35.78
N THR A 66 -7.64 -39.41 36.25
CA THR A 66 -8.91 -38.90 36.74
C THR A 66 -8.73 -38.04 37.99
N VAL A 67 -7.68 -38.30 38.77
CA VAL A 67 -7.43 -37.51 39.97
C VAL A 67 -7.19 -36.05 39.61
N PHE A 68 -6.38 -35.80 38.58
CA PHE A 68 -6.11 -34.43 38.17
C PHE A 68 -7.35 -33.77 37.58
N THR A 69 -8.16 -34.53 36.86
CA THR A 69 -9.41 -33.99 36.35
C THR A 69 -10.33 -33.56 37.48
N ARG A 70 -10.43 -34.39 38.53
CA ARG A 70 -11.25 -34.02 39.69
C ARG A 70 -10.69 -32.80 40.39
N ILE A 71 -9.35 -32.72 40.51
CA ILE A 71 -8.73 -31.56 41.14
C ILE A 71 -9.06 -30.29 40.36
N LEU A 72 -8.94 -30.35 39.03
CA LEU A 72 -9.23 -29.17 38.21
C LEU A 72 -10.70 -28.78 38.31
N ASP A 73 -11.60 -29.77 38.29
CA ASP A 73 -13.03 -29.47 38.42
C ASP A 73 -13.33 -28.85 39.77
N ARG A 74 -12.69 -29.32 40.83
CA ARG A 74 -12.87 -28.71 42.14
C ARG A 74 -12.35 -27.28 42.16
N LEU A 75 -11.20 -27.05 41.51
CA LEU A 75 -10.65 -25.69 41.45
C LEU A 75 -11.59 -24.74 40.74
N LEU A 76 -12.16 -25.18 39.62
CA LEU A 76 -13.07 -24.33 38.86
C LEU A 76 -14.50 -24.36 39.37
N ASP A 77 -14.77 -25.08 40.45
CA ASP A 77 -16.11 -25.16 41.02
C ASP A 77 -16.37 -23.92 41.85
N GLY A 78 -17.27 -23.05 41.37
CA GLY A 78 -17.60 -21.83 42.08
C GLY A 78 -16.63 -20.70 41.87
N TYR A 79 -15.60 -20.89 41.04
CA TYR A 79 -14.63 -19.84 40.77
C TYR A 79 -15.22 -18.79 39.85
N ASP A 80 -15.06 -17.52 40.20
CA ASP A 80 -15.55 -16.41 39.40
C ASP A 80 -14.37 -15.70 38.77
N ASN A 81 -14.35 -15.64 37.45
CA ASN A 81 -13.24 -15.04 36.72
C ASN A 81 -13.47 -13.56 36.44
N ARG A 82 -14.57 -12.98 36.91
CA ARG A 82 -14.81 -11.55 36.77
C ARG A 82 -14.25 -10.74 37.91
N LEU A 83 -13.77 -11.40 38.98
CA LEU A 83 -13.29 -10.73 40.16
C LEU A 83 -11.80 -11.00 40.32
N ARG A 84 -11.03 -9.94 40.55
CA ARG A 84 -9.60 -10.10 40.78
C ARG A 84 -9.35 -10.75 42.14
N PRO A 85 -8.23 -11.42 42.31
CA PRO A 85 -7.89 -11.97 43.63
C PRO A 85 -7.77 -10.85 44.66
N GLY A 86 -8.30 -11.11 45.86
CA GLY A 86 -8.28 -10.10 46.90
C GLY A 86 -9.09 -8.87 46.57
N LEU A 87 -10.27 -9.06 45.95
CA LEU A 87 -11.14 -7.94 45.61
C LEU A 87 -11.71 -7.34 46.89
N GLY A 88 -11.29 -6.12 47.21
CA GLY A 88 -11.74 -5.46 48.41
C GLY A 88 -11.03 -5.88 49.68
N GLU A 89 -9.97 -6.68 49.58
CA GLU A 89 -9.22 -7.13 50.74
C GLU A 89 -7.77 -6.68 50.70
N ARG A 90 -7.08 -6.84 49.58
CA ARG A 90 -5.68 -6.45 49.46
C ARG A 90 -5.44 -5.99 48.02
N VAL A 91 -4.17 -5.83 47.68
CA VAL A 91 -3.75 -5.34 46.36
C VAL A 91 -3.09 -6.49 45.63
N THR A 92 -3.54 -6.74 44.40
CA THR A 92 -2.91 -7.78 43.59
C THR A 92 -1.53 -7.32 43.14
N GLU A 93 -0.54 -8.18 43.33
CA GLU A 93 0.84 -7.87 42.99
C GLU A 93 1.28 -8.79 41.85
N VAL A 94 1.52 -8.19 40.68
CA VAL A 94 1.92 -8.92 39.49
C VAL A 94 3.39 -8.64 39.23
N LYS A 95 4.21 -9.68 39.25
CA LYS A 95 5.63 -9.57 38.95
C LYS A 95 5.85 -9.95 37.51
N THR A 96 6.43 -9.04 36.72
CA THR A 96 6.56 -9.21 35.29
C THR A 96 8.03 -9.24 34.89
N ASP A 97 8.31 -9.93 33.78
CA ASP A 97 9.63 -9.87 33.17
C ASP A 97 9.50 -10.11 31.68
N ILE A 98 10.52 -9.68 30.94
CA ILE A 98 10.51 -9.68 29.49
C ILE A 98 11.79 -10.32 28.98
N PHE A 99 11.65 -11.24 28.02
CA PHE A 99 12.78 -11.81 27.30
C PHE A 99 12.65 -11.43 25.83
N VAL A 100 13.46 -10.49 25.39
CA VAL A 100 13.41 -9.98 24.02
C VAL A 100 14.10 -11.00 23.11
N THR A 101 13.33 -11.70 22.30
CA THR A 101 13.92 -12.69 21.41
C THR A 101 14.60 -12.06 20.20
N SER A 102 14.08 -10.93 19.71
CA SER A 102 14.66 -10.26 18.56
C SER A 102 14.19 -8.83 18.51
N PHE A 103 15.10 -7.88 18.64
CA PHE A 103 14.78 -6.46 18.51
C PHE A 103 14.68 -6.14 17.03
N GLY A 104 13.45 -5.95 16.54
CA GLY A 104 13.22 -5.87 15.12
C GLY A 104 13.69 -4.56 14.53
N PRO A 105 13.45 -4.39 13.23
CA PRO A 105 13.92 -3.18 12.55
C PRO A 105 13.25 -1.92 13.05
N VAL A 106 13.98 -0.83 12.98
CA VAL A 106 13.48 0.50 13.35
C VAL A 106 13.13 1.25 12.08
N SER A 107 11.92 1.81 12.05
CA SER A 107 11.41 2.51 10.88
C SER A 107 11.47 4.01 11.15
N ASP A 108 12.42 4.70 10.50
CA ASP A 108 12.53 6.14 10.66
C ASP A 108 11.33 6.85 10.05
N HIS A 109 10.82 6.36 8.93
CA HIS A 109 9.73 7.03 8.23
C HIS A 109 8.45 7.03 9.08
N ASP A 110 8.14 5.90 9.72
CA ASP A 110 6.94 5.81 10.54
C ASP A 110 7.22 6.11 12.01
N MET A 111 8.47 6.32 12.40
CA MET A 111 8.86 6.60 13.78
C MET A 111 8.35 5.51 14.73
N GLU A 112 8.53 4.25 14.33
CA GLU A 112 8.11 3.13 15.13
C GLU A 112 9.16 2.03 15.04
N TYR A 113 9.14 1.13 16.02
CA TYR A 113 10.05 -0.01 16.02
C TYR A 113 9.30 -1.27 16.42
N THR A 114 9.77 -2.40 15.91
CA THR A 114 9.16 -3.70 16.16
C THR A 114 10.02 -4.49 17.14
N ILE A 115 9.37 -5.25 18.02
CA ILE A 115 10.08 -6.05 19.00
C ILE A 115 9.29 -7.31 19.27
N ASP A 116 9.99 -8.43 19.40
CA ASP A 116 9.37 -9.72 19.70
C ASP A 116 9.80 -10.17 21.09
N VAL A 117 8.82 -10.45 21.95
CA VAL A 117 9.10 -10.69 23.36
C VAL A 117 8.39 -11.94 23.85
N PHE A 118 9.03 -12.59 24.82
CA PHE A 118 8.34 -13.46 25.77
C PHE A 118 7.97 -12.59 26.96
N PHE A 119 6.68 -12.42 27.18
CA PHE A 119 6.17 -11.60 28.28
C PHE A 119 5.66 -12.53 29.37
N ARG A 120 6.25 -12.45 30.56
CA ARG A 120 5.91 -13.36 31.65
C ARG A 120 5.35 -12.57 32.82
N GLN A 121 4.25 -13.04 33.37
CA GLN A 121 3.63 -12.46 34.56
C GLN A 121 3.43 -13.54 35.60
N SER A 122 3.51 -13.16 36.87
CA SER A 122 3.32 -14.11 37.95
C SER A 122 2.59 -13.41 39.09
N TRP A 123 1.62 -14.11 39.68
CA TRP A 123 0.87 -13.50 40.76
C TRP A 123 0.26 -14.57 41.65
N LYS A 124 -0.12 -14.18 42.86
CA LYS A 124 -0.66 -15.10 43.84
C LYS A 124 -2.19 -15.07 43.80
N ASP A 125 -2.80 -16.25 43.75
CA ASP A 125 -4.25 -16.38 43.78
C ASP A 125 -4.58 -17.57 44.68
N GLU A 126 -5.17 -17.30 45.84
CA GLU A 126 -5.42 -18.34 46.82
C GLU A 126 -6.67 -19.17 46.51
N ARG A 127 -7.50 -18.74 45.55
CA ARG A 127 -8.62 -19.56 45.14
C ARG A 127 -8.20 -20.81 44.39
N LEU A 128 -6.94 -20.89 43.97
CA LEU A 128 -6.43 -22.03 43.22
C LEU A 128 -5.49 -22.90 44.03
N LYS A 129 -5.59 -22.84 45.36
CA LYS A 129 -4.84 -23.75 46.20
C LYS A 129 -5.31 -25.18 46.00
N PHE A 130 -4.36 -26.11 45.99
CA PHE A 130 -4.69 -27.52 45.83
C PHE A 130 -3.59 -28.37 46.45
N LYS A 131 -3.91 -29.64 46.66
CA LYS A 131 -2.94 -30.62 47.13
C LYS A 131 -3.10 -31.88 46.31
N GLY A 132 -1.98 -32.41 45.81
CA GLY A 132 -2.00 -33.58 44.96
C GLY A 132 -0.64 -34.22 44.83
N PRO A 133 -0.55 -35.28 44.03
CA PRO A 133 0.75 -35.97 43.86
C PRO A 133 1.85 -35.06 43.31
N MET A 134 1.50 -34.12 42.43
CA MET A 134 2.47 -33.16 41.92
C MET A 134 2.29 -31.81 42.60
N THR A 135 3.34 -31.01 42.55
CA THR A 135 3.33 -29.68 43.13
C THR A 135 3.05 -28.58 42.13
N VAL A 136 3.36 -28.80 40.85
CA VAL A 136 3.15 -27.82 39.80
C VAL A 136 2.34 -28.46 38.69
N LEU A 137 1.29 -27.78 38.26
CA LEU A 137 0.48 -28.20 37.13
C LEU A 137 0.80 -27.29 35.94
N ARG A 138 1.26 -27.90 34.86
CA ARG A 138 1.58 -27.17 33.62
C ARG A 138 0.44 -27.44 32.64
N LEU A 139 -0.53 -26.54 32.60
CA LEU A 139 -1.79 -26.83 31.95
C LEU A 139 -1.83 -26.28 30.53
N ASN A 140 -2.85 -26.70 29.79
CA ASN A 140 -3.08 -26.21 28.44
C ASN A 140 -3.44 -24.74 28.47
N ASN A 141 -3.10 -24.03 27.39
CA ASN A 141 -3.27 -22.58 27.38
C ASN A 141 -4.74 -22.16 27.46
N LEU A 142 -5.65 -23.03 27.01
CA LEU A 142 -7.07 -22.67 27.06
C LEU A 142 -7.56 -22.50 28.49
N MET A 143 -6.93 -23.20 29.44
CA MET A 143 -7.26 -23.01 30.84
C MET A 143 -7.08 -21.56 31.27
N ALA A 144 -6.19 -20.82 30.59
CA ALA A 144 -5.98 -19.42 30.92
C ALA A 144 -7.24 -18.59 30.73
N SER A 145 -8.16 -19.04 29.86
CA SER A 145 -9.40 -18.31 29.67
C SER A 145 -10.46 -18.63 30.71
N LYS A 146 -10.19 -19.59 31.60
CA LYS A 146 -11.14 -19.97 32.64
C LYS A 146 -10.88 -19.26 33.96
N ILE A 147 -9.78 -18.53 34.09
CA ILE A 147 -9.42 -17.87 35.34
C ILE A 147 -9.12 -16.40 35.06
N TRP A 148 -8.96 -15.64 36.13
CA TRP A 148 -8.67 -14.22 36.02
C TRP A 148 -7.20 -14.02 35.67
N THR A 149 -6.93 -13.19 34.66
CA THR A 149 -5.58 -12.83 34.28
C THR A 149 -5.48 -11.32 34.18
N PRO A 150 -4.30 -10.75 34.46
CA PRO A 150 -4.15 -9.30 34.39
C PRO A 150 -4.38 -8.78 32.97
N ASP A 151 -4.96 -7.60 32.89
CA ASP A 151 -5.24 -6.96 31.59
C ASP A 151 -4.14 -5.95 31.24
N THR A 152 -2.92 -6.46 31.10
CA THR A 152 -1.80 -5.60 30.79
C THR A 152 -1.83 -5.18 29.33
N PHE A 153 -1.47 -3.93 29.08
CA PHE A 153 -1.38 -3.41 27.72
C PHE A 153 -0.21 -2.44 27.65
N PHE A 154 0.27 -2.22 26.43
CA PHE A 154 1.43 -1.38 26.17
C PHE A 154 0.95 0.02 25.80
N HIS A 155 1.38 1.02 26.57
CA HIS A 155 0.84 2.36 26.43
C HIS A 155 1.18 2.97 25.08
N ASN A 156 2.38 2.70 24.57
CA ASN A 156 2.82 3.30 23.32
C ASN A 156 2.75 2.33 22.14
N GLY A 157 2.11 1.18 22.31
CA GLY A 157 1.99 0.25 21.19
C GLY A 157 1.07 0.77 20.11
N LYS A 158 1.28 0.30 18.88
CA LYS A 158 0.50 0.73 17.74
C LYS A 158 -0.37 -0.40 17.18
N LYS A 159 0.23 -1.53 16.83
CA LYS A 159 -0.52 -2.67 16.30
C LYS A 159 0.27 -3.92 16.65
N SER A 160 -0.09 -4.56 17.76
CA SER A 160 0.62 -5.72 18.25
C SER A 160 -0.06 -7.01 17.81
N VAL A 161 0.69 -8.10 17.87
CA VAL A 161 0.22 -9.41 17.45
C VAL A 161 0.53 -10.41 18.55
N ALA A 162 -0.47 -11.20 18.93
CA ALA A 162 -0.29 -12.35 19.80
C ALA A 162 -0.31 -13.59 18.91
N HIS A 163 0.85 -14.23 18.75
CA HIS A 163 1.00 -15.28 17.75
C HIS A 163 0.11 -16.47 18.09
N ASN A 164 -0.51 -17.04 17.05
CA ASN A 164 -1.52 -18.07 17.20
C ASN A 164 -1.18 -19.31 16.39
N MET A 165 0.09 -19.52 16.06
CA MET A 165 0.53 -20.64 15.24
C MET A 165 1.50 -21.50 16.04
N THR A 166 1.25 -22.81 16.09
CA THR A 166 0.08 -23.43 15.48
C THR A 166 -1.09 -23.44 16.46
N MET A 167 -0.78 -23.12 17.70
CA MET A 167 -1.73 -22.97 18.79
C MET A 167 -1.42 -21.67 19.50
N PRO A 168 -2.38 -21.13 20.27
CA PRO A 168 -2.10 -19.89 21.03
C PRO A 168 -0.82 -20.00 21.84
N ASN A 169 0.17 -19.17 21.51
CA ASN A 169 1.47 -19.24 22.17
C ASN A 169 1.36 -18.72 23.60
N LYS A 170 0.74 -19.50 24.47
CA LYS A 170 0.60 -19.14 25.86
C LYS A 170 0.88 -20.37 26.72
N LEU A 171 1.41 -20.14 27.92
CA LEU A 171 1.61 -21.20 28.88
C LEU A 171 1.10 -20.75 30.24
N LEU A 172 0.44 -21.67 30.95
CA LEU A 172 -0.07 -21.43 32.29
C LEU A 172 0.44 -22.52 33.22
N ARG A 173 1.00 -22.11 34.36
CA ARG A 173 1.50 -23.03 35.36
C ARG A 173 0.99 -22.60 36.73
N ILE A 174 0.53 -23.58 37.51
CA ILE A 174 -0.06 -23.35 38.82
C ILE A 174 0.75 -24.11 39.86
N THR A 175 1.23 -23.41 40.87
CA THR A 175 1.90 -24.06 41.99
C THR A 175 0.89 -24.35 43.09
N GLU A 176 1.23 -25.32 43.94
CA GLU A 176 0.28 -25.82 44.93
C GLU A 176 -0.17 -24.74 45.92
N ASP A 177 0.60 -23.68 46.10
CA ASP A 177 0.23 -22.62 47.02
C ASP A 177 -0.65 -21.55 46.36
N GLY A 178 -0.96 -21.70 45.08
CA GLY A 178 -1.80 -20.75 44.38
C GLY A 178 -1.06 -19.85 43.41
N THR A 179 0.27 -19.83 43.44
CA THR A 179 1.03 -18.97 42.55
C THR A 179 0.78 -19.37 41.09
N LEU A 180 0.55 -18.37 40.25
CA LEU A 180 0.29 -18.57 38.84
C LEU A 180 1.38 -17.90 38.02
N LEU A 181 1.93 -18.65 37.08
CA LEU A 181 2.86 -18.15 36.07
C LEU A 181 2.16 -18.21 34.72
N TYR A 182 2.07 -17.06 34.05
CA TYR A 182 1.33 -16.93 32.80
C TYR A 182 2.24 -16.24 31.80
N THR A 183 2.58 -16.93 30.72
CA THR A 183 3.56 -16.42 29.77
C THR A 183 2.98 -16.43 28.37
N MET A 184 3.26 -15.38 27.60
CA MET A 184 2.80 -15.29 26.23
C MET A 184 3.92 -14.78 25.34
N ARG A 185 3.74 -14.94 24.03
CA ARG A 185 4.70 -14.52 23.03
C ARG A 185 4.06 -13.45 22.17
N LEU A 186 4.68 -12.28 22.09
CA LEU A 186 4.07 -11.12 21.49
C LEU A 186 5.01 -10.46 20.49
N THR A 187 4.42 -9.79 19.51
CA THR A 187 5.14 -8.90 18.61
C THR A 187 4.51 -7.52 18.73
N VAL A 188 5.30 -6.53 19.13
CA VAL A 188 4.82 -5.21 19.47
C VAL A 188 5.45 -4.19 18.54
N ARG A 189 4.62 -3.35 17.93
CA ARG A 189 5.07 -2.17 17.20
C ARG A 189 4.84 -0.96 18.08
N ALA A 190 5.91 -0.31 18.50
CA ALA A 190 5.84 0.77 19.47
C ALA A 190 6.33 2.07 18.88
N GLU A 191 5.75 3.17 19.34
CA GLU A 191 6.15 4.50 18.89
C GLU A 191 7.48 4.89 19.51
N CYS A 192 8.39 5.40 18.68
CA CYS A 192 9.67 5.92 19.14
C CYS A 192 9.84 7.31 18.55
N PRO A 193 9.38 8.35 19.25
CA PRO A 193 9.59 9.72 18.76
C PRO A 193 11.07 10.02 18.60
N MET A 194 11.40 10.72 17.52
CA MET A 194 12.79 10.95 17.14
C MET A 194 13.03 12.42 16.87
N HIS A 195 14.19 12.90 17.30
CA HIS A 195 14.68 14.23 16.94
C HIS A 195 15.81 14.05 15.95
N LEU A 196 15.55 14.37 14.68
CA LEU A 196 16.49 14.11 13.60
C LEU A 196 17.37 15.30 13.28
N GLU A 197 17.62 16.18 14.25
CA GLU A 197 18.47 17.33 14.00
C GLU A 197 19.91 16.95 13.69
N ASP A 198 20.35 15.76 14.11
CA ASP A 198 21.71 15.30 13.84
C ASP A 198 21.76 14.15 12.85
N PHE A 199 20.71 13.99 12.04
CA PHE A 199 20.70 12.92 11.06
C PHE A 199 21.82 13.12 10.04
N PRO A 200 22.54 12.06 9.66
CA PRO A 200 22.42 10.67 10.11
C PRO A 200 23.45 10.30 11.17
N MET A 201 23.68 11.16 12.16
CA MET A 201 24.62 10.88 13.25
C MET A 201 23.93 11.09 14.59
N ASP A 202 22.72 10.55 14.72
CA ASP A 202 21.85 10.80 15.85
C ASP A 202 21.70 9.55 16.70
N ALA A 203 21.30 9.76 17.96
CA ALA A 203 21.02 8.69 18.89
C ALA A 203 19.61 8.85 19.45
N HIS A 204 18.99 7.73 19.78
CA HIS A 204 17.60 7.72 20.22
C HIS A 204 17.46 6.82 21.44
N ALA A 205 16.38 7.06 22.19
CA ALA A 205 16.01 6.25 23.35
C ALA A 205 14.56 5.81 23.14
N CYS A 206 14.39 4.66 22.51
CA CYS A 206 13.05 4.17 22.19
C CYS A 206 12.40 3.55 23.43
N PRO A 207 11.24 4.00 23.85
CA PRO A 207 10.63 3.48 25.07
C PRO A 207 9.65 2.34 24.80
N LEU A 208 9.36 1.61 25.87
CA LEU A 208 8.31 0.59 25.89
C LEU A 208 7.67 0.66 27.27
N LYS A 209 6.43 1.14 27.32
CA LYS A 209 5.72 1.37 28.57
C LYS A 209 4.50 0.46 28.60
N PHE A 210 4.30 -0.24 29.71
CA PHE A 210 3.14 -1.10 29.83
C PHE A 210 2.55 -1.00 31.23
N GLY A 211 1.32 -1.44 31.35
CA GLY A 211 0.63 -1.39 32.63
C GLY A 211 -0.80 -1.86 32.48
N SER A 212 -1.50 -1.88 33.60
CA SER A 212 -2.89 -2.30 33.59
C SER A 212 -3.76 -1.26 32.89
N TYR A 213 -4.87 -1.72 32.32
CA TYR A 213 -5.79 -0.82 31.63
C TYR A 213 -6.99 -0.44 32.47
N ALA A 214 -7.50 -1.34 33.31
CA ALA A 214 -8.71 -1.09 34.06
C ALA A 214 -8.51 -0.95 35.55
N TYR A 215 -7.43 -1.47 36.11
CA TYR A 215 -7.22 -1.50 37.55
C TYR A 215 -6.23 -0.43 37.96
N THR A 216 -6.62 0.42 38.91
CA THR A 216 -5.77 1.49 39.39
C THR A 216 -4.72 0.95 40.36
N ARG A 217 -3.87 1.85 40.86
CA ARG A 217 -2.80 1.45 41.77
C ARG A 217 -3.34 0.97 43.11
N ALA A 218 -4.59 1.28 43.43
CA ALA A 218 -5.21 0.77 44.64
C ALA A 218 -5.68 -0.67 44.51
N GLU A 219 -5.65 -1.23 43.29
CA GLU A 219 -6.11 -2.59 43.05
C GLU A 219 -5.00 -3.49 42.55
N VAL A 220 -4.28 -3.10 41.50
CA VAL A 220 -3.24 -3.92 40.90
C VAL A 220 -1.98 -3.09 40.79
N VAL A 221 -0.88 -3.60 41.35
CA VAL A 221 0.43 -2.97 41.23
C VAL A 221 1.35 -3.93 40.49
N TYR A 222 2.30 -3.36 39.75
CA TYR A 222 3.24 -4.13 38.95
C TYR A 222 4.65 -4.00 39.52
N GLU A 223 5.41 -5.09 39.45
CA GLU A 223 6.78 -5.11 39.91
C GLU A 223 7.62 -5.97 38.98
N TRP A 224 8.93 -5.78 39.03
CA TRP A 224 9.85 -6.63 38.30
C TRP A 224 10.20 -7.84 39.17
N THR A 225 10.36 -9.00 38.52
CA THR A 225 10.58 -10.24 39.26
C THR A 225 11.90 -10.20 40.03
N ARG A 226 12.94 -9.67 39.40
CA ARG A 226 14.24 -9.54 40.04
C ARG A 226 14.69 -8.10 39.95
N GLU A 227 15.97 -7.84 40.22
CA GLU A 227 16.47 -6.48 40.11
C GLU A 227 16.12 -5.89 38.74
N PRO A 228 15.71 -4.63 38.69
CA PRO A 228 15.18 -4.07 37.43
C PRO A 228 16.14 -4.20 36.25
N ALA A 229 17.44 -4.08 36.49
CA ALA A 229 18.40 -4.19 35.40
C ALA A 229 18.47 -5.60 34.82
N ARG A 230 18.03 -6.61 35.58
CA ARG A 230 18.10 -7.99 35.14
C ARG A 230 16.74 -8.58 34.81
N SER A 231 15.67 -7.81 34.88
CA SER A 231 14.34 -8.30 34.57
C SER A 231 13.98 -8.22 33.09
N VAL A 232 14.76 -7.49 32.30
CA VAL A 232 14.58 -7.43 30.85
C VAL A 232 15.85 -8.01 30.25
N VAL A 233 15.73 -9.16 29.59
CA VAL A 233 16.89 -9.88 29.09
C VAL A 233 16.82 -9.92 27.56
N VAL A 234 17.90 -9.49 26.91
CA VAL A 234 17.98 -9.46 25.45
C VAL A 234 18.78 -10.65 24.98
N ALA A 235 18.20 -11.45 24.08
CA ALA A 235 18.89 -12.61 23.56
C ALA A 235 20.05 -12.19 22.67
N GLU A 236 21.12 -12.99 22.70
CA GLU A 236 22.31 -12.66 21.91
C GLU A 236 22.02 -12.67 20.42
N ASP A 237 21.29 -13.69 19.95
CA ASP A 237 20.93 -13.75 18.54
C ASP A 237 19.91 -12.70 18.15
N GLY A 238 19.28 -12.05 19.13
CA GLY A 238 18.20 -11.12 18.84
C GLY A 238 18.66 -9.73 18.48
N SER A 239 19.13 -9.55 17.25
CA SER A 239 19.52 -8.23 16.77
C SER A 239 19.22 -8.18 15.27
N ARG A 240 18.06 -7.65 14.92
CA ARG A 240 17.66 -7.46 13.54
C ARG A 240 17.90 -6.05 13.05
N LEU A 241 18.81 -5.31 13.69
CA LEU A 241 19.05 -3.92 13.33
C LEU A 241 20.10 -3.84 12.23
N ASN A 242 19.69 -3.31 11.07
CA ASN A 242 20.60 -3.12 9.95
C ASN A 242 21.23 -1.73 9.93
N GLN A 243 20.80 -0.83 10.81
CA GLN A 243 21.26 0.55 10.76
C GLN A 243 21.67 1.12 12.12
N TYR A 244 21.19 0.57 13.23
CA TYR A 244 21.49 1.07 14.55
C TYR A 244 22.32 0.07 15.33
N ASP A 245 22.81 0.51 16.49
CA ASP A 245 23.53 -0.34 17.42
C ASP A 245 22.85 -0.25 18.77
N LEU A 246 22.50 -1.40 19.34
CA LEU A 246 21.79 -1.43 20.61
C LEU A 246 22.80 -1.31 21.74
N LEU A 247 22.92 -0.11 22.30
CA LEU A 247 23.90 0.12 23.35
C LEU A 247 23.49 -0.55 24.66
N GLY A 248 22.23 -0.42 25.04
CA GLY A 248 21.76 -0.99 26.28
C GLY A 248 20.32 -0.61 26.54
N GLN A 249 19.85 -0.96 27.73
CA GLN A 249 18.49 -0.65 28.14
C GLN A 249 18.48 -0.15 29.58
N THR A 250 17.48 0.66 29.88
CA THR A 250 17.25 1.20 31.21
C THR A 250 15.84 0.84 31.63
N VAL A 251 15.70 0.31 32.85
CA VAL A 251 14.44 -0.22 33.35
C VAL A 251 13.99 0.63 34.52
N ASP A 252 12.73 1.06 34.50
CA ASP A 252 12.20 1.93 35.54
C ASP A 252 10.72 1.66 35.71
N SER A 253 10.16 2.20 36.79
CA SER A 253 8.73 2.09 37.06
C SER A 253 8.24 3.39 37.68
N GLY A 254 6.96 3.67 37.51
CA GLY A 254 6.42 4.91 38.01
C GLY A 254 4.91 4.89 38.03
N ILE A 255 4.34 6.06 38.31
CA ILE A 255 2.90 6.24 38.44
C ILE A 255 2.45 7.24 37.38
N VAL A 256 1.44 6.87 36.61
CA VAL A 256 0.81 7.78 35.66
C VAL A 256 -0.57 8.13 36.17
N GLN A 257 -1.08 9.27 35.73
CA GLN A 257 -2.40 9.73 36.13
C GLN A 257 -3.20 10.11 34.91
N SER A 258 -4.50 9.79 34.94
CA SER A 258 -5.40 10.14 33.86
C SER A 258 -6.78 10.35 34.45
N SER A 259 -7.74 10.70 33.59
CA SER A 259 -9.08 11.06 34.04
C SER A 259 -9.76 9.94 34.80
N THR A 260 -9.33 8.69 34.61
CA THR A 260 -9.93 7.55 35.28
C THR A 260 -9.20 7.14 36.56
N GLY A 261 -8.07 7.76 36.87
CA GLY A 261 -7.39 7.47 38.11
C GLY A 261 -5.89 7.37 37.91
N GLU A 262 -5.22 6.78 38.90
CA GLU A 262 -3.77 6.62 38.89
C GLU A 262 -3.42 5.17 38.63
N TYR A 263 -2.48 4.94 37.72
CA TYR A 263 -2.07 3.60 37.31
C TYR A 263 -0.56 3.46 37.47
N VAL A 264 -0.10 2.22 37.47
CA VAL A 264 1.31 1.89 37.58
C VAL A 264 1.85 1.57 36.19
N VAL A 265 2.99 2.16 35.85
CA VAL A 265 3.58 2.00 34.53
C VAL A 265 4.99 1.44 34.70
N MET A 266 5.31 0.40 33.92
CA MET A 266 6.66 -0.12 33.84
C MET A 266 7.25 0.29 32.50
N THR A 267 8.44 0.89 32.54
CA THR A 267 9.05 1.50 31.37
C THR A 267 10.41 0.88 31.12
N THR A 268 10.72 0.64 29.85
CA THR A 268 12.02 0.14 29.42
C THR A 268 12.48 0.95 28.23
N HIS A 269 13.62 1.61 28.35
CA HIS A 269 14.19 2.41 27.27
C HIS A 269 15.35 1.66 26.64
N PHE A 270 15.35 1.57 25.32
CA PHE A 270 16.46 1.00 24.57
C PHE A 270 17.22 2.11 23.88
N HIS A 271 18.53 2.15 24.07
CA HIS A 271 19.37 3.21 23.54
C HIS A 271 19.99 2.74 22.23
N LEU A 272 19.75 3.51 21.17
CA LEU A 272 20.22 3.17 19.83
C LEU A 272 21.08 4.30 19.29
N LYS A 273 22.14 3.93 18.58
CA LYS A 273 22.99 4.90 17.89
C LYS A 273 23.11 4.49 16.43
N ARG A 274 22.81 5.42 15.53
CA ARG A 274 22.80 5.13 14.12
C ARG A 274 24.22 4.87 13.61
N LYS A 275 24.33 3.95 12.66
CA LYS A 275 25.61 3.65 12.02
C LYS A 275 25.76 4.52 10.77
N ILE A 276 26.92 5.16 10.65
CA ILE A 276 27.11 6.17 9.61
C ILE A 276 27.74 5.64 8.34
N GLY A 277 28.24 4.40 8.34
CA GLY A 277 28.96 3.89 7.19
C GLY A 277 28.15 3.90 5.91
N TYR A 278 26.87 3.56 6.02
CA TYR A 278 26.01 3.51 4.84
C TYR A 278 25.91 4.88 4.16
N PHE A 279 25.69 5.93 4.96
CA PHE A 279 25.59 7.26 4.38
C PHE A 279 26.95 7.75 3.90
N VAL A 280 28.04 7.27 4.49
CA VAL A 280 29.37 7.64 4.02
C VAL A 280 29.62 7.08 2.63
N ILE A 281 29.27 5.80 2.41
CA ILE A 281 29.50 5.18 1.10
C ILE A 281 28.32 5.36 0.16
N GLN A 282 27.28 6.08 0.56
CA GLN A 282 26.12 6.28 -0.28
C GLN A 282 25.88 7.73 -0.67
N THR A 283 26.09 8.67 0.25
CA THR A 283 25.78 10.08 -0.02
C THR A 283 27.00 10.98 0.08
N TYR A 284 27.81 10.84 1.13
CA TYR A 284 28.90 11.80 1.35
C TYR A 284 29.99 11.66 0.31
N LEU A 285 30.46 10.45 0.06
CA LEU A 285 31.54 10.25 -0.90
C LEU A 285 31.14 10.64 -2.32
N PRO A 286 29.98 10.23 -2.85
CA PRO A 286 29.60 10.72 -4.20
C PRO A 286 29.51 12.22 -4.29
N CYS A 287 28.99 12.89 -3.25
CA CYS A 287 28.91 14.34 -3.27
C CYS A 287 30.28 14.98 -3.27
N ILE A 288 31.21 14.46 -2.45
CA ILE A 288 32.56 14.99 -2.42
C ILE A 288 33.24 14.80 -3.78
N MET A 289 33.07 13.63 -4.37
CA MET A 289 33.67 13.38 -5.68
C MET A 289 33.10 14.31 -6.73
N THR A 290 31.78 14.55 -6.68
CA THR A 290 31.17 15.47 -7.65
C THR A 290 31.69 16.88 -7.47
N VAL A 291 31.85 17.34 -6.23
CA VAL A 291 32.36 18.68 -5.98
C VAL A 291 33.79 18.81 -6.51
N ILE A 292 34.62 17.81 -6.23
CA ILE A 292 36.00 17.83 -6.74
C ILE A 292 36.02 17.82 -8.25
N LEU A 293 35.13 17.03 -8.86
CA LEU A 293 35.06 16.96 -10.32
C LEU A 293 34.67 18.31 -10.91
N SER A 294 33.70 18.99 -10.28
CA SER A 294 33.34 20.33 -10.74
C SER A 294 34.51 21.29 -10.61
N GLN A 295 35.24 21.22 -9.50
CA GLN A 295 36.40 22.09 -9.33
C GLN A 295 37.52 21.78 -10.30
N VAL A 296 37.54 20.57 -10.86
CA VAL A 296 38.57 20.21 -11.84
C VAL A 296 38.54 21.15 -13.04
N SER A 297 37.36 21.68 -13.39
CA SER A 297 37.22 22.49 -14.60
C SER A 297 38.10 23.73 -14.61
N PHE A 298 38.52 24.22 -13.44
CA PHE A 298 39.29 25.46 -13.39
C PHE A 298 40.67 25.33 -13.99
N TRP A 299 41.15 24.12 -14.25
CA TRP A 299 42.48 23.91 -14.81
C TRP A 299 42.51 23.97 -16.33
N LEU A 300 41.35 24.00 -16.98
CA LEU A 300 41.30 24.04 -18.43
C LEU A 300 41.50 25.47 -18.93
N ASN A 301 41.73 25.59 -20.23
CA ASN A 301 41.89 26.90 -20.85
C ASN A 301 40.56 27.63 -20.93
N ARG A 302 40.63 28.96 -21.01
CA ARG A 302 39.43 29.77 -21.09
C ARG A 302 38.73 29.63 -22.45
N GLU A 303 39.46 29.25 -23.49
CA GLU A 303 38.86 29.14 -24.82
C GLU A 303 37.89 27.98 -24.92
N SER A 304 38.14 26.89 -24.19
CA SER A 304 37.29 25.71 -24.27
C SER A 304 35.97 25.94 -23.55
N VAL A 305 35.10 26.77 -24.14
CA VAL A 305 33.79 27.02 -23.53
C VAL A 305 32.92 25.77 -23.48
N PRO A 306 32.78 24.99 -24.57
CA PRO A 306 31.92 23.80 -24.47
C PRO A 306 32.37 22.82 -23.41
N ALA A 307 33.68 22.68 -23.20
CA ALA A 307 34.19 21.76 -22.19
C ALA A 307 33.68 22.14 -20.79
N ARG A 308 33.85 23.41 -20.42
CA ARG A 308 33.42 23.84 -19.10
C ARG A 308 31.90 23.87 -18.98
N THR A 309 31.20 24.14 -20.07
CA THR A 309 29.74 24.05 -20.06
C THR A 309 29.28 22.63 -19.75
N VAL A 310 29.91 21.65 -20.41
CA VAL A 310 29.59 20.25 -20.12
C VAL A 310 29.94 19.91 -18.68
N PHE A 311 31.09 20.38 -18.20
CA PHE A 311 31.46 20.24 -16.81
C PHE A 311 30.31 20.66 -15.89
N GLY A 312 29.89 21.91 -16.02
CA GLY A 312 28.87 22.44 -15.13
C GLY A 312 27.55 21.68 -15.23
N VAL A 313 27.09 21.44 -16.46
CA VAL A 313 25.79 20.80 -16.64
C VAL A 313 25.79 19.39 -16.05
N THR A 314 26.83 18.60 -16.37
CA THR A 314 26.89 17.23 -15.89
C THR A 314 27.03 17.18 -14.38
N THR A 315 27.84 18.07 -13.80
CA THR A 315 27.99 18.08 -12.34
C THR A 315 26.67 18.43 -11.67
N VAL A 316 25.94 19.41 -12.21
CA VAL A 316 24.65 19.78 -11.63
C VAL A 316 23.68 18.61 -11.70
N LEU A 317 23.63 17.92 -12.83
CA LEU A 317 22.71 16.80 -12.96
C LEU A 317 23.07 15.66 -12.00
N THR A 318 24.37 15.39 -11.85
CA THR A 318 24.80 14.36 -10.91
C THR A 318 24.42 14.73 -9.48
N MET A 319 24.62 16.00 -9.11
CA MET A 319 24.22 16.44 -7.78
C MET A 319 22.72 16.31 -7.58
N THR A 320 21.94 16.59 -8.62
CA THR A 320 20.49 16.42 -8.52
C THR A 320 20.12 14.98 -8.25
N THR A 321 20.75 14.05 -8.98
CA THR A 321 20.48 12.63 -8.76
C THR A 321 20.84 12.21 -7.34
N LEU A 322 22.02 12.64 -6.87
CA LEU A 322 22.46 12.27 -5.53
C LEU A 322 21.52 12.85 -4.47
N SER A 323 21.12 14.11 -4.62
CA SER A 323 20.25 14.73 -3.64
C SER A 323 18.88 14.08 -3.61
N ILE A 324 18.33 13.75 -4.79
CA ILE A 324 17.04 13.06 -4.83
C ILE A 324 17.14 11.71 -4.15
N SER A 325 18.22 10.97 -4.41
CA SER A 325 18.39 9.66 -3.79
C SER A 325 18.48 9.76 -2.27
N ALA A 326 19.20 10.77 -1.77
CA ALA A 326 19.43 10.86 -0.33
C ALA A 326 18.23 11.39 0.45
N ARG A 327 17.43 12.28 -0.16
CA ARG A 327 16.36 12.93 0.59
C ARG A 327 15.24 11.98 0.95
N ASN A 328 14.98 10.97 0.10
CA ASN A 328 13.85 10.07 0.35
C ASN A 328 14.03 9.22 1.59
N SER A 329 15.25 9.12 2.13
CA SER A 329 15.46 8.32 3.33
C SER A 329 14.72 8.90 4.53
N LEU A 330 14.77 10.22 4.70
CA LEU A 330 14.20 10.87 5.86
C LEU A 330 12.67 10.98 5.75
N PRO A 331 11.99 11.06 6.89
CA PRO A 331 10.59 11.48 6.88
C PRO A 331 10.47 12.96 6.61
N LYS A 332 9.28 13.37 6.17
CA LYS A 332 9.04 14.75 5.75
C LYS A 332 8.93 15.64 6.99
N VAL A 333 10.09 15.95 7.56
CA VAL A 333 10.19 16.86 8.70
C VAL A 333 10.20 18.30 8.19
N ALA A 334 10.01 19.25 9.11
CA ALA A 334 9.94 20.66 8.74
C ALA A 334 11.23 21.42 9.01
N TYR A 335 12.13 20.89 9.83
CA TYR A 335 13.40 21.53 10.11
C TYR A 335 14.44 21.08 9.10
N ALA A 336 15.70 21.40 9.35
CA ALA A 336 16.80 21.04 8.46
C ALA A 336 17.78 20.15 9.22
N THR A 337 18.18 19.04 8.60
CA THR A 337 19.09 18.08 9.18
C THR A 337 20.51 18.35 8.69
N ALA A 338 21.46 17.57 9.22
CA ALA A 338 22.85 17.74 8.81
C ALA A 338 23.06 17.35 7.34
N MET A 339 22.39 16.29 6.90
CA MET A 339 22.53 15.86 5.51
C MET A 339 22.03 16.94 4.57
N ASP A 340 20.94 17.62 4.93
CA ASP A 340 20.44 18.72 4.11
C ASP A 340 21.45 19.85 4.03
N TRP A 341 22.10 20.18 5.13
CA TRP A 341 23.13 21.22 5.10
C TRP A 341 24.28 20.83 4.19
N PHE A 342 24.75 19.58 4.29
CA PHE A 342 25.85 19.14 3.44
C PHE A 342 25.46 19.19 1.97
N ILE A 343 24.26 18.72 1.64
CA ILE A 343 23.81 18.73 0.25
C ILE A 343 23.70 20.16 -0.26
N ALA A 344 23.15 21.06 0.56
CA ALA A 344 23.01 22.46 0.14
C ALA A 344 24.36 23.10 -0.10
N VAL A 345 25.35 22.81 0.75
CA VAL A 345 26.67 23.42 0.55
C VAL A 345 27.34 22.85 -0.70
N CYS A 346 27.19 21.55 -0.95
CA CYS A 346 27.74 20.99 -2.18
C CYS A 346 27.10 21.62 -3.42
N TYR A 347 25.78 21.80 -3.37
CA TYR A 347 25.08 22.47 -4.46
C TYR A 347 25.58 23.90 -4.63
N ALA A 348 25.80 24.61 -3.53
CA ALA A 348 26.33 25.96 -3.60
C ALA A 348 27.70 25.98 -4.26
N PHE A 349 28.55 25.02 -3.91
CA PHE A 349 29.89 24.97 -4.52
C PHE A 349 29.80 24.74 -6.02
N VAL A 350 28.97 23.79 -6.45
CA VAL A 350 28.85 23.50 -7.88
C VAL A 350 28.30 24.73 -8.64
N PHE A 351 27.25 25.34 -8.09
CA PHE A 351 26.67 26.50 -8.76
CA PHE A 351 26.65 26.51 -8.73
C PHE A 351 27.62 27.68 -8.76
N SER A 352 28.40 27.86 -7.69
CA SER A 352 29.37 28.93 -7.65
C SER A 352 30.48 28.70 -8.68
N ALA A 353 30.88 27.45 -8.87
CA ALA A 353 31.85 27.15 -9.92
C ALA A 353 31.29 27.51 -11.29
N LEU A 354 30.02 27.18 -11.54
CA LEU A 354 29.42 27.53 -12.83
C LEU A 354 29.36 29.04 -13.02
N ILE A 355 28.94 29.77 -11.99
CA ILE A 355 28.87 31.24 -12.08
C ILE A 355 30.24 31.84 -12.28
N GLU A 356 31.26 31.29 -11.61
CA GLU A 356 32.61 31.78 -11.79
C GLU A 356 33.09 31.55 -13.21
N PHE A 357 32.76 30.39 -13.79
CA PHE A 357 33.10 30.16 -15.20
C PHE A 357 32.44 31.18 -16.11
N ALA A 358 31.15 31.47 -15.88
CA ALA A 358 30.47 32.47 -16.69
C ALA A 358 31.12 33.83 -16.55
N THR A 359 31.47 34.23 -15.32
CA THR A 359 32.09 35.52 -15.09
C THR A 359 33.46 35.61 -15.77
N VAL A 360 34.25 34.54 -15.67
CA VAL A 360 35.55 34.53 -16.34
C VAL A 360 35.37 34.66 -17.84
N ASN A 361 34.40 33.93 -18.40
CA ASN A 361 34.13 34.04 -19.83
C ASN A 361 33.69 35.44 -20.22
N TYR A 362 33.04 36.16 -19.29
CA TYR A 362 32.60 37.53 -19.59
C TYR A 362 33.80 38.45 -19.85
N PHE A 363 34.85 38.34 -19.04
CA PHE A 363 36.03 39.19 -19.16
C PHE A 363 37.09 38.62 -20.08
N THR A 364 36.72 37.74 -21.01
CA THR A 364 37.71 37.09 -21.86
C THR A 364 38.39 38.09 -22.80
N LYS A 365 37.59 38.88 -23.52
CA LYS A 365 38.13 39.75 -24.56
C LYS A 365 38.51 41.12 -24.05
N SER A 366 37.64 41.74 -23.25
CA SER A 366 37.88 43.12 -22.81
C SER A 366 39.11 43.21 -21.92
N GLN A 367 39.19 42.34 -20.90
CA GLN A 367 40.31 42.34 -19.95
C GLN A 367 40.78 40.91 -19.74
N PRO A 368 41.50 40.34 -20.71
CA PRO A 368 41.96 38.95 -20.55
C PRO A 368 42.85 38.72 -19.35
N ALA A 369 43.66 39.71 -18.98
CA ALA A 369 44.51 39.56 -17.80
C ALA A 369 43.66 39.41 -16.54
N ARG A 370 42.57 40.19 -16.45
CA ARG A 370 41.67 40.06 -15.30
C ARG A 370 41.04 38.68 -15.25
N ALA A 371 40.63 38.15 -16.40
CA ALA A 371 40.05 36.81 -16.44
C ALA A 371 41.06 35.77 -15.99
N ALA A 372 42.30 35.88 -16.46
CA ALA A 372 43.34 34.93 -16.04
C ALA A 372 43.59 35.02 -14.55
N LYS A 373 43.63 36.24 -14.01
CA LYS A 373 43.83 36.42 -12.58
C LYS A 373 42.68 35.80 -11.78
N ILE A 374 41.44 36.00 -12.24
CA ILE A 374 40.28 35.45 -11.54
C ILE A 374 40.32 33.93 -11.55
N ASP A 375 40.64 33.34 -12.71
CA ASP A 375 40.71 31.88 -12.78
C ASP A 375 41.81 31.34 -11.88
N ARG A 376 42.97 32.01 -11.87
CA ARG A 376 44.08 31.56 -11.03
C ARG A 376 43.72 31.65 -9.55
N LEU A 377 43.03 32.72 -9.16
CA LEU A 377 42.61 32.85 -7.76
C LEU A 377 41.58 31.79 -7.40
N SER A 378 40.66 31.50 -8.31
CA SER A 378 39.64 30.49 -8.05
C SER A 378 40.26 29.11 -7.86
N ARG A 379 41.28 28.79 -8.68
CA ARG A 379 41.93 27.48 -8.58
C ARG A 379 42.44 27.20 -7.17
N ILE A 380 42.81 28.25 -6.43
CA ILE A 380 43.23 28.08 -5.04
C ILE A 380 42.05 28.20 -4.09
N ALA A 381 41.15 29.16 -4.33
CA ALA A 381 40.11 29.46 -3.38
C ALA A 381 39.11 28.31 -3.22
N PHE A 382 38.73 27.66 -4.33
CA PHE A 382 37.65 26.67 -4.24
C PHE A 382 38.05 25.46 -3.42
N PRO A 383 39.13 24.72 -3.74
CA PRO A 383 39.45 23.54 -2.93
C PRO A 383 39.74 23.87 -1.48
N LEU A 384 40.39 25.00 -1.22
CA LEU A 384 40.69 25.38 0.17
C LEU A 384 39.40 25.61 0.95
N LEU A 385 38.45 26.33 0.36
CA LEU A 385 37.18 26.58 1.02
C LEU A 385 36.41 25.28 1.25
N PHE A 386 36.42 24.38 0.26
CA PHE A 386 35.72 23.12 0.45
C PHE A 386 36.35 22.30 1.56
N GLY A 387 37.67 22.26 1.62
CA GLY A 387 38.33 21.54 2.71
C GLY A 387 38.04 22.14 4.06
N ILE A 388 38.03 23.47 4.15
CA ILE A 388 37.70 24.12 5.42
C ILE A 388 36.28 23.79 5.83
N PHE A 389 35.34 23.83 4.88
CA PHE A 389 33.96 23.50 5.21
C PHE A 389 33.83 22.06 5.68
N ASN A 390 34.50 21.13 5.00
CA ASN A 390 34.43 19.73 5.42
C ASN A 390 34.99 19.55 6.83
N LEU A 391 36.13 20.17 7.11
CA LEU A 391 36.72 20.05 8.43
C LEU A 391 35.79 20.62 9.50
N VAL A 392 35.21 21.79 9.25
CA VAL A 392 34.29 22.39 10.22
C VAL A 392 33.07 21.50 10.44
N TYR A 393 32.47 21.02 9.35
CA TYR A 393 31.26 20.22 9.45
C TYR A 393 31.51 18.94 10.24
N TRP A 394 32.61 18.25 9.95
CA TRP A 394 32.87 16.99 10.63
C TRP A 394 33.28 17.21 12.09
N ALA A 395 34.16 18.17 12.35
CA ALA A 395 34.54 18.45 13.72
C ALA A 395 33.38 18.99 14.54
N THR A 396 32.34 19.51 13.89
CA THR A 396 31.15 19.95 14.60
C THR A 396 30.23 18.78 14.92
N TYR A 397 29.82 18.03 13.89
CA TYR A 397 28.79 17.02 14.11
C TYR A 397 29.33 15.76 14.79
N LEU A 398 30.58 15.37 14.53
CA LEU A 398 31.10 14.15 15.15
C LEU A 398 31.19 14.29 16.66
N ASN A 399 31.66 15.43 17.15
CA ASN A 399 31.84 15.61 18.58
C ASN A 399 30.51 15.84 19.30
N ARG A 400 29.53 16.42 18.63
CA ARG A 400 28.22 16.67 19.23
C ARG A 400 27.51 15.37 19.59
N ASN B 62 -22.51 -50.08 8.74
CA ASN B 62 -23.07 -49.79 10.04
C ASN B 62 -22.33 -48.62 10.70
N MET B 63 -22.76 -47.40 10.39
CA MET B 63 -22.13 -46.20 10.93
C MET B 63 -22.56 -45.88 12.35
N SER B 64 -23.66 -46.48 12.83
CA SER B 64 -24.07 -46.25 14.21
C SER B 64 -23.05 -46.77 15.20
N PHE B 65 -22.45 -47.93 14.90
CA PHE B 65 -21.42 -48.47 15.77
C PHE B 65 -20.20 -47.55 15.83
N VAL B 66 -19.79 -47.01 14.68
CA VAL B 66 -18.66 -46.10 14.66
C VAL B 66 -18.98 -44.82 15.41
N LYS B 67 -20.21 -44.30 15.26
CA LYS B 67 -20.61 -43.12 16.01
C LYS B 67 -20.58 -43.38 17.52
N GLU B 68 -21.09 -44.54 17.94
CA GLU B 68 -21.04 -44.88 19.36
C GLU B 68 -19.61 -44.98 19.86
N THR B 69 -18.73 -45.60 19.08
CA THR B 69 -17.34 -45.74 19.49
C THR B 69 -16.69 -44.36 19.64
N VAL B 70 -16.89 -43.48 18.66
CA VAL B 70 -16.26 -42.17 18.71
C VAL B 70 -16.81 -41.34 19.87
N ASP B 71 -18.13 -41.43 20.12
CA ASP B 71 -18.70 -40.72 21.25
C ASP B 71 -18.16 -41.26 22.57
N LYS B 72 -17.94 -42.57 22.64
CA LYS B 72 -17.35 -43.15 23.84
C LYS B 72 -15.92 -42.66 24.04
N LEU B 73 -15.18 -42.48 22.95
CA LEU B 73 -13.81 -41.97 23.07
C LEU B 73 -13.78 -40.57 23.65
N LEU B 74 -14.71 -39.72 23.24
CA LEU B 74 -14.75 -38.33 23.68
C LEU B 74 -15.64 -38.13 24.90
N LYS B 75 -16.12 -39.20 25.52
CA LYS B 75 -17.04 -39.06 26.65
C LYS B 75 -16.34 -38.46 27.86
N GLY B 76 -15.33 -39.17 28.38
CA GLY B 76 -14.58 -38.71 29.52
C GLY B 76 -13.26 -38.02 29.20
N TYR B 77 -13.05 -37.65 27.94
CA TYR B 77 -11.78 -37.06 27.54
C TYR B 77 -11.62 -35.68 28.15
N ASP B 78 -10.42 -35.41 28.68
CA ASP B 78 -10.08 -34.13 29.29
C ASP B 78 -9.03 -33.45 28.42
N ILE B 79 -9.46 -32.44 27.67
CA ILE B 79 -8.54 -31.76 26.75
C ILE B 79 -7.45 -31.00 27.49
N ARG B 80 -7.69 -30.60 28.74
CA ARG B 80 -6.73 -29.79 29.47
C ARG B 80 -5.46 -30.56 29.85
N LEU B 81 -5.49 -31.88 29.79
CA LEU B 81 -4.36 -32.70 30.23
C LEU B 81 -3.75 -33.43 29.04
N ARG B 82 -2.42 -33.38 28.95
CA ARG B 82 -1.72 -34.08 27.91
C ARG B 82 -1.78 -35.59 28.13
N PRO B 83 -1.57 -36.39 27.09
CA PRO B 83 -1.47 -37.84 27.29
C PRO B 83 -0.33 -38.17 28.24
N ASP B 84 -0.57 -39.16 29.10
CA ASP B 84 0.37 -39.52 30.17
C ASP B 84 0.71 -38.31 31.03
N PHE B 85 -0.31 -37.54 31.37
CA PHE B 85 -0.12 -36.41 32.28
C PHE B 85 0.36 -36.90 33.63
N GLY B 86 1.40 -36.28 34.15
CA GLY B 86 1.99 -36.71 35.39
C GLY B 86 2.89 -37.92 35.30
N GLY B 87 3.17 -38.40 34.09
CA GLY B 87 4.03 -39.54 33.91
C GLY B 87 5.18 -39.26 32.97
N PRO B 88 5.63 -40.28 32.24
CA PRO B 88 6.73 -40.08 31.30
C PRO B 88 6.30 -39.17 30.16
N PRO B 89 7.24 -38.46 29.53
CA PRO B 89 6.87 -37.52 28.47
C PRO B 89 6.32 -38.23 27.24
N VAL B 90 5.49 -37.51 26.50
CA VAL B 90 4.90 -38.02 25.28
C VAL B 90 5.80 -37.66 24.10
N CYS B 91 6.13 -38.65 23.28
CA CYS B 91 7.01 -38.45 22.13
C CYS B 91 6.20 -37.99 20.93
N VAL B 92 6.70 -36.99 20.23
CA VAL B 92 6.06 -36.44 19.05
C VAL B 92 7.04 -36.51 17.89
N GLY B 93 6.63 -37.13 16.78
CA GLY B 93 7.46 -37.25 15.60
C GLY B 93 6.90 -36.39 14.48
N MET B 94 7.76 -35.59 13.87
CA MET B 94 7.32 -34.57 12.93
C MET B 94 7.85 -34.85 11.53
N ASN B 95 7.00 -34.59 10.54
CA ASN B 95 7.36 -34.66 9.13
C ASN B 95 6.99 -33.35 8.46
N ILE B 96 7.76 -32.99 7.44
CA ILE B 96 7.51 -31.78 6.66
C ILE B 96 7.61 -32.12 5.19
N ASP B 97 6.61 -31.70 4.41
CA ASP B 97 6.63 -31.79 2.95
C ASP B 97 6.60 -30.37 2.41
N ILE B 98 7.72 -29.90 1.87
CA ILE B 98 7.85 -28.50 1.48
C ILE B 98 7.20 -28.32 0.11
N ALA B 99 6.09 -27.57 0.07
CA ALA B 99 5.43 -27.33 -1.20
C ALA B 99 6.22 -26.36 -2.06
N SER B 100 6.69 -25.27 -1.47
CA SER B 100 7.42 -24.25 -2.23
C SER B 100 8.05 -23.27 -1.26
N ILE B 101 9.21 -22.74 -1.66
CA ILE B 101 9.84 -21.63 -0.96
C ILE B 101 9.66 -20.38 -1.80
N ASP B 102 8.99 -19.39 -1.24
CA ASP B 102 8.63 -18.18 -1.97
C ASP B 102 9.73 -17.13 -1.79
N MET B 103 9.41 -15.88 -2.11
CA MET B 103 10.36 -14.77 -2.18
C MET B 103 11.34 -14.74 -1.01
N VAL B 104 12.63 -14.82 -1.33
CA VAL B 104 13.70 -14.68 -0.35
C VAL B 104 14.16 -13.23 -0.43
N SER B 105 13.75 -12.42 0.54
CA SER B 105 13.92 -10.98 0.49
C SER B 105 15.14 -10.58 1.30
N GLU B 106 16.09 -9.91 0.64
CA GLU B 106 17.21 -9.32 1.36
C GLU B 106 16.80 -8.04 2.09
N VAL B 107 15.82 -7.31 1.54
CA VAL B 107 15.39 -6.07 2.17
C VAL B 107 14.75 -6.34 3.52
N ASN B 108 13.87 -7.34 3.58
CA ASN B 108 13.19 -7.68 4.83
C ASN B 108 13.92 -8.73 5.64
N MET B 109 14.97 -9.35 5.09
CA MET B 109 15.74 -10.37 5.78
C MET B 109 14.85 -11.53 6.24
N ASP B 110 14.06 -12.06 5.31
CA ASP B 110 13.15 -13.16 5.62
C ASP B 110 12.89 -13.98 4.37
N TYR B 111 12.13 -15.06 4.54
CA TYR B 111 11.76 -15.92 3.43
C TYR B 111 10.42 -16.58 3.74
N THR B 112 9.61 -16.77 2.71
CA THR B 112 8.29 -17.39 2.86
C THR B 112 8.36 -18.86 2.48
N LEU B 113 7.71 -19.70 3.29
CA LEU B 113 7.79 -21.14 3.15
C LEU B 113 6.41 -21.74 3.33
N THR B 114 5.97 -22.55 2.37
CA THR B 114 4.71 -23.27 2.44
C THR B 114 5.00 -24.75 2.60
N MET B 115 4.32 -25.39 3.55
CA MET B 115 4.65 -26.77 3.87
C MET B 115 3.44 -27.51 4.43
N TYR B 116 3.43 -28.82 4.19
CA TYR B 116 2.55 -29.75 4.89
C TYR B 116 3.30 -30.21 6.13
N PHE B 117 2.77 -29.86 7.30
CA PHE B 117 3.42 -30.13 8.58
C PHE B 117 2.61 -31.19 9.31
N GLN B 118 3.21 -32.36 9.52
CA GLN B 118 2.54 -33.50 10.13
C GLN B 118 3.17 -33.83 11.47
N GLN B 119 2.32 -34.09 12.46
CA GLN B 119 2.76 -34.49 13.79
C GLN B 119 2.13 -35.84 14.13
N TYR B 120 2.92 -36.69 14.77
CA TYR B 120 2.55 -38.06 15.09
CA TYR B 120 2.56 -38.07 15.08
C TYR B 120 2.77 -38.30 16.57
N TRP B 121 1.75 -38.79 17.26
CA TRP B 121 1.92 -39.11 18.67
C TRP B 121 0.95 -40.21 19.05
N ARG B 122 1.00 -40.63 20.31
CA ARG B 122 0.14 -41.69 20.81
C ARG B 122 -0.63 -41.20 22.02
N ASP B 123 -1.94 -41.43 22.02
CA ASP B 123 -2.82 -41.05 23.11
C ASP B 123 -3.64 -42.28 23.47
N LYS B 124 -3.29 -42.92 24.60
CA LYS B 124 -3.95 -44.15 24.99
C LYS B 124 -5.43 -43.95 25.31
N ARG B 125 -5.86 -42.72 25.55
CA ARG B 125 -7.27 -42.46 25.79
C ARG B 125 -8.11 -42.57 24.52
N LEU B 126 -7.48 -42.55 23.35
CA LEU B 126 -8.18 -42.61 22.08
C LEU B 126 -8.12 -43.98 21.43
N ALA B 127 -7.67 -45.01 22.14
CA ALA B 127 -7.64 -46.34 21.58
C ALA B 127 -9.05 -46.92 21.48
N TYR B 128 -9.34 -47.55 20.34
CA TYR B 128 -10.64 -48.16 20.13
C TYR B 128 -10.45 -49.56 19.54
N SER B 129 -11.45 -50.41 19.76
CA SER B 129 -11.40 -51.80 19.33
C SER B 129 -12.69 -52.16 18.63
N GLY B 130 -12.61 -53.17 17.75
CA GLY B 130 -13.75 -53.63 17.00
C GLY B 130 -13.92 -52.99 15.63
N ILE B 131 -13.13 -51.98 15.31
CA ILE B 131 -13.18 -51.31 14.02
C ILE B 131 -11.83 -51.48 13.35
N PRO B 132 -11.72 -52.36 12.36
CA PRO B 132 -10.45 -52.59 11.65
C PRO B 132 -10.13 -51.51 10.61
N LEU B 133 -10.17 -50.26 11.04
CA LEU B 133 -9.97 -49.14 10.13
C LEU B 133 -9.24 -48.02 10.85
N ASN B 134 -8.60 -47.17 10.06
CA ASN B 134 -8.01 -45.92 10.53
C ASN B 134 -9.02 -44.82 10.27
N LEU B 135 -9.59 -44.27 11.33
CA LEU B 135 -10.70 -43.32 11.20
C LEU B 135 -10.13 -41.96 10.81
N THR B 136 -10.41 -41.54 9.59
CA THR B 136 -10.08 -40.19 9.13
C THR B 136 -11.25 -39.29 9.46
N LEU B 137 -11.12 -38.46 10.48
CA LEU B 137 -12.25 -37.70 10.97
C LEU B 137 -12.24 -36.28 10.42
N ASP B 138 -13.39 -35.61 10.56
CA ASP B 138 -13.51 -34.23 10.13
C ASP B 138 -12.52 -33.37 10.91
N ASN B 139 -12.00 -32.33 10.25
CA ASN B 139 -10.95 -31.52 10.87
C ASN B 139 -11.45 -30.82 12.12
N ARG B 140 -12.75 -30.53 12.21
CA ARG B 140 -13.29 -29.86 13.39
C ARG B 140 -13.12 -30.70 14.66
N VAL B 141 -13.02 -32.02 14.54
CA VAL B 141 -12.81 -32.84 15.73
C VAL B 141 -11.46 -32.55 16.35
N ALA B 142 -10.57 -31.86 15.63
CA ALA B 142 -9.30 -31.44 16.22
C ALA B 142 -9.49 -30.41 17.32
N ASP B 143 -10.66 -29.78 17.38
CA ASP B 143 -10.92 -28.79 18.43
C ASP B 143 -11.32 -29.44 19.75
N GLN B 144 -11.49 -30.76 19.78
CA GLN B 144 -11.90 -31.48 20.98
C GLN B 144 -10.83 -32.43 21.49
N LEU B 145 -9.68 -32.50 20.83
CA LEU B 145 -8.57 -33.34 21.23
C LEU B 145 -7.41 -32.49 21.73
N TRP B 146 -6.48 -33.15 22.41
CA TRP B 146 -5.23 -32.50 22.80
C TRP B 146 -4.25 -32.54 21.64
N VAL B 147 -3.67 -31.38 21.32
CA VAL B 147 -2.65 -31.32 20.28
C VAL B 147 -1.44 -30.59 20.84
N PRO B 148 -0.23 -30.90 20.41
CA PRO B 148 0.95 -30.21 20.93
C PRO B 148 0.94 -28.74 20.58
N ASP B 149 1.49 -27.94 21.48
CA ASP B 149 1.59 -26.49 21.29
C ASP B 149 2.87 -26.13 20.53
N THR B 150 3.07 -26.77 19.39
CA THR B 150 4.24 -26.50 18.57
C THR B 150 4.15 -25.12 17.94
N TYR B 151 5.27 -24.40 17.96
CA TYR B 151 5.34 -23.08 17.34
C TYR B 151 6.70 -22.90 16.70
N PHE B 152 6.83 -21.85 15.90
CA PHE B 152 8.06 -21.53 15.19
C PHE B 152 8.67 -20.28 15.79
N LEU B 153 9.86 -20.43 16.38
CA LEU B 153 10.45 -19.33 17.14
C LEU B 153 10.79 -18.15 16.26
N ASN B 154 11.32 -18.39 15.06
CA ASN B 154 11.84 -17.34 14.20
C ASN B 154 10.86 -16.96 13.09
N ASP B 155 9.57 -17.02 13.35
CA ASP B 155 8.58 -16.65 12.36
C ASP B 155 8.05 -15.25 12.65
N LYS B 156 7.64 -14.56 11.59
CA LYS B 156 7.12 -13.20 11.67
C LYS B 156 5.62 -13.13 11.40
N LYS B 157 5.12 -13.91 10.45
CA LYS B 157 3.70 -13.90 10.12
C LYS B 157 3.36 -15.25 9.51
N SER B 158 2.44 -15.97 10.13
CA SER B 158 2.07 -17.31 9.70
C SER B 158 0.56 -17.43 9.66
N PHE B 159 0.08 -18.35 8.83
CA PHE B 159 -1.34 -18.64 8.76
C PHE B 159 -1.55 -20.06 8.25
N VAL B 160 -2.69 -20.64 8.61
CA VAL B 160 -3.11 -21.93 8.13
C VAL B 160 -4.19 -21.70 7.08
N HIS B 161 -4.02 -22.33 5.91
CA HIS B 161 -4.94 -22.09 4.80
C HIS B 161 -6.34 -22.57 5.15
N GLY B 162 -7.33 -21.83 4.68
CA GLY B 162 -8.70 -22.09 5.08
C GLY B 162 -9.73 -22.09 3.96
N VAL B 163 -9.33 -22.53 2.77
CA VAL B 163 -10.24 -22.65 1.64
C VAL B 163 -10.07 -24.05 1.05
N THR B 164 -11.18 -24.77 0.86
CA THR B 164 -12.52 -24.27 1.16
C THR B 164 -12.86 -24.40 2.64
N VAL B 165 -12.19 -25.33 3.32
CA VAL B 165 -12.29 -25.43 4.77
C VAL B 165 -10.88 -25.29 5.33
N LYS B 166 -10.75 -25.36 6.65
CA LYS B 166 -9.43 -25.28 7.26
C LYS B 166 -8.59 -26.47 6.82
N ASN B 167 -7.38 -26.20 6.34
CA ASN B 167 -6.51 -27.23 5.81
C ASN B 167 -5.89 -28.02 6.97
N ARG B 168 -6.72 -28.87 7.56
CA ARG B 168 -6.35 -29.63 8.75
C ARG B 168 -6.81 -31.07 8.58
N MET B 169 -6.01 -32.01 9.08
CA MET B 169 -6.31 -33.43 8.96
C MET B 169 -6.12 -34.12 10.30
N ILE B 170 -7.09 -34.94 10.68
CA ILE B 170 -7.03 -35.77 11.88
C ILE B 170 -7.27 -37.21 11.48
N ARG B 171 -6.31 -38.08 11.79
CA ARG B 171 -6.43 -39.51 11.52
C ARG B 171 -6.11 -40.29 12.78
N LEU B 172 -7.04 -41.15 13.19
CA LEU B 172 -6.90 -41.96 14.39
C LEU B 172 -6.69 -43.42 14.02
N HIS B 173 -5.90 -44.10 14.84
CA HIS B 173 -5.53 -45.49 14.63
C HIS B 173 -6.04 -46.33 15.78
N PRO B 174 -6.22 -47.64 15.57
CA PRO B 174 -6.76 -48.50 16.65
C PRO B 174 -5.92 -48.50 17.91
N ASP B 175 -4.61 -48.38 17.81
CA ASP B 175 -3.74 -48.38 18.99
C ASP B 175 -3.66 -47.02 19.67
N GLY B 176 -4.57 -46.10 19.34
CA GLY B 176 -4.56 -44.79 19.95
C GLY B 176 -3.66 -43.78 19.28
N THR B 177 -2.93 -44.16 18.24
CA THR B 177 -2.04 -43.23 17.56
C THR B 177 -2.84 -42.15 16.85
N VAL B 178 -2.32 -40.93 16.89
CA VAL B 178 -2.96 -39.78 16.25
C VAL B 178 -1.97 -39.16 15.27
N LEU B 179 -2.46 -38.91 14.05
CA LEU B 179 -1.75 -38.15 13.04
C LEU B 179 -2.51 -36.85 12.80
N TYR B 180 -1.80 -35.73 12.93
CA TYR B 180 -2.40 -34.41 12.87
C TYR B 180 -1.63 -33.57 11.87
N GLY B 181 -2.28 -33.16 10.80
CA GLY B 181 -1.61 -32.49 9.70
C GLY B 181 -2.17 -31.09 9.45
N LEU B 182 -1.30 -30.18 9.05
CA LEU B 182 -1.68 -28.80 8.72
C LEU B 182 -0.96 -28.38 7.45
N ARG B 183 -1.49 -27.37 6.78
CA ARG B 183 -0.83 -26.75 5.65
C ARG B 183 -0.55 -25.30 6.03
N ILE B 184 0.73 -24.95 6.16
CA ILE B 184 1.14 -23.70 6.78
C ILE B 184 2.00 -22.91 5.80
N THR B 185 1.68 -21.63 5.62
CA THR B 185 2.51 -20.70 4.89
C THR B 185 3.03 -19.67 5.89
N THR B 186 4.34 -19.69 6.13
CA THR B 186 4.93 -18.88 7.18
C THR B 186 6.10 -18.08 6.62
N THR B 187 6.20 -16.82 7.06
CA THR B 187 7.37 -16.00 6.79
C THR B 187 8.32 -16.13 7.97
N ALA B 188 9.58 -16.44 7.69
CA ALA B 188 10.56 -16.69 8.73
C ALA B 188 11.75 -15.77 8.53
N ALA B 189 12.26 -15.23 9.64
CA ALA B 189 13.37 -14.31 9.60
C ALA B 189 14.68 -15.05 9.34
N CYS B 190 15.48 -14.53 8.42
CA CYS B 190 16.78 -15.10 8.07
C CYS B 190 17.75 -13.94 7.88
N MET B 191 18.48 -13.59 8.94
CA MET B 191 19.47 -12.54 8.83
C MET B 191 20.58 -12.96 7.89
N MET B 192 20.95 -12.07 6.97
CA MET B 192 21.88 -12.37 5.90
C MET B 192 23.15 -11.55 6.05
N ASP B 193 24.28 -12.17 5.72
CA ASP B 193 25.58 -11.49 5.69
C ASP B 193 25.88 -11.16 4.24
N LEU B 194 25.66 -9.90 3.85
CA LEU B 194 25.82 -9.46 2.48
C LEU B 194 27.21 -8.92 2.20
N ARG B 195 28.21 -9.30 2.99
CA ARG B 195 29.57 -8.80 2.76
C ARG B 195 30.22 -9.40 1.53
N ARG B 196 29.61 -10.41 0.91
CA ARG B 196 30.11 -10.96 -0.34
C ARG B 196 29.07 -10.85 -1.46
N TYR B 197 28.04 -10.05 -1.26
CA TYR B 197 27.01 -9.88 -2.28
C TYR B 197 27.64 -9.36 -3.57
N PRO B 198 27.25 -9.87 -4.74
CA PRO B 198 26.26 -10.92 -4.99
C PRO B 198 26.86 -12.32 -5.11
N LEU B 199 27.99 -12.60 -4.48
CA LEU B 199 28.60 -13.93 -4.50
C LEU B 199 28.51 -14.57 -3.11
N ASP B 200 27.41 -14.31 -2.41
CA ASP B 200 27.25 -14.75 -1.03
C ASP B 200 26.63 -16.14 -0.97
N GLU B 201 26.60 -16.69 0.24
CA GLU B 201 26.00 -17.99 0.52
C GLU B 201 25.33 -17.90 1.87
N GLN B 202 24.00 -17.97 1.89
CA GLN B 202 23.23 -17.79 3.10
C GLN B 202 22.84 -19.13 3.71
N ASN B 203 22.44 -19.07 4.98
CA ASN B 203 22.01 -20.25 5.73
C ASN B 203 20.74 -19.86 6.47
N CYS B 204 19.59 -20.29 5.95
CA CYS B 204 18.29 -19.92 6.50
C CYS B 204 17.67 -21.11 7.22
N THR B 205 17.19 -20.87 8.43
CA THR B 205 16.70 -21.95 9.29
C THR B 205 15.25 -21.72 9.70
N LEU B 206 14.56 -22.82 9.98
CA LEU B 206 13.26 -22.82 10.61
C LEU B 206 13.37 -23.55 11.94
N GLU B 207 12.93 -22.90 13.01
CA GLU B 207 13.04 -23.42 14.37
C GLU B 207 11.67 -23.85 14.85
N ILE B 208 11.57 -25.08 15.35
CA ILE B 208 10.32 -25.68 15.79
C ILE B 208 10.47 -26.04 17.26
N GLU B 209 9.52 -25.62 18.08
CA GLU B 209 9.70 -25.78 19.51
C GLU B 209 8.34 -25.88 20.20
N SER B 210 8.32 -26.62 21.30
CA SER B 210 7.16 -26.62 22.19
C SER B 210 7.18 -25.37 23.05
N TYR B 211 6.00 -24.89 23.42
CA TYR B 211 5.89 -23.65 24.18
C TYR B 211 5.73 -23.89 25.67
N GLY B 212 4.69 -24.62 26.07
CA GLY B 212 4.39 -24.74 27.47
C GLY B 212 4.93 -25.99 28.14
N TYR B 213 5.40 -26.95 27.36
CA TYR B 213 5.82 -28.24 27.88
C TYR B 213 7.33 -28.35 27.79
N THR B 214 7.97 -28.64 28.92
CA THR B 214 9.40 -28.79 28.99
C THR B 214 9.81 -30.20 28.55
N THR B 215 11.10 -30.50 28.62
CA THR B 215 11.59 -31.81 28.23
C THR B 215 11.10 -32.92 29.15
N ASP B 216 10.57 -32.58 30.32
CA ASP B 216 9.96 -33.57 31.18
C ASP B 216 8.51 -33.88 30.80
N ASP B 217 7.93 -33.12 29.87
CA ASP B 217 6.57 -33.32 29.43
C ASP B 217 6.43 -33.74 27.97
N ILE B 218 7.45 -33.51 27.15
CA ILE B 218 7.34 -33.76 25.73
C ILE B 218 8.75 -33.85 25.16
N GLU B 219 8.89 -34.56 24.05
CA GLU B 219 10.17 -34.62 23.34
C GLU B 219 9.92 -34.85 21.87
N PHE B 220 10.61 -34.09 21.04
CA PHE B 220 10.45 -34.13 19.59
C PHE B 220 11.51 -35.01 18.95
N TYR B 221 11.20 -35.51 17.76
CA TYR B 221 12.17 -36.20 16.94
C TYR B 221 11.70 -36.12 15.49
N TRP B 222 12.65 -36.27 14.58
CA TRP B 222 12.34 -36.29 13.16
C TRP B 222 11.90 -37.70 12.77
N ARG B 223 10.64 -37.85 12.37
CA ARG B 223 10.09 -39.16 12.04
C ARG B 223 10.62 -39.59 10.68
N GLY B 224 11.44 -40.64 10.67
CA GLY B 224 12.07 -41.10 9.46
C GLY B 224 13.53 -40.71 9.31
N GLY B 225 14.13 -40.09 10.30
CA GLY B 225 15.53 -39.73 10.19
C GLY B 225 15.73 -38.59 9.21
N ASP B 226 16.74 -38.74 8.35
CA ASP B 226 17.05 -37.71 7.37
C ASP B 226 15.99 -37.59 6.28
N LYS B 227 15.06 -38.53 6.19
CA LYS B 227 13.99 -38.48 5.20
C LYS B 227 12.72 -37.83 5.74
N ALA B 228 12.81 -37.17 6.90
CA ALA B 228 11.64 -36.54 7.48
C ALA B 228 11.17 -35.34 6.68
N VAL B 229 12.03 -34.70 5.90
CA VAL B 229 11.68 -33.53 5.10
C VAL B 229 11.79 -33.90 3.63
N THR B 230 10.74 -33.61 2.87
CA THR B 230 10.63 -34.02 1.48
C THR B 230 10.27 -32.81 0.62
N GLY B 231 10.56 -32.92 -0.67
CA GLY B 231 10.22 -31.88 -1.62
C GLY B 231 11.25 -30.78 -1.78
N VAL B 232 12.40 -30.89 -1.12
CA VAL B 232 13.43 -29.86 -1.24
C VAL B 232 14.00 -29.84 -2.65
N GLU B 233 14.22 -31.01 -3.24
CA GLU B 233 14.88 -31.10 -4.54
C GLU B 233 14.04 -30.52 -5.67
N ARG B 234 12.74 -30.33 -5.46
CA ARG B 234 11.86 -29.82 -6.50
C ARG B 234 11.70 -28.31 -6.45
N ILE B 235 12.32 -27.63 -5.49
CA ILE B 235 12.18 -26.19 -5.36
C ILE B 235 13.01 -25.49 -6.42
N GLU B 236 12.43 -24.50 -7.07
CA GLU B 236 13.10 -23.71 -8.11
C GLU B 236 13.09 -22.25 -7.67
N LEU B 237 14.11 -21.87 -6.91
CA LEU B 237 14.27 -20.46 -6.53
C LEU B 237 14.87 -19.68 -7.70
N PRO B 238 14.26 -18.58 -8.12
CA PRO B 238 14.77 -17.86 -9.29
C PRO B 238 16.19 -17.35 -9.12
N GLN B 239 16.58 -16.98 -7.91
CA GLN B 239 17.87 -16.35 -7.67
C GLN B 239 18.85 -17.22 -6.91
N PHE B 240 18.37 -18.16 -6.10
CA PHE B 240 19.23 -19.02 -5.31
C PHE B 240 19.09 -20.47 -5.76
N SER B 241 20.08 -21.27 -5.39
CA SER B 241 20.04 -22.72 -5.58
C SER B 241 20.32 -23.37 -4.24
N ILE B 242 19.47 -24.33 -3.86
CA ILE B 242 19.56 -24.96 -2.54
C ILE B 242 20.67 -26.01 -2.60
N VAL B 243 21.83 -25.69 -2.03
CA VAL B 243 22.96 -26.60 -2.04
C VAL B 243 22.68 -27.80 -1.15
N GLU B 244 22.16 -27.56 0.05
CA GLU B 244 22.04 -28.61 1.05
C GLU B 244 20.96 -28.24 2.06
N HIS B 245 20.35 -29.24 2.66
CA HIS B 245 19.45 -29.06 3.79
C HIS B 245 19.86 -29.99 4.90
N ARG B 246 19.54 -29.61 6.13
CA ARG B 246 20.03 -30.29 7.32
C ARG B 246 18.97 -30.29 8.40
N LEU B 247 18.94 -31.38 9.18
CA LEU B 247 17.99 -31.55 10.27
C LEU B 247 18.77 -31.70 11.59
N VAL B 248 18.37 -30.94 12.60
CA VAL B 248 19.02 -30.95 13.90
C VAL B 248 17.97 -31.10 14.99
N SER B 249 18.29 -31.87 16.03
CA SER B 249 17.44 -31.99 17.20
C SER B 249 18.27 -31.70 18.45
N ARG B 250 17.75 -30.84 19.32
CA ARG B 250 18.51 -30.41 20.49
C ARG B 250 17.56 -29.90 21.56
N ASN B 251 18.12 -29.31 22.61
CA ASN B 251 17.36 -28.72 23.71
C ASN B 251 17.80 -27.28 23.92
N VAL B 252 16.85 -26.42 24.25
CA VAL B 252 17.11 -25.01 24.49
C VAL B 252 16.62 -24.67 25.89
N VAL B 253 17.48 -24.01 26.67
CA VAL B 253 17.21 -23.73 28.07
C VAL B 253 16.85 -22.25 28.21
N PHE B 254 15.60 -21.97 28.56
CA PHE B 254 15.17 -20.64 28.93
C PHE B 254 15.00 -20.57 30.45
N ALA B 255 14.68 -19.37 30.94
CA ALA B 255 14.55 -19.17 32.38
C ALA B 255 13.40 -19.97 32.97
N THR B 256 12.50 -20.48 32.13
CA THR B 256 11.39 -21.30 32.60
C THR B 256 11.62 -22.80 32.40
N GLY B 257 12.81 -23.21 31.94
CA GLY B 257 13.11 -24.61 31.84
C GLY B 257 13.70 -24.95 30.48
N ALA B 258 13.87 -26.25 30.24
CA ALA B 258 14.45 -26.74 29.00
C ALA B 258 13.37 -27.30 28.08
N TYR B 259 13.44 -26.94 26.82
CA TYR B 259 12.44 -27.31 25.83
C TYR B 259 13.09 -27.99 24.64
N PRO B 260 12.41 -28.96 24.04
CA PRO B 260 12.95 -29.60 22.83
C PRO B 260 12.92 -28.63 21.66
N ARG B 261 13.80 -28.88 20.69
CA ARG B 261 13.96 -27.97 19.55
C ARG B 261 14.37 -28.77 18.33
N LEU B 262 13.70 -28.50 17.20
CA LEU B 262 14.04 -29.09 15.92
C LEU B 262 14.36 -27.98 14.93
N SER B 263 15.52 -28.07 14.29
CA SER B 263 15.98 -27.07 13.35
C SER B 263 16.06 -27.66 11.95
N LEU B 264 15.46 -26.97 10.98
CA LEU B 264 15.55 -27.34 9.57
C LEU B 264 16.26 -26.21 8.84
N SER B 265 17.45 -26.50 8.31
CA SER B 265 18.29 -25.47 7.73
C SER B 265 18.54 -25.73 6.26
N PHE B 266 18.60 -24.65 5.48
CA PHE B 266 18.94 -24.69 4.07
C PHE B 266 20.14 -23.79 3.83
N ARG B 267 21.05 -24.24 2.97
CA ARG B 267 22.19 -23.44 2.53
C ARG B 267 21.93 -22.99 1.11
N LEU B 268 21.70 -21.69 0.93
CA LEU B 268 21.32 -21.12 -0.36
C LEU B 268 22.52 -20.43 -0.99
N LYS B 269 22.85 -20.82 -2.21
CA LYS B 269 23.95 -20.21 -2.96
C LYS B 269 23.38 -19.36 -4.08
N ARG B 270 23.87 -18.13 -4.18
CA ARG B 270 23.30 -17.17 -5.11
C ARG B 270 23.86 -17.38 -6.51
N ASN B 271 22.97 -17.32 -7.51
CA ASN B 271 23.39 -17.41 -8.90
C ASN B 271 24.09 -16.11 -9.32
N ILE B 272 24.92 -16.22 -10.35
CA ILE B 272 25.76 -15.10 -10.79
C ILE B 272 25.44 -14.63 -12.20
N GLY B 273 24.64 -15.37 -12.96
CA GLY B 273 24.39 -14.98 -14.35
C GLY B 273 23.69 -13.64 -14.47
N TYR B 274 22.69 -13.40 -13.62
CA TYR B 274 21.95 -12.15 -13.68
C TYR B 274 22.85 -10.94 -13.37
N PHE B 275 23.71 -11.09 -12.37
CA PHE B 275 24.57 -9.98 -11.97
C PHE B 275 25.67 -9.72 -12.99
N ILE B 276 26.21 -10.79 -13.59
CA ILE B 276 27.16 -10.60 -14.68
C ILE B 276 26.46 -9.93 -15.86
N LEU B 277 25.18 -10.25 -16.07
CA LEU B 277 24.43 -9.60 -17.13
C LEU B 277 24.30 -8.10 -16.89
N GLN B 278 23.63 -7.72 -15.80
CA GLN B 278 23.16 -6.34 -15.67
C GLN B 278 23.95 -5.50 -14.66
N THR B 279 24.98 -6.04 -14.01
CA THR B 279 25.71 -5.26 -13.02
C THR B 279 27.16 -5.02 -13.40
N TYR B 280 27.95 -6.07 -13.63
CA TYR B 280 29.37 -5.87 -13.91
C TYR B 280 29.62 -5.38 -15.33
N MET B 281 28.83 -5.88 -16.28
CA MET B 281 29.05 -5.52 -17.68
C MET B 281 28.88 -4.03 -17.96
N PRO B 282 27.86 -3.33 -17.45
CA PRO B 282 27.81 -1.88 -17.68
C PRO B 282 29.04 -1.15 -17.16
N SER B 283 29.55 -1.53 -15.99
CA SER B 283 30.74 -0.88 -15.45
C SER B 283 31.95 -1.14 -16.33
N ILE B 284 32.13 -2.38 -16.79
CA ILE B 284 33.27 -2.67 -17.66
C ILE B 284 33.14 -1.91 -18.97
N LEU B 285 31.93 -1.84 -19.52
CA LEU B 285 31.73 -1.12 -20.78
C LEU B 285 32.03 0.37 -20.62
N ILE B 286 31.60 0.96 -19.51
CA ILE B 286 31.87 2.38 -19.30
C ILE B 286 33.36 2.63 -19.04
N THR B 287 34.04 1.65 -18.42
CA THR B 287 35.49 1.77 -18.30
C THR B 287 36.16 1.76 -19.67
N ILE B 288 35.69 0.89 -20.57
CA ILE B 288 36.23 0.90 -21.93
C ILE B 288 35.93 2.22 -22.62
N LEU B 289 34.74 2.77 -22.36
CA LEU B 289 34.38 4.07 -22.91
C LEU B 289 35.34 5.16 -22.42
N SER B 290 35.71 5.10 -21.14
CA SER B 290 36.73 6.03 -20.64
C SER B 290 38.07 5.80 -21.32
N TRP B 291 38.43 4.53 -21.57
CA TRP B 291 39.64 4.25 -22.33
C TRP B 291 39.61 4.87 -23.72
N VAL B 292 38.42 5.01 -24.30
CA VAL B 292 38.30 5.54 -25.66
C VAL B 292 38.93 6.93 -25.76
N SER B 293 38.87 7.72 -24.70
CA SER B 293 39.37 9.10 -24.75
C SER B 293 40.84 9.20 -25.11
N PHE B 294 41.62 8.13 -24.91
CA PHE B 294 43.04 8.18 -25.22
C PHE B 294 43.32 8.27 -26.71
N TRP B 295 42.35 7.92 -27.56
CA TRP B 295 42.57 7.91 -29.00
C TRP B 295 42.19 9.22 -29.67
N ILE B 296 41.25 9.97 -29.09
CA ILE B 296 40.87 11.26 -29.65
C ILE B 296 42.03 12.23 -29.54
N ASN B 297 42.27 13.00 -30.60
CA ASN B 297 43.40 13.92 -30.63
C ASN B 297 43.31 14.92 -29.49
N TYR B 298 44.45 15.21 -28.87
CA TYR B 298 44.48 16.02 -27.66
C TYR B 298 44.09 17.47 -27.90
N ASP B 299 44.16 17.95 -29.15
CA ASP B 299 43.70 19.30 -29.43
C ASP B 299 42.19 19.41 -29.25
N ALA B 300 41.46 18.32 -29.46
CA ALA B 300 40.01 18.29 -29.24
C ALA B 300 39.74 18.21 -27.74
N SER B 301 39.97 19.35 -27.07
CA SER B 301 39.79 19.41 -25.62
C SER B 301 38.36 19.14 -25.22
N ALA B 302 37.40 19.72 -25.94
CA ALA B 302 35.99 19.56 -25.58
C ALA B 302 35.57 18.10 -25.64
N ALA B 303 35.99 17.38 -26.68
CA ALA B 303 35.56 16.00 -26.86
C ALA B 303 36.05 15.11 -25.72
N ARG B 304 37.36 15.14 -25.44
CA ARG B 304 37.89 14.29 -24.39
C ARG B 304 37.38 14.70 -23.02
N VAL B 305 37.23 16.01 -22.79
CA VAL B 305 36.69 16.48 -21.52
C VAL B 305 35.28 15.94 -21.31
N ALA B 306 34.43 16.07 -22.32
CA ALA B 306 33.06 15.59 -22.20
C ALA B 306 33.03 14.08 -21.99
N LEU B 307 33.84 13.34 -22.74
CA LEU B 307 33.84 11.90 -22.61
C LEU B 307 34.24 11.46 -21.21
N GLY B 308 35.35 11.99 -20.70
CA GLY B 308 35.79 11.62 -19.36
C GLY B 308 34.78 12.00 -18.29
N ILE B 309 34.25 13.23 -18.38
CA ILE B 309 33.31 13.70 -17.37
C ILE B 309 32.06 12.84 -17.35
N THR B 310 31.50 12.55 -18.54
CA THR B 310 30.28 11.78 -18.59
C THR B 310 30.53 10.34 -18.12
N THR B 311 31.69 9.76 -18.44
CA THR B 311 31.98 8.41 -17.95
C THR B 311 32.04 8.39 -16.44
N VAL B 312 32.75 9.35 -15.84
CA VAL B 312 32.88 9.38 -14.38
C VAL B 312 31.51 9.54 -13.72
N LEU B 313 30.71 10.49 -14.21
CA LEU B 313 29.45 10.77 -13.56
C LEU B 313 28.44 9.65 -13.76
N THR B 314 28.44 9.01 -14.94
CA THR B 314 27.54 7.88 -15.14
C THR B 314 28.00 6.67 -14.34
N MET B 315 29.30 6.56 -14.05
CA MET B 315 29.76 5.52 -13.14
C MET B 315 29.20 5.74 -11.73
N THR B 316 29.24 6.99 -11.27
CA THR B 316 28.62 7.30 -9.98
C THR B 316 27.12 7.02 -9.99
N THR B 317 26.46 7.37 -11.09
CA THR B 317 25.03 7.09 -11.22
C THR B 317 24.75 5.58 -11.19
N ILE B 318 25.63 4.79 -11.83
CA ILE B 318 25.49 3.34 -11.78
C ILE B 318 25.59 2.84 -10.34
N ASN B 319 26.58 3.36 -9.60
CA ASN B 319 26.72 2.97 -8.20
C ASN B 319 25.46 3.29 -7.40
N THR B 320 24.92 4.50 -7.60
CA THR B 320 23.71 4.90 -6.87
C THR B 320 22.53 4.02 -7.23
N HIS B 321 22.36 3.72 -8.52
CA HIS B 321 21.26 2.86 -8.95
C HIS B 321 21.39 1.46 -8.35
N LEU B 322 22.61 0.93 -8.30
CA LEU B 322 22.81 -0.38 -7.70
C LEU B 322 22.46 -0.38 -6.21
N ARG B 323 22.91 0.63 -5.47
CA ARG B 323 22.85 0.57 -4.01
C ARG B 323 21.45 0.85 -3.44
N GLU B 324 20.39 0.81 -4.24
CA GLU B 324 19.05 1.08 -3.74
C GLU B 324 18.10 -0.10 -3.89
N THR B 325 18.63 -1.32 -4.03
CA THR B 325 17.81 -2.52 -4.06
C THR B 325 18.07 -3.43 -2.89
N LEU B 326 18.74 -2.94 -1.85
CA LEU B 326 19.16 -3.72 -0.71
C LEU B 326 18.94 -2.91 0.56
N PRO B 327 18.89 -3.58 1.72
CA PRO B 327 18.75 -2.83 2.97
C PRO B 327 19.96 -1.96 3.21
N LYS B 328 19.75 -0.85 3.92
CA LYS B 328 20.83 0.09 4.17
C LYS B 328 21.79 -0.44 5.21
N ILE B 329 22.60 -1.42 4.83
CA ILE B 329 23.60 -2.01 5.72
C ILE B 329 24.77 -1.05 5.83
N PRO B 330 25.48 -1.03 6.97
CA PRO B 330 26.58 -0.05 7.12
C PRO B 330 27.87 -0.45 6.44
N TYR B 331 28.06 -1.72 6.10
CA TYR B 331 29.32 -2.17 5.53
C TYR B 331 29.30 -2.01 4.00
N VAL B 332 30.36 -2.51 3.37
CA VAL B 332 30.57 -2.39 1.93
C VAL B 332 30.50 -3.78 1.32
N LYS B 333 29.60 -3.96 0.36
CA LYS B 333 29.49 -5.22 -0.34
C LYS B 333 30.62 -5.34 -1.37
N ALA B 334 30.78 -6.56 -1.89
CA ALA B 334 31.83 -6.79 -2.89
C ALA B 334 31.58 -5.97 -4.16
N ILE B 335 30.32 -5.92 -4.61
CA ILE B 335 29.99 -5.20 -5.82
C ILE B 335 30.26 -3.71 -5.65
N ASP B 336 30.06 -3.18 -4.44
CA ASP B 336 30.38 -1.78 -4.19
C ASP B 336 31.88 -1.53 -4.33
N MET B 337 32.71 -2.45 -3.83
CA MET B 337 34.15 -2.29 -4.00
C MET B 337 34.55 -2.37 -5.47
N TYR B 338 33.94 -3.27 -6.23
CA TYR B 338 34.25 -3.36 -7.65
C TYR B 338 33.88 -2.07 -8.38
N LEU B 339 32.68 -1.53 -8.10
CA LEU B 339 32.27 -0.28 -8.73
C LEU B 339 33.18 0.87 -8.33
N MET B 340 33.61 0.89 -7.06
CA MET B 340 34.53 1.92 -6.60
C MET B 340 35.87 1.81 -7.35
N GLY B 341 36.35 0.60 -7.55
CA GLY B 341 37.59 0.44 -8.30
C GLY B 341 37.47 0.92 -9.73
N CYS B 342 36.37 0.57 -10.40
CA CYS B 342 36.17 1.04 -11.77
C CYS B 342 36.07 2.56 -11.82
N PHE B 343 35.37 3.16 -10.86
CA PHE B 343 35.29 4.60 -10.81
C PHE B 343 36.66 5.22 -10.60
N VAL B 344 37.48 4.63 -9.73
CA VAL B 344 38.83 5.16 -9.52
C VAL B 344 39.63 5.09 -10.81
N PHE B 345 39.50 4.00 -11.56
CA PHE B 345 40.24 3.88 -12.81
C PHE B 345 39.83 4.95 -13.81
N VAL B 346 38.51 5.15 -13.99
CA VAL B 346 38.08 6.14 -14.99
C VAL B 346 38.45 7.55 -14.54
N PHE B 347 38.35 7.82 -13.24
CA PHE B 347 38.72 9.14 -12.73
C PHE B 347 40.22 9.39 -12.91
N LEU B 348 41.04 8.36 -12.70
CA LEU B 348 42.47 8.51 -12.93
C LEU B 348 42.76 8.77 -14.40
N ALA B 349 42.03 8.10 -15.30
CA ALA B 349 42.21 8.36 -16.73
C ALA B 349 41.89 9.80 -17.07
N LEU B 350 40.77 10.32 -16.55
CA LEU B 350 40.42 11.71 -16.81
C LEU B 350 41.44 12.67 -16.23
N LEU B 351 41.92 12.38 -15.02
CA LEU B 351 42.93 13.23 -14.40
C LEU B 351 44.22 13.24 -15.20
N GLU B 352 44.62 12.08 -15.71
CA GLU B 352 45.80 12.01 -16.55
C GLU B 352 45.62 12.83 -17.82
N TYR B 353 44.44 12.75 -18.44
CA TYR B 353 44.21 13.57 -19.62
C TYR B 353 44.31 15.05 -19.30
N ALA B 354 43.73 15.47 -18.17
CA ALA B 354 43.79 16.88 -17.79
C ALA B 354 45.23 17.32 -17.55
N PHE B 355 46.02 16.46 -16.88
CA PHE B 355 47.42 16.79 -16.63
C PHE B 355 48.20 16.91 -17.94
N VAL B 356 47.96 16.00 -18.88
CA VAL B 356 48.64 16.08 -20.17
C VAL B 356 48.26 17.36 -20.91
N ASN B 357 46.96 17.68 -20.91
CA ASN B 357 46.50 18.89 -21.58
C ASN B 357 47.03 20.15 -20.92
N TYR B 358 47.33 20.09 -19.62
CA TYR B 358 47.82 21.29 -18.93
C TYR B 358 49.25 21.62 -19.30
N ILE B 359 50.06 20.62 -19.65
CA ILE B 359 51.47 20.83 -19.93
C ILE B 359 51.83 20.45 -21.36
N PHE B 360 50.84 20.32 -22.25
CA PHE B 360 51.13 19.98 -23.63
C PHE B 360 51.72 21.14 -24.40
N PHE B 361 51.54 22.38 -23.91
CA PHE B 361 52.08 23.54 -24.61
C PHE B 361 53.60 23.61 -24.49
N SER B 362 54.12 23.43 -23.28
CA SER B 362 55.56 23.57 -23.06
C SER B 362 56.33 22.42 -23.68
N GLN B 363 55.88 21.18 -23.43
CA GLN B 363 56.55 19.98 -23.94
C GLN B 363 55.52 19.12 -24.64
N PRO B 364 55.18 19.46 -25.89
CA PRO B 364 54.20 18.63 -26.61
C PRO B 364 54.62 17.18 -26.76
N ALA B 365 55.91 16.93 -26.97
CA ALA B 365 56.39 15.56 -27.13
C ALA B 365 56.22 14.76 -25.85
N ARG B 366 56.60 15.35 -24.71
CA ARG B 366 56.47 14.64 -23.44
C ARG B 366 55.01 14.34 -23.11
N ALA B 367 54.12 15.30 -23.37
CA ALA B 367 52.70 15.08 -23.12
C ALA B 367 52.13 14.02 -24.05
N ALA B 368 52.50 14.07 -25.33
CA ALA B 368 51.97 13.10 -26.29
C ALA B 368 52.55 11.71 -26.10
N ALA B 369 53.72 11.60 -25.46
CA ALA B 369 54.29 10.29 -25.20
C ALA B 369 53.41 9.48 -24.26
N ILE B 370 52.85 10.13 -23.24
CA ILE B 370 52.03 9.42 -22.26
C ILE B 370 50.69 8.98 -22.82
N ASP B 371 50.29 9.47 -23.99
CA ASP B 371 49.03 9.01 -24.58
C ASP B 371 49.12 7.54 -25.01
N ARG B 372 50.26 7.12 -25.56
CA ARG B 372 50.44 5.71 -25.89
C ARG B 372 50.46 4.86 -24.62
N TRP B 373 51.09 5.35 -23.55
CA TRP B 373 51.05 4.62 -22.28
C TRP B 373 49.63 4.55 -21.74
N SER B 374 48.82 5.58 -21.95
CA SER B 374 47.41 5.52 -21.57
C SER B 374 46.68 4.47 -22.38
N ARG B 375 46.97 4.39 -23.68
CA ARG B 375 46.35 3.38 -24.54
C ARG B 375 46.79 1.97 -24.18
N ILE B 376 47.95 1.81 -23.55
CA ILE B 376 48.47 0.48 -23.25
C ILE B 376 48.14 0.04 -21.82
N VAL B 377 48.59 0.83 -20.84
CA VAL B 377 48.62 0.38 -19.45
C VAL B 377 47.22 0.25 -18.87
N PHE B 378 46.32 1.18 -19.20
CA PHE B 378 45.00 1.18 -18.56
C PHE B 378 44.24 -0.13 -18.76
N PRO B 379 44.14 -0.70 -19.97
CA PRO B 379 43.58 -2.06 -20.05
C PRO B 379 44.38 -3.08 -19.26
N PHE B 380 45.70 -2.95 -19.23
CA PHE B 380 46.53 -3.89 -18.49
C PHE B 380 46.28 -3.81 -17.00
N THR B 381 46.27 -2.60 -16.44
CA THR B 381 46.02 -2.44 -15.02
C THR B 381 44.59 -2.85 -14.65
N PHE B 382 43.63 -2.54 -15.51
CA PHE B 382 42.26 -2.97 -15.26
C PHE B 382 42.15 -4.48 -15.26
N SER B 383 42.84 -5.16 -16.19
CA SER B 383 42.82 -6.61 -16.20
C SER B 383 43.46 -7.19 -14.95
N LEU B 384 44.57 -6.59 -14.49
CA LEU B 384 45.21 -7.07 -13.27
C LEU B 384 44.28 -6.92 -12.08
N PHE B 385 43.65 -5.76 -11.94
CA PHE B 385 42.73 -5.55 -10.82
C PHE B 385 41.55 -6.51 -10.89
N ASN B 386 41.00 -6.71 -12.09
CA ASN B 386 39.87 -7.62 -12.25
C ASN B 386 40.25 -9.04 -11.88
N LEU B 387 41.44 -9.49 -12.30
CA LEU B 387 41.89 -10.83 -11.95
C LEU B 387 42.07 -10.97 -10.45
N VAL B 388 42.68 -9.97 -9.81
CA VAL B 388 42.88 -10.03 -8.36
C VAL B 388 41.53 -10.10 -7.64
N TYR B 389 40.57 -9.26 -8.07
CA TYR B 389 39.25 -9.26 -7.44
C TYR B 389 38.57 -10.61 -7.57
N TRP B 390 38.54 -11.16 -8.79
CA TRP B 390 37.84 -12.42 -8.99
C TRP B 390 38.54 -13.58 -8.27
N LEU B 391 39.87 -13.56 -8.23
CA LEU B 391 40.58 -14.60 -7.47
C LEU B 391 40.29 -14.50 -5.99
N TYR B 392 40.26 -13.27 -5.45
CA TYR B 392 39.99 -13.12 -4.02
C TYR B 392 38.58 -13.55 -3.66
N TYR B 393 37.60 -13.21 -4.48
CA TYR B 393 36.21 -13.53 -4.13
C TYR B 393 35.74 -14.87 -4.67
N VAL B 394 36.55 -15.56 -5.45
CA VAL B 394 36.19 -16.89 -5.91
C VAL B 394 37.35 -17.86 -5.69
N ASN C 62 -43.79 -1.27 29.89
CA ASN C 62 -43.12 -2.13 30.85
C ASN C 62 -42.03 -2.95 30.17
N MET C 63 -40.82 -2.92 30.74
CA MET C 63 -39.69 -3.62 30.13
C MET C 63 -39.89 -5.13 30.14
N SER C 64 -40.43 -5.67 31.23
CA SER C 64 -40.65 -7.10 31.30
C SER C 64 -41.67 -7.57 30.26
N PHE C 65 -42.72 -6.78 30.03
CA PHE C 65 -43.71 -7.13 29.02
C PHE C 65 -43.09 -7.17 27.63
N VAL C 66 -42.27 -6.18 27.30
CA VAL C 66 -41.60 -6.17 26.00
C VAL C 66 -40.63 -7.33 25.88
N LYS C 67 -39.91 -7.63 26.96
CA LYS C 67 -38.97 -8.76 26.92
C LYS C 67 -39.70 -10.07 26.68
N GLU C 68 -40.82 -10.28 27.36
CA GLU C 68 -41.57 -11.52 27.15
C GLU C 68 -42.19 -11.57 25.76
N THR C 69 -42.60 -10.42 25.22
CA THR C 69 -43.11 -10.38 23.85
C THR C 69 -42.04 -10.80 22.86
N VAL C 70 -40.82 -10.26 23.02
CA VAL C 70 -39.74 -10.62 22.12
C VAL C 70 -39.37 -12.10 22.27
N ASP C 71 -39.34 -12.58 23.52
CA ASP C 71 -39.02 -13.98 23.75
C ASP C 71 -40.06 -14.90 23.11
N LYS C 72 -41.34 -14.53 23.19
CA LYS C 72 -42.37 -15.30 22.52
C LYS C 72 -42.21 -15.24 21.01
N LEU C 73 -41.79 -14.10 20.48
CA LEU C 73 -41.54 -13.99 19.04
C LEU C 73 -40.43 -14.92 18.60
N LEU C 74 -39.34 -14.99 19.37
CA LEU C 74 -38.20 -15.81 19.00
C LEU C 74 -38.35 -17.27 19.39
N LYS C 75 -39.44 -17.63 20.08
CA LYS C 75 -39.65 -19.02 20.47
C LYS C 75 -40.22 -19.80 19.29
N GLY C 76 -39.53 -20.87 18.92
CA GLY C 76 -39.97 -21.66 17.78
C GLY C 76 -39.70 -21.02 16.44
N TYR C 77 -38.78 -20.06 16.37
CA TYR C 77 -38.44 -19.38 15.13
C TYR C 77 -37.31 -20.16 14.46
N ASP C 78 -37.59 -20.73 13.30
CA ASP C 78 -36.62 -21.54 12.56
C ASP C 78 -35.85 -20.63 11.62
N ILE C 79 -34.61 -20.31 11.98
CA ILE C 79 -33.80 -19.40 11.19
C ILE C 79 -33.45 -20.01 9.84
N ARG C 80 -33.36 -21.34 9.77
CA ARG C 80 -32.94 -22.00 8.53
C ARG C 80 -33.95 -21.85 7.40
N LEU C 81 -35.18 -21.44 7.71
CA LEU C 81 -36.24 -21.33 6.72
C LEU C 81 -36.53 -19.86 6.43
N ARG C 82 -36.58 -19.51 5.16
CA ARG C 82 -36.91 -18.15 4.77
C ARG C 82 -38.40 -17.88 5.03
N PRO C 83 -38.78 -16.61 5.10
CA PRO C 83 -40.21 -16.28 5.19
C PRO C 83 -40.97 -16.83 4.00
N ASP C 84 -42.18 -17.33 4.26
CA ASP C 84 -43.02 -17.96 3.24
C ASP C 84 -42.28 -19.10 2.56
N PHE C 85 -41.58 -19.91 3.35
CA PHE C 85 -40.89 -21.07 2.82
C PHE C 85 -41.89 -22.03 2.20
N GLY C 86 -41.59 -22.48 0.98
CA GLY C 86 -42.50 -23.34 0.25
C GLY C 86 -43.64 -22.63 -0.44
N GLY C 87 -43.71 -21.31 -0.36
CA GLY C 87 -44.77 -20.56 -0.97
C GLY C 87 -44.28 -19.49 -1.91
N PRO C 88 -45.01 -18.37 -2.00
CA PRO C 88 -44.61 -17.30 -2.90
C PRO C 88 -43.31 -16.67 -2.45
N PRO C 89 -42.53 -16.11 -3.38
CA PRO C 89 -41.24 -15.51 -3.00
C PRO C 89 -41.43 -14.28 -2.13
N VAL C 90 -40.39 -13.99 -1.35
CA VAL C 90 -40.38 -12.85 -0.45
C VAL C 90 -39.74 -11.66 -1.18
N CYS C 91 -40.43 -10.52 -1.16
CA CYS C 91 -39.97 -9.33 -1.86
C CYS C 91 -39.11 -8.49 -0.93
N VAL C 92 -37.89 -8.18 -1.37
CA VAL C 92 -36.92 -7.43 -0.58
C VAL C 92 -36.60 -6.14 -1.32
N GLY C 93 -36.73 -5.01 -0.64
CA GLY C 93 -36.45 -3.69 -1.21
C GLY C 93 -35.16 -3.13 -0.66
N MET C 94 -34.37 -2.53 -1.55
CA MET C 94 -33.03 -2.04 -1.21
C MET C 94 -32.98 -0.53 -1.23
N ASN C 95 -32.23 0.03 -0.29
CA ASN C 95 -31.86 1.45 -0.28
C ASN C 95 -30.36 1.55 -0.05
N ILE C 96 -29.73 2.53 -0.69
CA ILE C 96 -28.31 2.76 -0.55
C ILE C 96 -28.09 4.25 -0.33
N ASP C 97 -27.30 4.59 0.69
CA ASP C 97 -26.91 5.96 0.97
C ASP C 97 -25.40 6.04 0.91
N ILE C 98 -24.86 6.69 -0.12
CA ILE C 98 -23.43 6.67 -0.37
C ILE C 98 -22.75 7.70 0.52
N ALA C 99 -21.77 7.25 1.30
CA ALA C 99 -21.02 8.15 2.16
C ALA C 99 -19.86 8.82 1.41
N SER C 100 -19.11 8.04 0.65
CA SER C 100 -17.99 8.56 -0.12
C SER C 100 -17.45 7.46 -1.02
N ILE C 101 -16.81 7.88 -2.11
CA ILE C 101 -16.00 7.00 -2.94
C ILE C 101 -14.55 7.38 -2.65
N ASP C 102 -13.88 6.55 -1.84
CA ASP C 102 -12.58 6.95 -1.29
C ASP C 102 -11.53 7.12 -2.38
N MET C 103 -11.46 6.18 -3.32
CA MET C 103 -10.45 6.26 -4.36
C MET C 103 -10.90 5.45 -5.57
N VAL C 104 -10.32 5.78 -6.72
CA VAL C 104 -10.56 5.10 -7.98
C VAL C 104 -9.19 4.79 -8.58
N SER C 105 -8.78 3.53 -8.50
CA SER C 105 -7.44 3.13 -8.89
C SER C 105 -7.47 2.52 -10.30
N GLU C 106 -6.71 3.14 -11.21
CA GLU C 106 -6.51 2.57 -12.54
C GLU C 106 -5.50 1.43 -12.53
N VAL C 107 -4.50 1.49 -11.63
CA VAL C 107 -3.49 0.44 -11.57
C VAL C 107 -4.12 -0.89 -11.19
N ASN C 108 -4.92 -0.88 -10.13
CA ASN C 108 -5.62 -2.07 -9.67
C ASN C 108 -6.96 -2.25 -10.36
N MET C 109 -7.40 -1.25 -11.14
CA MET C 109 -8.65 -1.32 -11.90
C MET C 109 -9.84 -1.59 -10.98
N ASP C 110 -10.04 -0.71 -10.00
CA ASP C 110 -11.19 -0.84 -9.12
C ASP C 110 -11.45 0.50 -8.45
N TYR C 111 -12.42 0.50 -7.53
CA TYR C 111 -12.76 1.71 -6.80
C TYR C 111 -13.32 1.33 -5.43
N THR C 112 -13.05 2.16 -4.44
CA THR C 112 -13.49 1.92 -3.06
C THR C 112 -14.73 2.76 -2.78
N LEU C 113 -15.76 2.13 -2.19
CA LEU C 113 -17.04 2.77 -1.98
C LEU C 113 -17.55 2.44 -0.58
N THR C 114 -17.97 3.46 0.16
CA THR C 114 -18.54 3.29 1.49
C THR C 114 -20.01 3.69 1.46
N MET C 115 -20.86 2.87 2.06
CA MET C 115 -22.29 3.10 1.91
C MET C 115 -23.06 2.57 3.11
N TYR C 116 -24.29 3.07 3.24
CA TYR C 116 -25.31 2.51 4.12
C TYR C 116 -26.24 1.67 3.25
N PHE C 117 -26.30 0.38 3.55
CA PHE C 117 -27.09 -0.58 2.79
C PHE C 117 -28.28 -1.00 3.64
N GLN C 118 -29.48 -0.68 3.19
CA GLN C 118 -30.71 -0.97 3.94
C GLN C 118 -31.55 -1.96 3.15
N GLN C 119 -32.02 -2.99 3.84
CA GLN C 119 -32.90 -4.00 3.27
C GLN C 119 -34.23 -4.00 4.01
N TYR C 120 -35.31 -4.14 3.24
CA TYR C 120 -36.67 -4.04 3.76
CA TYR C 120 -36.67 -4.03 3.75
C TYR C 120 -37.44 -5.27 3.31
N TRP C 121 -38.00 -6.01 4.26
CA TRP C 121 -38.81 -7.16 3.88
C TRP C 121 -39.87 -7.39 4.94
N ARG C 122 -40.68 -8.44 4.76
CA ARG C 122 -41.76 -8.74 5.69
C ARG C 122 -41.71 -10.21 6.07
N ASP C 123 -41.69 -10.48 7.37
CA ASP C 123 -41.72 -11.83 7.92
C ASP C 123 -42.90 -11.92 8.88
N LYS C 124 -43.89 -12.72 8.53
CA LYS C 124 -45.08 -12.85 9.37
C LYS C 124 -44.79 -13.51 10.70
N ARG C 125 -43.70 -14.27 10.81
CA ARG C 125 -43.35 -14.90 12.07
C ARG C 125 -42.98 -13.90 13.15
N LEU C 126 -42.58 -12.69 12.77
CA LEU C 126 -42.13 -11.68 13.71
C LEU C 126 -43.21 -10.64 14.00
N ALA C 127 -44.45 -10.90 13.61
CA ALA C 127 -45.53 -9.96 13.90
C ALA C 127 -45.92 -10.04 15.38
N TYR C 128 -46.12 -8.88 15.99
CA TYR C 128 -46.51 -8.80 17.39
C TYR C 128 -47.64 -7.80 17.54
N SER C 129 -48.42 -7.98 18.60
CA SER C 129 -49.59 -7.14 18.87
C SER C 129 -49.53 -6.62 20.29
N GLY C 130 -50.31 -5.58 20.54
CA GLY C 130 -50.39 -4.98 21.86
C GLY C 130 -49.38 -3.89 22.13
N ILE C 131 -48.44 -3.66 21.22
CA ILE C 131 -47.44 -2.61 21.39
C ILE C 131 -47.52 -1.66 20.20
N PRO C 132 -47.96 -0.42 20.38
CA PRO C 132 -48.01 0.55 19.29
C PRO C 132 -46.68 1.26 19.06
N LEU C 133 -45.61 0.48 18.99
CA LEU C 133 -44.27 1.02 18.84
C LEU C 133 -43.50 0.19 17.82
N ASN C 134 -42.46 0.80 17.26
CA ASN C 134 -41.53 0.11 16.37
C ASN C 134 -40.27 -0.22 17.17
N LEU C 135 -39.98 -1.51 17.31
CA LEU C 135 -38.93 -1.96 18.22
C LEU C 135 -37.58 -1.83 17.53
N THR C 136 -36.76 -0.89 18.00
CA THR C 136 -35.38 -0.78 17.55
C THR C 136 -34.53 -1.65 18.47
N LEU C 137 -34.09 -2.80 17.96
CA LEU C 137 -33.41 -3.75 18.82
C LEU C 137 -31.90 -3.64 18.69
N ASP C 138 -31.21 -4.12 19.72
CA ASP C 138 -29.75 -4.18 19.66
C ASP C 138 -29.32 -5.07 18.50
N ASN C 139 -28.25 -4.66 17.82
CA ASN C 139 -27.87 -5.31 16.58
C ASN C 139 -27.54 -6.79 16.76
N ARG C 140 -27.21 -7.22 17.98
CA ARG C 140 -26.89 -8.62 18.20
C ARG C 140 -28.07 -9.52 17.89
N VAL C 141 -29.30 -9.03 18.03
CA VAL C 141 -30.47 -9.83 17.71
C VAL C 141 -30.48 -10.21 16.23
N ALA C 142 -29.76 -9.45 15.38
CA ALA C 142 -29.66 -9.83 13.98
C ALA C 142 -29.02 -11.19 13.79
N ASP C 143 -28.25 -11.66 14.78
CA ASP C 143 -27.65 -12.99 14.67
C ASP C 143 -28.67 -14.10 14.87
N GLN C 144 -29.88 -13.78 15.32
CA GLN C 144 -30.90 -14.78 15.60
C GLN C 144 -32.07 -14.73 14.63
N LEU C 145 -32.07 -13.82 13.68
CA LEU C 145 -33.14 -13.67 12.70
C LEU C 145 -32.67 -14.17 11.35
N TRP C 146 -33.60 -14.16 10.39
CA TRP C 146 -33.30 -14.52 9.00
C TRP C 146 -33.06 -13.25 8.22
N VAL C 147 -31.94 -13.20 7.50
CA VAL C 147 -31.62 -12.04 6.67
C VAL C 147 -31.27 -12.54 5.27
N PRO C 148 -31.54 -11.76 4.22
CA PRO C 148 -31.23 -12.21 2.88
C PRO C 148 -29.74 -12.39 2.67
N ASP C 149 -29.38 -13.37 1.86
CA ASP C 149 -27.98 -13.65 1.53
C ASP C 149 -27.48 -12.78 0.38
N THR C 150 -27.69 -11.47 0.51
CA THR C 150 -27.28 -10.54 -0.53
C THR C 150 -25.77 -10.45 -0.60
N TYR C 151 -25.23 -10.48 -1.83
CA TYR C 151 -23.81 -10.32 -2.05
C TYR C 151 -23.59 -9.41 -3.24
N PHE C 152 -22.35 -8.97 -3.40
CA PHE C 152 -21.95 -8.10 -4.51
C PHE C 152 -21.04 -8.91 -5.43
N LEU C 153 -21.44 -9.04 -6.69
CA LEU C 153 -20.74 -9.95 -7.59
C LEU C 153 -19.32 -9.47 -7.87
N ASN C 154 -19.11 -8.17 -8.00
CA ASN C 154 -17.84 -7.63 -8.45
C ASN C 154 -17.09 -6.91 -7.34
N ASP C 155 -17.15 -7.42 -6.12
CA ASP C 155 -16.37 -6.87 -5.02
C ASP C 155 -15.18 -7.79 -4.75
N LYS C 156 -14.08 -7.17 -4.33
CA LYS C 156 -12.83 -7.89 -4.09
C LYS C 156 -12.45 -7.96 -2.63
N LYS C 157 -12.87 -6.99 -1.82
CA LYS C 157 -12.59 -7.01 -0.39
C LYS C 157 -13.57 -6.08 0.28
N SER C 158 -14.43 -6.62 1.13
CA SER C 158 -15.47 -5.86 1.80
C SER C 158 -15.49 -6.19 3.28
N PHE C 159 -15.97 -5.25 4.09
CA PHE C 159 -16.11 -5.47 5.51
C PHE C 159 -17.17 -4.53 6.06
N VAL C 160 -17.74 -4.92 7.20
CA VAL C 160 -18.69 -4.10 7.94
C VAL C 160 -17.93 -3.45 9.08
N HIS C 161 -18.06 -2.12 9.20
CA HIS C 161 -17.34 -1.40 10.24
C HIS C 161 -17.77 -1.88 11.62
N GLY C 162 -16.82 -1.97 12.53
CA GLY C 162 -17.08 -2.57 13.83
C GLY C 162 -16.52 -1.82 15.02
N VAL C 163 -16.46 -0.49 14.93
CA VAL C 163 -16.06 0.36 16.04
C VAL C 163 -17.15 1.41 16.24
N THR C 164 -17.66 1.53 17.47
CA THR C 164 -17.21 0.76 18.62
C THR C 164 -17.86 -0.62 18.66
N VAL C 165 -19.05 -0.72 18.08
CA VAL C 165 -19.74 -1.99 17.93
C VAL C 165 -19.92 -2.26 16.45
N LYS C 166 -20.47 -3.41 16.10
CA LYS C 166 -20.70 -3.72 14.69
C LYS C 166 -21.78 -2.80 14.14
N ASN C 167 -21.46 -2.05 13.09
CA ASN C 167 -22.36 -1.04 12.55
C ASN C 167 -23.53 -1.75 11.86
N ARG C 168 -24.49 -2.16 12.67
CA ARG C 168 -25.63 -2.93 12.20
C ARG C 168 -26.88 -2.45 12.93
N MET C 169 -28.01 -2.50 12.23
CA MET C 169 -29.26 -1.99 12.78
C MET C 169 -30.40 -2.94 12.45
N ILE C 170 -31.24 -3.22 13.44
CA ILE C 170 -32.44 -4.05 13.25
C ILE C 170 -33.63 -3.30 13.83
N ARG C 171 -34.67 -3.10 13.01
CA ARG C 171 -35.88 -2.45 13.43
C ARG C 171 -37.08 -3.28 13.02
N LEU C 172 -37.98 -3.52 13.96
CA LEU C 172 -39.18 -4.32 13.75
C LEU C 172 -40.41 -3.44 13.86
N HIS C 173 -41.47 -3.83 13.16
CA HIS C 173 -42.74 -3.12 13.12
C HIS C 173 -43.84 -4.10 13.50
N PRO C 174 -44.96 -3.59 14.01
CA PRO C 174 -46.05 -4.51 14.42
C PRO C 174 -46.56 -5.38 13.30
N ASP C 175 -46.51 -4.88 12.06
CA ASP C 175 -46.95 -5.66 10.90
C ASP C 175 -46.09 -6.89 10.66
N GLY C 176 -44.90 -6.96 11.26
CA GLY C 176 -43.93 -7.99 10.94
C GLY C 176 -42.84 -7.56 10.00
N THR C 177 -42.94 -6.34 9.48
CA THR C 177 -41.92 -5.82 8.57
C THR C 177 -40.59 -5.63 9.29
N VAL C 178 -39.51 -6.00 8.62
CA VAL C 178 -38.16 -5.93 9.17
C VAL C 178 -37.33 -4.98 8.32
N LEU C 179 -36.64 -4.06 8.97
CA LEU C 179 -35.66 -3.17 8.36
C LEU C 179 -34.29 -3.51 8.92
N TYR C 180 -33.33 -3.75 8.02
CA TYR C 180 -32.00 -4.23 8.39
C TYR C 180 -30.96 -3.37 7.70
N GLY C 181 -30.10 -2.73 8.48
CA GLY C 181 -29.15 -1.76 7.94
C GLY C 181 -27.71 -2.12 8.28
N LEU C 182 -26.82 -1.90 7.31
CA LEU C 182 -25.39 -2.14 7.47
C LEU C 182 -24.60 -0.95 6.95
N ARG C 183 -23.39 -0.76 7.49
CA ARG C 183 -22.45 0.23 6.97
C ARG C 183 -21.26 -0.54 6.39
N ILE C 184 -21.10 -0.48 5.07
CA ILE C 184 -20.22 -1.38 4.35
C ILE C 184 -19.23 -0.57 3.53
N THR C 185 -17.96 -0.95 3.61
CA THR C 185 -16.93 -0.45 2.71
C THR C 185 -16.51 -1.59 1.78
N THR C 186 -16.68 -1.38 0.48
CA THR C 186 -16.41 -2.43 -0.50
C THR C 186 -15.50 -1.89 -1.60
N THR C 187 -14.53 -2.69 -1.98
CA THR C 187 -13.62 -2.37 -3.08
C THR C 187 -14.10 -3.13 -4.31
N ALA C 188 -14.87 -2.45 -5.16
CA ALA C 188 -15.50 -3.10 -6.30
C ALA C 188 -14.65 -2.94 -7.54
N ALA C 189 -14.50 -4.04 -8.29
CA ALA C 189 -13.74 -4.00 -9.52
C ALA C 189 -14.45 -3.19 -10.58
N CYS C 190 -13.68 -2.42 -11.35
CA CYS C 190 -14.23 -1.59 -12.41
C CYS C 190 -13.22 -1.59 -13.55
N MET C 191 -13.50 -2.33 -14.61
CA MET C 191 -12.62 -2.35 -15.77
C MET C 191 -12.72 -1.05 -16.54
N MET C 192 -11.59 -0.57 -17.03
CA MET C 192 -11.50 0.76 -17.63
C MET C 192 -10.94 0.68 -19.04
N ASP C 193 -11.42 1.59 -19.89
CA ASP C 193 -10.96 1.73 -21.26
C ASP C 193 -10.16 3.03 -21.34
N LEU C 194 -8.83 2.91 -21.28
CA LEU C 194 -7.95 4.06 -21.20
C LEU C 194 -7.43 4.51 -22.56
N ARG C 195 -8.17 4.25 -23.64
CA ARG C 195 -7.69 4.63 -24.96
C ARG C 195 -7.75 6.14 -25.19
N ARG C 196 -8.55 6.86 -24.42
CA ARG C 196 -8.66 8.31 -24.52
C ARG C 196 -8.10 9.03 -23.32
N TYR C 197 -7.32 8.35 -22.50
CA TYR C 197 -6.70 8.98 -21.34
C TYR C 197 -5.79 10.12 -21.80
N PRO C 198 -5.81 11.28 -21.14
CA PRO C 198 -6.58 11.65 -19.95
C PRO C 198 -7.94 12.26 -20.24
N LEU C 199 -8.40 12.28 -21.49
CA LEU C 199 -9.73 12.79 -21.82
C LEU C 199 -10.80 11.70 -21.78
N ASP C 200 -10.57 10.66 -20.99
CA ASP C 200 -11.43 9.48 -20.98
C ASP C 200 -12.67 9.73 -20.13
N GLU C 201 -13.56 8.74 -20.13
CA GLU C 201 -14.79 8.78 -19.37
C GLU C 201 -15.15 7.36 -19.00
N GLN C 202 -15.29 7.09 -17.70
CA GLN C 202 -15.44 5.73 -17.20
C GLN C 202 -16.85 5.49 -16.71
N ASN C 203 -17.18 4.21 -16.54
CA ASN C 203 -18.50 3.76 -16.09
C ASN C 203 -18.30 2.63 -15.11
N CYS C 204 -18.46 2.91 -13.82
CA CYS C 204 -18.20 1.94 -12.77
C CYS C 204 -19.51 1.49 -12.14
N THR C 205 -19.67 0.18 -11.98
CA THR C 205 -20.94 -0.40 -11.54
C THR C 205 -20.76 -1.15 -10.23
N LEU C 206 -21.86 -1.29 -9.51
CA LEU C 206 -21.97 -2.15 -8.35
C LEU C 206 -23.15 -3.10 -8.58
N GLU C 207 -22.88 -4.40 -8.54
CA GLU C 207 -23.87 -5.43 -8.81
C GLU C 207 -24.29 -6.07 -7.50
N ILE C 208 -25.60 -6.21 -7.30
CA ILE C 208 -26.18 -6.74 -6.08
C ILE C 208 -27.04 -7.94 -6.45
N GLU C 209 -26.82 -9.07 -5.79
CA GLU C 209 -27.49 -10.29 -6.20
C GLU C 209 -27.75 -11.16 -4.98
N SER C 210 -28.64 -12.14 -5.16
CA SER C 210 -28.94 -13.14 -4.15
C SER C 210 -28.17 -14.42 -4.48
N TYR C 211 -27.50 -14.98 -3.49
CA TYR C 211 -26.64 -16.13 -3.79
C TYR C 211 -27.42 -17.43 -3.83
N GLY C 212 -28.14 -17.75 -2.76
CA GLY C 212 -28.75 -19.06 -2.66
C GLY C 212 -30.20 -19.17 -3.08
N TYR C 213 -30.87 -18.05 -3.28
CA TYR C 213 -32.30 -18.04 -3.56
C TYR C 213 -32.56 -17.57 -4.98
N THR C 214 -33.30 -18.36 -5.74
CA THR C 214 -33.66 -18.02 -7.10
C THR C 214 -34.85 -17.06 -7.12
N THR C 215 -35.32 -16.74 -8.33
CA THR C 215 -36.47 -15.85 -8.46
C THR C 215 -37.76 -16.48 -7.98
N ASP C 216 -37.77 -17.78 -7.71
CA ASP C 216 -38.92 -18.42 -7.09
C ASP C 216 -38.92 -18.26 -5.57
N ASP C 217 -37.79 -17.85 -4.98
CA ASP C 217 -37.69 -17.71 -3.54
C ASP C 217 -37.53 -16.27 -3.07
N ILE C 218 -37.08 -15.37 -3.93
CA ILE C 218 -36.82 -13.99 -3.53
C ILE C 218 -36.93 -13.09 -4.74
N GLU C 219 -37.28 -11.83 -4.49
CA GLU C 219 -37.34 -10.80 -5.52
C GLU C 219 -36.69 -9.54 -4.99
N PHE C 220 -35.95 -8.85 -5.85
CA PHE C 220 -35.29 -7.60 -5.50
C PHE C 220 -35.95 -6.44 -6.21
N TYR C 221 -36.06 -5.32 -5.52
CA TYR C 221 -36.54 -4.09 -6.14
C TYR C 221 -35.96 -2.90 -5.40
N TRP C 222 -35.91 -1.77 -6.08
CA TRP C 222 -35.46 -0.53 -5.46
C TRP C 222 -36.62 0.12 -4.74
N ARG C 223 -36.41 0.50 -3.49
CA ARG C 223 -37.46 1.13 -2.70
C ARG C 223 -37.47 2.63 -2.99
N GLY C 224 -38.51 3.09 -3.67
CA GLY C 224 -38.62 4.47 -4.07
C GLY C 224 -38.26 4.76 -5.51
N GLY C 225 -38.02 3.74 -6.31
CA GLY C 225 -37.70 3.97 -7.71
C GLY C 225 -36.36 4.66 -7.86
N ASP C 226 -36.36 5.78 -8.59
CA ASP C 226 -35.12 6.51 -8.83
C ASP C 226 -34.62 7.24 -7.59
N LYS C 227 -35.41 7.30 -6.51
CA LYS C 227 -34.99 7.91 -5.27
C LYS C 227 -34.41 6.89 -4.28
N ALA C 228 -34.18 5.66 -4.73
CA ALA C 228 -33.68 4.63 -3.82
C ALA C 228 -32.25 4.93 -3.38
N VAL C 229 -31.43 5.49 -4.26
CA VAL C 229 -30.04 5.80 -3.95
C VAL C 229 -29.91 7.31 -3.74
N THR C 230 -29.34 7.68 -2.61
CA THR C 230 -29.13 9.08 -2.24
C THR C 230 -27.66 9.29 -1.91
N GLY C 231 -27.30 10.54 -1.66
CA GLY C 231 -25.95 10.87 -1.26
C GLY C 231 -24.94 10.94 -2.39
N VAL C 232 -25.39 10.98 -3.64
CA VAL C 232 -24.45 11.05 -4.76
C VAL C 232 -23.67 12.36 -4.73
N GLU C 233 -24.28 13.44 -4.23
CA GLU C 233 -23.59 14.72 -4.15
C GLU C 233 -22.46 14.72 -3.15
N ARG C 234 -22.42 13.76 -2.23
CA ARG C 234 -21.32 13.69 -1.28
C ARG C 234 -20.03 13.16 -1.92
N ILE C 235 -20.09 12.66 -3.14
CA ILE C 235 -18.91 12.09 -3.78
C ILE C 235 -18.01 13.23 -4.23
N GLU C 236 -16.75 13.21 -3.77
CA GLU C 236 -15.77 14.24 -4.08
C GLU C 236 -14.48 13.57 -4.48
N LEU C 237 -14.34 13.29 -5.76
CA LEU C 237 -13.10 12.73 -6.29
C LEU C 237 -12.22 13.84 -6.83
N PRO C 238 -10.97 13.97 -6.36
CA PRO C 238 -10.11 15.05 -6.85
C PRO C 238 -9.81 14.97 -8.32
N GLN C 239 -9.90 13.79 -8.93
CA GLN C 239 -9.54 13.61 -10.33
C GLN C 239 -10.73 13.38 -11.25
N PHE C 240 -11.88 13.02 -10.72
CA PHE C 240 -13.06 12.74 -11.51
C PHE C 240 -14.20 13.66 -11.11
N SER C 241 -15.35 13.46 -11.74
CA SER C 241 -16.56 14.19 -11.40
C SER C 241 -17.76 13.37 -11.83
N ILE C 242 -18.70 13.16 -10.90
CA ILE C 242 -19.88 12.35 -11.20
C ILE C 242 -20.74 13.07 -12.23
N VAL C 243 -21.07 12.37 -13.30
CA VAL C 243 -21.92 12.92 -14.35
C VAL C 243 -23.34 12.38 -14.26
N GLU C 244 -23.49 11.08 -14.01
CA GLU C 244 -24.80 10.46 -13.99
C GLU C 244 -24.72 9.16 -13.19
N HIS C 245 -25.82 8.84 -12.51
CA HIS C 245 -25.97 7.56 -11.83
C HIS C 245 -27.28 6.92 -12.28
N ARG C 246 -27.26 5.60 -12.43
CA ARG C 246 -28.38 4.88 -13.00
C ARG C 246 -28.65 3.62 -12.18
N LEU C 247 -29.93 3.24 -12.12
CA LEU C 247 -30.39 2.07 -11.38
C LEU C 247 -31.01 1.09 -12.36
N VAL C 248 -30.60 -0.17 -12.27
CA VAL C 248 -31.05 -1.22 -13.16
C VAL C 248 -31.54 -2.41 -12.35
N SER C 249 -32.59 -3.06 -12.81
CA SER C 249 -33.12 -4.28 -12.20
C SER C 249 -33.36 -5.32 -13.30
N ARG C 250 -32.94 -6.56 -13.06
CA ARG C 250 -33.03 -7.59 -14.08
C ARG C 250 -32.88 -8.96 -13.43
N ASN C 251 -32.77 -10.00 -14.27
CA ASN C 251 -32.55 -11.35 -13.82
C ASN C 251 -31.31 -11.92 -14.52
N VAL C 252 -30.51 -12.67 -13.78
CA VAL C 252 -29.30 -13.29 -14.31
C VAL C 252 -29.44 -14.79 -14.19
N VAL C 253 -29.19 -15.50 -15.29
CA VAL C 253 -29.38 -16.94 -15.35
C VAL C 253 -28.01 -17.62 -15.28
N PHE C 254 -27.80 -18.39 -14.22
CA PHE C 254 -26.65 -19.27 -14.10
C PHE C 254 -27.13 -20.72 -14.22
N ALA C 255 -26.16 -21.64 -14.25
CA ALA C 255 -26.49 -23.04 -14.44
C ALA C 255 -27.37 -23.59 -13.32
N THR C 256 -27.41 -22.90 -12.18
CA THR C 256 -28.24 -23.35 -11.07
C THR C 256 -29.61 -22.69 -11.02
N GLY C 257 -29.87 -21.70 -11.87
CA GLY C 257 -31.18 -21.09 -11.90
C GLY C 257 -31.08 -19.60 -12.20
N ALA C 258 -32.22 -18.94 -12.06
CA ALA C 258 -32.33 -17.51 -12.34
C ALA C 258 -32.41 -16.73 -11.03
N TYR C 259 -31.60 -15.67 -10.93
CA TYR C 259 -31.48 -14.90 -9.71
C TYR C 259 -31.77 -13.43 -9.97
N PRO C 260 -32.42 -12.74 -9.04
CA PRO C 260 -32.63 -11.30 -9.20
C PRO C 260 -31.32 -10.55 -9.13
N ARG C 261 -31.28 -9.40 -9.81
CA ARG C 261 -30.05 -8.63 -9.90
C ARG C 261 -30.39 -7.15 -9.93
N LEU C 262 -29.67 -6.38 -9.11
CA LEU C 262 -29.77 -4.93 -9.10
C LEU C 262 -28.41 -4.35 -9.44
N SER C 263 -28.39 -3.16 -10.03
CA SER C 263 -27.16 -2.57 -10.48
C SER C 263 -27.20 -1.06 -10.29
N LEU C 264 -26.15 -0.52 -9.67
CA LEU C 264 -26.00 0.92 -9.47
C LEU C 264 -24.75 1.36 -10.21
N SER C 265 -24.91 2.25 -11.19
CA SER C 265 -23.82 2.61 -12.09
C SER C 265 -23.55 4.11 -12.05
N PHE C 266 -22.27 4.48 -12.01
CA PHE C 266 -21.82 5.86 -12.06
C PHE C 266 -21.01 6.10 -13.33
N ARG C 267 -21.13 7.30 -13.88
CA ARG C 267 -20.32 7.74 -15.00
C ARG C 267 -19.39 8.85 -14.54
N LEU C 268 -18.09 8.67 -14.77
CA LEU C 268 -17.05 9.54 -14.25
C LEU C 268 -16.35 10.25 -15.40
N LYS C 269 -16.16 11.56 -15.26
CA LYS C 269 -15.44 12.38 -16.21
C LYS C 269 -14.14 12.85 -15.58
N ARG C 270 -13.03 12.62 -16.27
CA ARG C 270 -11.72 12.92 -15.70
C ARG C 270 -11.37 14.39 -15.91
N ASN C 271 -10.87 15.03 -14.85
CA ASN C 271 -10.45 16.42 -14.95
C ASN C 271 -9.19 16.54 -15.80
N ILE C 272 -9.09 17.65 -16.52
CA ILE C 272 -8.04 17.83 -17.52
C ILE C 272 -6.97 18.83 -17.08
N GLY C 273 -7.28 19.75 -16.16
CA GLY C 273 -6.36 20.84 -15.88
C GLY C 273 -5.00 20.38 -15.41
N TYR C 274 -4.97 19.31 -14.61
CA TYR C 274 -3.69 18.82 -14.11
C TYR C 274 -2.80 18.37 -15.25
N PHE C 275 -3.35 17.65 -16.22
CA PHE C 275 -2.54 17.20 -17.35
C PHE C 275 -2.12 18.35 -18.24
N ILE C 276 -2.97 19.36 -18.39
CA ILE C 276 -2.59 20.54 -19.17
C ILE C 276 -1.40 21.24 -18.51
N LEU C 277 -1.42 21.34 -17.19
CA LEU C 277 -0.33 22.02 -16.50
C LEU C 277 0.94 21.18 -16.46
N GLN C 278 0.80 19.85 -16.44
CA GLN C 278 1.95 18.98 -16.22
C GLN C 278 2.50 18.35 -17.48
N THR C 279 1.67 18.09 -18.50
CA THR C 279 2.11 17.37 -19.68
C THR C 279 2.05 18.22 -20.95
N TYR C 280 0.89 18.78 -21.28
CA TYR C 280 0.74 19.40 -22.59
C TYR C 280 1.54 20.70 -22.70
N MET C 281 1.45 21.55 -21.69
CA MET C 281 2.20 22.81 -21.74
C MET C 281 3.70 22.60 -21.77
N PRO C 282 4.30 21.74 -20.93
CA PRO C 282 5.74 21.50 -21.07
C PRO C 282 6.14 20.94 -22.43
N SER C 283 5.33 20.05 -23.01
CA SER C 283 5.64 19.52 -24.33
C SER C 283 5.61 20.62 -25.38
N ILE C 284 4.60 21.49 -25.32
CA ILE C 284 4.52 22.58 -26.28
C ILE C 284 5.70 23.54 -26.12
N LEU C 285 6.07 23.84 -24.87
CA LEU C 285 7.20 24.72 -24.65
C LEU C 285 8.49 24.13 -25.19
N ILE C 286 8.71 22.84 -24.96
CA ILE C 286 9.93 22.21 -25.46
C ILE C 286 9.94 22.18 -26.99
N THR C 287 8.80 21.89 -27.60
CA THR C 287 8.72 21.90 -29.05
C THR C 287 9.03 23.29 -29.61
N ILE C 288 8.48 24.33 -28.98
CA ILE C 288 8.75 25.69 -29.42
C ILE C 288 10.23 26.01 -29.27
N LEU C 289 10.82 25.62 -28.14
CA LEU C 289 12.24 25.89 -27.92
C LEU C 289 13.11 25.16 -28.95
N SER C 290 12.69 23.98 -29.39
CA SER C 290 13.45 23.26 -30.41
C SER C 290 13.51 24.02 -31.74
N TRP C 291 12.62 24.98 -31.95
CA TRP C 291 12.60 25.75 -33.19
C TRP C 291 13.60 26.89 -33.19
N VAL C 292 14.24 27.19 -32.06
CA VAL C 292 15.26 28.22 -32.03
C VAL C 292 16.46 27.84 -32.88
N SER C 293 16.63 26.53 -33.14
CA SER C 293 17.75 26.09 -33.96
C SER C 293 17.71 26.71 -35.35
N PHE C 294 16.53 26.95 -35.89
CA PHE C 294 16.42 27.50 -37.24
C PHE C 294 16.82 28.97 -37.31
N TRP C 295 16.98 29.64 -36.18
CA TRP C 295 17.39 31.04 -36.16
C TRP C 295 18.84 31.21 -35.72
N ILE C 296 19.62 30.14 -35.77
CA ILE C 296 21.03 30.16 -35.40
C ILE C 296 21.86 29.88 -36.64
N ASN C 297 22.95 30.63 -36.81
CA ASN C 297 23.85 30.39 -37.94
C ASN C 297 24.40 28.98 -37.87
N TYR C 298 24.48 28.32 -39.03
CA TYR C 298 24.87 26.92 -39.07
C TYR C 298 26.34 26.70 -38.76
N ASP C 299 27.15 27.75 -38.67
CA ASP C 299 28.55 27.58 -38.31
C ASP C 299 28.70 27.12 -36.86
N ALA C 300 27.74 27.46 -36.00
CA ALA C 300 27.77 27.05 -34.59
C ALA C 300 27.17 25.66 -34.46
N SER C 301 27.96 24.67 -34.92
CA SER C 301 27.47 23.29 -34.92
C SER C 301 27.20 22.78 -33.52
N ALA C 302 28.10 23.07 -32.58
CA ALA C 302 27.95 22.54 -31.23
C ALA C 302 26.67 23.05 -30.58
N ALA C 303 26.36 24.33 -30.73
CA ALA C 303 25.17 24.89 -30.10
C ALA C 303 23.91 24.24 -30.63
N ARG C 304 23.78 24.14 -31.95
CA ARG C 304 22.56 23.57 -32.54
C ARG C 304 22.43 22.08 -32.19
N VAL C 305 23.55 21.34 -32.24
CA VAL C 305 23.47 19.92 -31.91
C VAL C 305 23.09 19.73 -30.45
N ALA C 306 23.67 20.53 -29.55
CA ALA C 306 23.34 20.41 -28.13
C ALA C 306 21.88 20.75 -27.89
N LEU C 307 21.37 21.79 -28.55
CA LEU C 307 19.97 22.16 -28.39
C LEU C 307 19.05 21.03 -28.88
N GLY C 308 19.37 20.46 -30.04
CA GLY C 308 18.54 19.37 -30.55
C GLY C 308 18.55 18.16 -29.65
N ILE C 309 19.74 17.76 -29.19
CA ILE C 309 19.85 16.60 -28.31
C ILE C 309 19.10 16.84 -27.01
N THR C 310 19.25 18.04 -26.44
CA THR C 310 18.54 18.36 -25.20
C THR C 310 17.04 18.28 -25.39
N THR C 311 16.53 18.84 -26.49
CA THR C 311 15.09 18.78 -26.73
C THR C 311 14.62 17.35 -26.89
N VAL C 312 15.36 16.53 -27.64
CA VAL C 312 14.94 15.14 -27.86
C VAL C 312 14.90 14.39 -26.53
N LEU C 313 15.98 14.48 -25.75
CA LEU C 313 16.04 13.74 -24.49
C LEU C 313 14.98 14.22 -23.52
N THR C 314 14.76 15.53 -23.44
CA THR C 314 13.75 16.05 -22.52
C THR C 314 12.35 15.63 -22.95
N MET C 315 12.09 15.59 -24.26
CA MET C 315 10.79 15.14 -24.75
C MET C 315 10.57 13.67 -24.45
N THR C 316 11.64 12.86 -24.47
CA THR C 316 11.47 11.43 -24.17
C THR C 316 11.12 11.17 -22.71
N THR C 317 11.19 12.18 -21.84
CA THR C 317 11.08 11.99 -20.40
C THR C 317 10.11 12.99 -19.79
N ILE C 318 8.91 13.10 -20.35
CA ILE C 318 7.94 14.09 -19.90
C ILE C 318 6.99 13.52 -18.86
N ASN C 319 6.24 12.48 -19.21
CA ASN C 319 5.20 11.93 -18.34
C ASN C 319 5.69 10.73 -17.54
N THR C 320 6.99 10.69 -17.22
CA THR C 320 7.54 9.57 -16.46
C THR C 320 6.92 9.50 -15.07
N HIS C 321 6.70 10.64 -14.43
CA HIS C 321 6.17 10.65 -13.07
C HIS C 321 4.77 10.06 -13.02
N LEU C 322 3.91 10.41 -13.98
CA LEU C 322 2.54 9.93 -13.97
C LEU C 322 2.34 8.63 -14.73
N ARG C 323 3.36 8.13 -15.42
CA ARG C 323 3.24 6.86 -16.13
C ARG C 323 3.63 5.67 -15.26
N GLU C 324 3.96 5.90 -13.99
CA GLU C 324 4.22 4.83 -13.05
C GLU C 324 3.02 4.54 -12.15
N THR C 325 1.89 5.20 -12.38
CA THR C 325 0.64 4.94 -11.68
C THR C 325 -0.44 4.50 -12.66
N LEU C 326 -0.04 3.74 -13.67
CA LEU C 326 -0.94 3.22 -14.69
C LEU C 326 -0.63 1.75 -14.91
N PRO C 327 -1.61 0.97 -15.35
CA PRO C 327 -1.35 -0.44 -15.66
C PRO C 327 -0.55 -0.57 -16.95
N LYS C 328 0.04 -1.76 -17.12
CA LYS C 328 0.80 -2.07 -18.32
C LYS C 328 -0.16 -2.52 -19.42
N ILE C 329 -0.89 -1.54 -19.95
CA ILE C 329 -1.88 -1.77 -21.01
C ILE C 329 -1.16 -1.92 -22.34
N PRO C 330 -1.73 -2.66 -23.29
CA PRO C 330 -1.08 -2.86 -24.59
C PRO C 330 -1.46 -1.87 -25.68
N TYR C 331 -2.31 -0.89 -25.43
CA TYR C 331 -2.73 0.05 -26.46
C TYR C 331 -2.18 1.43 -26.17
N VAL C 332 -2.42 2.35 -27.10
CA VAL C 332 -1.86 3.69 -27.07
C VAL C 332 -2.93 4.65 -26.60
N LYS C 333 -2.65 5.39 -25.53
CA LYS C 333 -3.55 6.40 -25.02
C LYS C 333 -3.36 7.70 -25.80
N ALA C 334 -4.27 8.65 -25.56
CA ALA C 334 -4.19 9.93 -26.25
C ALA C 334 -2.94 10.71 -25.86
N ILE C 335 -2.59 10.69 -24.57
CA ILE C 335 -1.41 11.41 -24.11
C ILE C 335 -0.15 10.82 -24.72
N ASP C 336 -0.12 9.50 -24.87
CA ASP C 336 1.02 8.86 -25.55
C ASP C 336 1.11 9.33 -26.99
N MET C 337 -0.03 9.46 -27.67
CA MET C 337 -0.01 9.91 -29.06
C MET C 337 0.50 11.34 -29.17
N TYR C 338 0.08 12.22 -28.25
CA TYR C 338 0.58 13.58 -28.28
C TYR C 338 2.08 13.64 -28.04
N LEU C 339 2.57 12.86 -27.07
CA LEU C 339 4.00 12.85 -26.79
C LEU C 339 4.79 12.29 -27.96
N MET C 340 4.27 11.26 -28.62
CA MET C 340 4.97 10.71 -29.79
C MET C 340 4.99 11.71 -30.93
N GLY C 341 3.90 12.47 -31.12
CA GLY C 341 3.90 13.50 -32.14
C GLY C 341 4.94 14.58 -31.87
N CYS C 342 5.01 15.05 -30.63
CA CYS C 342 6.01 16.06 -30.28
C CYS C 342 7.42 15.53 -30.46
N PHE C 343 7.64 14.26 -30.07
CA PHE C 343 8.94 13.64 -30.29
C PHE C 343 9.29 13.58 -31.77
N VAL C 344 8.31 13.25 -32.61
CA VAL C 344 8.55 13.24 -34.05
C VAL C 344 8.98 14.62 -34.52
N PHE C 345 8.31 15.67 -34.02
CA PHE C 345 8.65 17.02 -34.44
C PHE C 345 10.08 17.38 -34.06
N VAL C 346 10.47 17.12 -32.82
CA VAL C 346 11.83 17.51 -32.40
C VAL C 346 12.88 16.68 -33.11
N PHE C 347 12.59 15.38 -33.33
CA PHE C 347 13.52 14.52 -34.07
C PHE C 347 13.69 15.01 -35.50
N LEU C 348 12.60 15.45 -36.13
CA LEU C 348 12.69 15.98 -37.48
C LEU C 348 13.48 17.29 -37.51
N ALA C 349 13.34 18.12 -36.48
CA ALA C 349 14.17 19.32 -36.42
C ALA C 349 15.65 18.98 -36.36
N LEU C 350 16.01 18.00 -35.53
CA LEU C 350 17.41 17.59 -35.45
C LEU C 350 17.90 17.02 -36.79
N LEU C 351 17.06 16.21 -37.44
CA LEU C 351 17.43 15.67 -38.75
C LEU C 351 17.61 16.78 -39.78
N GLU C 352 16.75 17.80 -39.73
CA GLU C 352 16.88 18.93 -40.64
C GLU C 352 18.22 19.62 -40.44
N TYR C 353 18.62 19.85 -39.19
CA TYR C 353 19.93 20.45 -38.98
C TYR C 353 21.04 19.55 -39.48
N ALA C 354 20.91 18.24 -39.28
CA ALA C 354 21.95 17.32 -39.76
C ALA C 354 22.09 17.41 -41.26
N PHE C 355 20.96 17.45 -41.98
CA PHE C 355 21.01 17.58 -43.43
C PHE C 355 21.64 18.91 -43.86
N VAL C 356 21.28 20.00 -43.19
CA VAL C 356 21.85 21.30 -43.51
C VAL C 356 23.36 21.28 -43.31
N ASN C 357 23.80 20.70 -42.20
CA ASN C 357 25.23 20.58 -41.94
C ASN C 357 25.91 19.74 -43.00
N TYR C 358 25.24 18.69 -43.48
CA TYR C 358 25.82 17.84 -44.51
C TYR C 358 26.03 18.60 -45.82
N ILE C 359 25.05 19.41 -46.22
CA ILE C 359 25.16 20.14 -47.49
C ILE C 359 25.61 21.59 -47.26
N PHE C 360 26.24 21.88 -46.12
CA PHE C 360 26.56 23.26 -45.79
C PHE C 360 27.71 23.79 -46.65
N PHE C 361 28.77 23.00 -46.82
CA PHE C 361 29.97 23.50 -47.48
C PHE C 361 29.76 23.68 -48.97
N SER C 362 29.18 22.68 -49.64
CA SER C 362 29.13 22.71 -51.10
C SER C 362 28.20 23.80 -51.62
N GLN C 363 26.99 23.88 -51.08
CA GLN C 363 25.97 24.82 -51.56
C GLN C 363 25.34 25.54 -50.37
N PRO C 364 25.99 26.60 -49.87
CA PRO C 364 25.41 27.33 -48.73
C PRO C 364 24.05 27.93 -49.01
N ALA C 365 23.77 28.32 -50.26
CA ALA C 365 22.48 28.92 -50.58
C ALA C 365 21.34 27.95 -50.32
N ARG C 366 21.52 26.69 -50.69
CA ARG C 366 20.48 25.69 -50.42
C ARG C 366 20.27 25.52 -48.93
N ALA C 367 21.36 25.53 -48.15
CA ALA C 367 21.22 25.41 -46.70
C ALA C 367 20.44 26.58 -46.11
N ALA C 368 20.76 27.80 -46.56
CA ALA C 368 20.04 28.97 -46.07
C ALA C 368 18.56 28.91 -46.46
N ALA C 369 18.28 28.48 -47.69
CA ALA C 369 16.89 28.34 -48.11
C ALA C 369 16.16 27.29 -47.27
N ILE C 370 16.83 26.19 -46.95
CA ILE C 370 16.20 25.15 -46.13
C ILE C 370 15.89 25.68 -44.74
N ASP C 371 16.83 26.41 -44.14
CA ASP C 371 16.55 27.00 -42.83
C ASP C 371 15.39 27.98 -42.90
N ARG C 372 15.38 28.84 -43.91
CA ARG C 372 14.32 29.83 -44.05
C ARG C 372 12.96 29.15 -44.21
N TRP C 373 12.89 28.10 -45.02
CA TRP C 373 11.63 27.39 -45.21
C TRP C 373 11.22 26.64 -43.95
N SER C 374 12.19 26.09 -43.21
CA SER C 374 11.86 25.39 -41.97
C SER C 374 11.24 26.34 -40.96
N ARG C 375 11.76 27.57 -40.88
CA ARG C 375 11.23 28.55 -39.95
C ARG C 375 9.72 28.75 -40.11
N ILE C 376 9.21 28.60 -41.32
CA ILE C 376 7.78 28.76 -41.55
C ILE C 376 7.06 27.41 -41.46
N VAL C 377 7.67 26.35 -41.99
CA VAL C 377 6.96 25.07 -42.11
C VAL C 377 6.73 24.45 -40.73
N PHE C 378 7.73 24.48 -39.86
CA PHE C 378 7.60 23.76 -38.59
C PHE C 378 6.47 24.30 -37.70
N PRO C 379 6.39 25.60 -37.40
CA PRO C 379 5.27 26.06 -36.56
C PRO C 379 3.90 25.82 -37.19
N PHE C 380 3.79 25.98 -38.51
CA PHE C 380 2.51 25.77 -39.16
C PHE C 380 2.07 24.31 -39.07
N THR C 381 2.99 23.38 -39.32
CA THR C 381 2.64 21.97 -39.22
C THR C 381 2.34 21.57 -37.79
N PHE C 382 3.07 22.13 -36.82
CA PHE C 382 2.75 21.83 -35.42
C PHE C 382 1.36 22.36 -35.04
N SER C 383 1.01 23.54 -35.54
CA SER C 383 -0.33 24.07 -35.29
C SER C 383 -1.40 23.19 -35.91
N LEU C 384 -1.16 22.71 -37.14
CA LEU C 384 -2.13 21.82 -37.78
C LEU C 384 -2.26 20.51 -36.99
N PHE C 385 -1.15 19.98 -36.50
CA PHE C 385 -1.20 18.76 -35.70
C PHE C 385 -2.02 18.98 -34.43
N ASN C 386 -1.80 20.11 -33.75
CA ASN C 386 -2.57 20.40 -32.54
C ASN C 386 -4.05 20.56 -32.88
N LEU C 387 -4.36 21.22 -33.98
CA LEU C 387 -5.76 21.38 -34.39
C LEU C 387 -6.43 20.03 -34.60
N VAL C 388 -5.77 19.16 -35.37
CA VAL C 388 -6.36 17.84 -35.65
C VAL C 388 -6.51 17.04 -34.36
N TYR C 389 -5.49 17.07 -33.50
CA TYR C 389 -5.53 16.31 -32.25
C TYR C 389 -6.68 16.77 -31.37
N TRP C 390 -6.77 18.08 -31.11
CA TRP C 390 -7.78 18.58 -30.20
C TRP C 390 -9.19 18.54 -30.82
N LEU C 391 -9.30 18.50 -32.14
CA LEU C 391 -10.62 18.28 -32.73
C LEU C 391 -11.03 16.81 -32.59
N TYR C 392 -10.09 15.89 -32.81
CA TYR C 392 -10.43 14.47 -32.75
C TYR C 392 -10.77 14.04 -31.33
N TYR C 393 -10.02 14.51 -30.34
CA TYR C 393 -10.18 14.03 -28.98
C TYR C 393 -11.10 14.89 -28.12
N VAL C 394 -11.63 15.98 -28.65
CA VAL C 394 -12.57 16.80 -27.89
C VAL C 394 -13.84 17.04 -28.70
N THR D 65 -45.11 -24.61 7.17
CA THR D 65 -43.76 -24.28 7.61
C THR D 65 -43.30 -25.22 8.71
N THR D 66 -44.21 -25.55 9.63
CA THR D 66 -43.88 -26.46 10.72
C THR D 66 -43.50 -27.84 10.19
N VAL D 67 -44.10 -28.25 9.07
CA VAL D 67 -43.75 -29.55 8.47
C VAL D 67 -42.28 -29.57 8.09
N PHE D 68 -41.79 -28.49 7.47
CA PHE D 68 -40.39 -28.44 7.07
C PHE D 68 -39.48 -28.40 8.28
N THR D 69 -39.88 -27.71 9.35
CA THR D 69 -39.09 -27.72 10.58
C THR D 69 -38.99 -29.12 11.15
N ARG D 70 -40.10 -29.85 11.17
CA ARG D 70 -40.08 -31.22 11.66
C ARG D 70 -39.20 -32.11 10.79
N ILE D 71 -39.26 -31.93 9.46
CA ILE D 71 -38.42 -32.72 8.58
C ILE D 71 -36.95 -32.44 8.83
N LEU D 72 -36.59 -31.16 8.98
CA LEU D 72 -35.19 -30.80 9.24
C LEU D 72 -34.73 -31.36 10.58
N ASP D 73 -35.59 -31.30 11.60
CA ASP D 73 -35.22 -31.87 12.89
C ASP D 73 -35.01 -33.38 12.80
N ARG D 74 -35.88 -34.06 12.05
CA ARG D 74 -35.72 -35.50 11.89
C ARG D 74 -34.43 -35.84 11.14
N LEU D 75 -34.08 -35.05 10.13
CA LEU D 75 -32.87 -35.32 9.37
C LEU D 75 -31.63 -35.25 10.25
N LEU D 76 -31.55 -34.23 11.11
CA LEU D 76 -30.38 -34.01 11.94
C LEU D 76 -30.42 -34.78 13.25
N ASP D 77 -31.47 -35.56 13.50
CA ASP D 77 -31.58 -36.34 14.73
C ASP D 77 -30.70 -37.58 14.60
N GLY D 78 -29.59 -37.60 15.34
CA GLY D 78 -28.65 -38.70 15.26
C GLY D 78 -27.63 -38.59 14.15
N TYR D 79 -27.71 -37.56 13.32
CA TYR D 79 -26.74 -37.36 12.26
C TYR D 79 -25.40 -36.93 12.86
N ASP D 80 -24.32 -37.57 12.41
CA ASP D 80 -22.98 -37.26 12.88
C ASP D 80 -22.19 -36.66 11.71
N ASN D 81 -21.65 -35.46 11.90
CA ASN D 81 -20.96 -34.76 10.84
C ASN D 81 -19.46 -35.06 10.82
N ARG D 82 -18.97 -35.93 11.69
CA ARG D 82 -17.58 -36.34 11.65
C ARG D 82 -17.34 -37.50 10.68
N LEU D 83 -18.40 -38.13 10.18
CA LEU D 83 -18.28 -39.32 9.36
C LEU D 83 -18.76 -39.02 7.95
N ARG D 84 -17.95 -39.38 6.96
CA ARG D 84 -18.35 -39.19 5.58
C ARG D 84 -19.46 -40.18 5.21
N PRO D 85 -20.29 -39.84 4.23
CA PRO D 85 -21.35 -40.77 3.82
C PRO D 85 -20.77 -42.09 3.33
N GLY D 86 -21.44 -43.17 3.70
CA GLY D 86 -20.98 -44.49 3.31
C GLY D 86 -19.62 -44.86 3.87
N LEU D 87 -19.32 -44.42 5.09
CA LEU D 87 -18.05 -44.76 5.71
C LEU D 87 -18.00 -46.25 6.01
N GLY D 88 -16.93 -46.91 5.54
CA GLY D 88 -16.79 -48.33 5.73
C GLY D 88 -17.60 -49.19 4.78
N GLU D 89 -18.34 -48.58 3.85
CA GLU D 89 -19.15 -49.34 2.91
C GLU D 89 -18.70 -49.15 1.47
N ARG D 90 -18.56 -47.92 1.01
CA ARG D 90 -18.13 -47.66 -0.36
C ARG D 90 -17.39 -46.33 -0.39
N VAL D 91 -17.19 -45.79 -1.58
CA VAL D 91 -16.41 -44.58 -1.79
C VAL D 91 -17.37 -43.42 -2.07
N THR D 92 -17.16 -42.32 -1.36
CA THR D 92 -17.97 -41.12 -1.57
C THR D 92 -17.52 -40.44 -2.86
N GLU D 93 -18.45 -40.29 -3.81
CA GLU D 93 -18.15 -39.72 -5.11
C GLU D 93 -18.66 -38.28 -5.16
N VAL D 94 -17.76 -37.35 -5.44
CA VAL D 94 -18.07 -35.93 -5.51
C VAL D 94 -17.92 -35.47 -6.96
N LYS D 95 -18.96 -34.87 -7.50
CA LYS D 95 -18.93 -34.31 -8.84
C LYS D 95 -18.76 -32.81 -8.73
N THR D 96 -17.74 -32.28 -9.39
CA THR D 96 -17.33 -30.89 -9.24
C THR D 96 -17.47 -30.15 -10.57
N ASP D 97 -17.78 -28.86 -10.46
CA ASP D 97 -17.71 -27.99 -11.63
C ASP D 97 -17.39 -26.58 -11.18
N ILE D 98 -16.88 -25.78 -12.12
CA ILE D 98 -16.36 -24.45 -11.84
C ILE D 98 -16.93 -23.47 -12.86
N PHE D 99 -17.41 -22.33 -12.38
CA PHE D 99 -17.81 -21.22 -13.23
C PHE D 99 -16.92 -20.03 -12.91
N VAL D 100 -15.99 -19.72 -13.81
CA VAL D 100 -15.03 -18.65 -13.59
C VAL D 100 -15.71 -17.32 -13.91
N THR D 101 -16.03 -16.55 -12.88
CA THR D 101 -16.72 -15.29 -13.10
C THR D 101 -15.78 -14.21 -13.61
N SER D 102 -14.50 -14.25 -13.23
CA SER D 102 -13.54 -13.25 -13.71
C SER D 102 -12.14 -13.80 -13.52
N PHE D 103 -11.43 -14.02 -14.62
CA PHE D 103 -10.03 -14.45 -14.56
C PHE D 103 -9.18 -13.21 -14.28
N GLY D 104 -8.63 -13.14 -13.07
CA GLY D 104 -8.04 -11.91 -12.58
C GLY D 104 -6.67 -11.62 -13.17
N PRO D 105 -5.99 -10.64 -12.59
CA PRO D 105 -4.69 -10.23 -13.13
C PRO D 105 -3.63 -11.31 -12.95
N VAL D 106 -2.65 -11.29 -13.83
CA VAL D 106 -1.48 -12.16 -13.76
C VAL D 106 -0.29 -11.31 -13.34
N SER D 107 0.40 -11.74 -12.28
CA SER D 107 1.53 -11.00 -11.73
C SER D 107 2.79 -11.84 -11.92
N ASP D 108 3.46 -11.64 -13.05
CA ASP D 108 4.67 -12.39 -13.33
C ASP D 108 5.82 -12.03 -12.39
N HIS D 109 5.71 -10.92 -11.67
CA HIS D 109 6.72 -10.60 -10.67
C HIS D 109 6.70 -11.60 -9.52
N ASP D 110 5.50 -11.95 -9.05
CA ASP D 110 5.35 -12.95 -8.00
C ASP D 110 5.07 -14.33 -8.54
N MET D 111 4.99 -14.49 -9.86
CA MET D 111 4.66 -15.76 -10.51
C MET D 111 3.39 -16.34 -9.92
N GLU D 112 2.30 -15.61 -10.08
CA GLU D 112 1.01 -16.01 -9.54
C GLU D 112 -0.09 -15.41 -10.39
N TYR D 113 -1.33 -15.79 -10.07
CA TYR D 113 -2.48 -15.19 -10.72
C TYR D 113 -3.67 -15.31 -9.79
N THR D 114 -4.73 -14.55 -10.10
CA THR D 114 -5.94 -14.49 -9.31
C THR D 114 -7.11 -14.94 -10.17
N ILE D 115 -8.10 -15.59 -9.54
CA ILE D 115 -9.26 -16.08 -10.27
C ILE D 115 -10.45 -16.15 -9.32
N ASP D 116 -11.60 -15.63 -9.75
CA ASP D 116 -12.82 -15.66 -8.97
C ASP D 116 -13.76 -16.71 -9.55
N VAL D 117 -14.23 -17.63 -8.71
CA VAL D 117 -14.97 -18.77 -9.18
C VAL D 117 -16.22 -19.02 -8.34
N PHE D 118 -17.23 -19.60 -8.99
CA PHE D 118 -18.29 -20.34 -8.33
C PHE D 118 -17.89 -21.81 -8.37
N PHE D 119 -17.65 -22.38 -7.20
CA PHE D 119 -17.16 -23.75 -7.06
C PHE D 119 -18.32 -24.61 -6.58
N ARG D 120 -18.73 -25.59 -7.38
CA ARG D 120 -19.91 -26.40 -7.11
C ARG D 120 -19.50 -27.85 -6.91
N GLN D 121 -20.00 -28.46 -5.85
CA GLN D 121 -19.79 -29.87 -5.55
C GLN D 121 -21.13 -30.52 -5.33
N SER D 122 -21.25 -31.78 -5.75
CA SER D 122 -22.48 -32.52 -5.58
C SER D 122 -22.16 -33.95 -5.20
N TRP D 123 -22.88 -34.47 -4.21
CA TRP D 123 -22.63 -35.85 -3.77
C TRP D 123 -23.92 -36.43 -3.23
N LYS D 124 -23.84 -37.66 -2.74
CA LYS D 124 -24.99 -38.41 -2.27
C LYS D 124 -24.78 -38.82 -0.82
N ASP D 125 -25.79 -38.58 0.01
CA ASP D 125 -25.75 -38.95 1.42
C ASP D 125 -27.07 -39.64 1.75
N GLU D 126 -27.01 -40.94 2.05
CA GLU D 126 -28.22 -41.70 2.37
C GLU D 126 -28.87 -41.21 3.65
N ARG D 127 -28.10 -40.61 4.55
CA ARG D 127 -28.63 -40.16 5.84
C ARG D 127 -29.57 -38.98 5.70
N LEU D 128 -29.65 -38.35 4.53
CA LEU D 128 -30.46 -37.15 4.32
C LEU D 128 -31.57 -37.41 3.32
N LYS D 129 -32.22 -38.57 3.41
CA LYS D 129 -33.40 -38.86 2.63
C LYS D 129 -34.63 -38.35 3.36
N PHE D 130 -35.60 -37.85 2.60
CA PHE D 130 -36.84 -37.37 3.18
C PHE D 130 -37.94 -37.45 2.13
N LYS D 131 -39.18 -37.36 2.60
CA LYS D 131 -40.36 -37.29 1.75
C LYS D 131 -41.29 -36.23 2.30
N GLY D 132 -41.72 -35.31 1.44
CA GLY D 132 -42.55 -34.21 1.86
C GLY D 132 -43.19 -33.48 0.71
N PRO D 133 -43.84 -32.36 1.01
CA PRO D 133 -44.53 -31.59 -0.05
C PRO D 133 -43.60 -31.10 -1.13
N MET D 134 -42.37 -30.77 -0.82
CA MET D 134 -41.40 -30.29 -1.79
C MET D 134 -40.43 -31.40 -2.16
N THR D 135 -39.83 -31.25 -3.35
CA THR D 135 -38.82 -32.19 -3.80
C THR D 135 -37.41 -31.73 -3.45
N VAL D 136 -37.17 -30.42 -3.47
CA VAL D 136 -35.86 -29.85 -3.18
C VAL D 136 -36.02 -28.88 -2.02
N LEU D 137 -35.18 -29.04 -0.99
CA LEU D 137 -35.06 -28.08 0.09
C LEU D 137 -33.87 -27.19 -0.21
N ARG D 138 -34.14 -25.92 -0.50
CA ARG D 138 -33.10 -24.94 -0.79
C ARG D 138 -32.80 -24.20 0.52
N LEU D 139 -31.86 -24.75 1.29
CA LEU D 139 -31.72 -24.31 2.67
C LEU D 139 -30.75 -23.15 2.79
N ASN D 140 -30.80 -22.48 3.94
CA ASN D 140 -29.84 -21.44 4.27
C ASN D 140 -28.46 -22.07 4.45
N ASN D 141 -27.42 -21.28 4.15
CA ASN D 141 -26.06 -21.80 4.20
C ASN D 141 -25.65 -22.19 5.61
N LEU D 142 -26.37 -21.73 6.63
CA LEU D 142 -26.07 -22.15 8.00
C LEU D 142 -26.14 -23.66 8.15
N MET D 143 -27.16 -24.28 7.55
CA MET D 143 -27.29 -25.74 7.60
C MET D 143 -26.05 -26.42 7.04
N ALA D 144 -25.33 -25.77 6.13
CA ALA D 144 -24.14 -26.36 5.56
C ALA D 144 -23.07 -26.65 6.60
N SER D 145 -23.12 -26.00 7.76
CA SER D 145 -22.15 -26.25 8.81
C SER D 145 -22.57 -27.37 9.75
N LYS D 146 -23.77 -27.92 9.59
CA LYS D 146 -24.27 -28.94 10.50
C LYS D 146 -24.29 -30.32 9.87
N ILE D 147 -23.70 -30.49 8.69
CA ILE D 147 -23.61 -31.78 8.02
C ILE D 147 -22.17 -31.96 7.52
N TRP D 148 -21.94 -33.08 6.84
CA TRP D 148 -20.63 -33.41 6.31
C TRP D 148 -20.44 -32.78 4.93
N THR D 149 -19.34 -32.06 4.76
CA THR D 149 -18.97 -31.49 3.48
C THR D 149 -17.54 -31.86 3.15
N PRO D 150 -17.20 -31.99 1.87
CA PRO D 150 -15.83 -32.36 1.50
C PRO D 150 -14.83 -31.29 1.90
N ASP D 151 -13.63 -31.72 2.23
CA ASP D 151 -12.55 -30.81 2.59
C ASP D 151 -11.66 -30.51 1.39
N THR D 152 -12.28 -30.01 0.34
CA THR D 152 -11.56 -29.69 -0.88
C THR D 152 -10.64 -28.50 -0.66
N PHE D 153 -9.42 -28.59 -1.21
CA PHE D 153 -8.46 -27.50 -1.13
C PHE D 153 -7.67 -27.47 -2.43
N PHE D 154 -7.06 -26.32 -2.71
CA PHE D 154 -6.30 -26.10 -3.93
C PHE D 154 -4.82 -26.34 -3.66
N HIS D 155 -4.24 -27.29 -4.38
CA HIS D 155 -2.87 -27.69 -4.11
C HIS D 155 -1.89 -26.54 -4.32
N ASN D 156 -2.08 -25.74 -5.37
CA ASN D 156 -1.18 -24.65 -5.70
C ASN D 156 -1.71 -23.30 -5.27
N GLY D 157 -2.68 -23.26 -4.36
CA GLY D 157 -3.16 -21.99 -3.86
C GLY D 157 -2.16 -21.31 -2.95
N LYS D 158 -2.28 -19.99 -2.86
CA LYS D 158 -1.41 -19.19 -2.02
C LYS D 158 -2.16 -18.53 -0.87
N LYS D 159 -3.20 -17.76 -1.17
CA LYS D 159 -4.05 -17.19 -0.12
C LYS D 159 -5.40 -16.89 -0.75
N SER D 160 -6.36 -17.78 -0.52
CA SER D 160 -7.69 -17.64 -1.07
C SER D 160 -8.63 -17.01 -0.04
N VAL D 161 -9.77 -16.54 -0.53
CA VAL D 161 -10.77 -15.87 0.31
C VAL D 161 -12.13 -16.47 0.02
N ALA D 162 -12.85 -16.82 1.08
CA ALA D 162 -14.25 -17.20 0.99
C ALA D 162 -15.08 -16.02 1.46
N HIS D 163 -15.82 -15.40 0.54
CA HIS D 163 -16.39 -14.10 0.79
C HIS D 163 -17.50 -14.15 1.84
N ASN D 164 -17.60 -13.09 2.63
CA ASN D 164 -18.53 -12.99 3.75
C ASN D 164 -19.26 -11.65 3.71
N MET D 165 -19.75 -11.25 2.55
CA MET D 165 -20.46 -9.99 2.41
C MET D 165 -21.64 -10.20 1.47
N THR D 166 -22.85 -9.99 1.97
CA THR D 166 -23.08 -9.57 3.35
C THR D 166 -23.27 -10.78 4.26
N MET D 167 -23.36 -11.95 3.65
CA MET D 167 -23.52 -13.22 4.32
C MET D 167 -22.55 -14.20 3.69
N PRO D 168 -22.23 -15.31 4.37
CA PRO D 168 -21.38 -16.34 3.74
C PRO D 168 -21.90 -16.75 2.38
N ASN D 169 -21.13 -16.49 1.33
CA ASN D 169 -21.58 -16.75 -0.02
C ASN D 169 -21.55 -18.25 -0.31
N LYS D 170 -22.49 -18.98 0.27
CA LYS D 170 -22.63 -20.41 0.05
C LYS D 170 -24.10 -20.75 -0.13
N LEU D 171 -24.36 -21.81 -0.87
CA LEU D 171 -25.71 -22.32 -1.03
C LEU D 171 -25.71 -23.83 -0.87
N LEU D 172 -26.77 -24.33 -0.25
CA LEU D 172 -26.95 -25.75 0.00
C LEU D 172 -28.35 -26.16 -0.42
N ARG D 173 -28.43 -27.23 -1.20
CA ARG D 173 -29.71 -27.76 -1.67
C ARG D 173 -29.74 -29.26 -1.48
N ILE D 174 -30.81 -29.76 -0.89
CA ILE D 174 -30.98 -31.17 -0.59
C ILE D 174 -32.16 -31.70 -1.38
N THR D 175 -31.92 -32.72 -2.20
CA THR D 175 -32.98 -33.39 -2.92
C THR D 175 -33.57 -34.50 -2.06
N GLU D 176 -34.80 -34.91 -2.40
CA GLU D 176 -35.51 -35.88 -1.57
C GLU D 176 -34.86 -37.25 -1.58
N ASP D 177 -34.02 -37.54 -2.57
CA ASP D 177 -33.33 -38.83 -2.62
C ASP D 177 -31.99 -38.81 -1.90
N GLY D 178 -31.65 -37.71 -1.25
CA GLY D 178 -30.41 -37.61 -0.51
C GLY D 178 -29.26 -36.96 -1.23
N THR D 179 -29.48 -36.33 -2.37
CA THR D 179 -28.42 -35.70 -3.13
C THR D 179 -28.21 -34.27 -2.64
N LEU D 180 -26.96 -33.93 -2.35
CA LEU D 180 -26.59 -32.62 -1.85
C LEU D 180 -25.83 -31.85 -2.91
N LEU D 181 -26.23 -30.60 -3.12
CA LEU D 181 -25.51 -29.65 -3.96
C LEU D 181 -25.03 -28.52 -3.07
N TYR D 182 -23.72 -28.28 -3.09
CA TYR D 182 -23.07 -27.32 -2.22
C TYR D 182 -22.19 -26.42 -3.07
N THR D 183 -22.46 -25.12 -3.05
CA THR D 183 -21.76 -24.18 -3.92
C THR D 183 -21.22 -23.02 -3.11
N MET D 184 -20.02 -22.57 -3.45
CA MET D 184 -19.39 -21.45 -2.74
C MET D 184 -18.64 -20.54 -3.71
N ARG D 185 -18.56 -19.27 -3.35
CA ARG D 185 -17.89 -18.26 -4.16
C ARG D 185 -16.51 -17.98 -3.57
N LEU D 186 -15.48 -18.15 -4.39
CA LEU D 186 -14.10 -18.13 -3.92
C LEU D 186 -13.26 -17.20 -4.78
N THR D 187 -12.18 -16.69 -4.18
CA THR D 187 -11.19 -15.88 -4.88
C THR D 187 -9.82 -16.51 -4.62
N VAL D 188 -9.33 -17.26 -5.60
CA VAL D 188 -8.13 -18.09 -5.43
C VAL D 188 -6.94 -17.38 -6.05
N ARG D 189 -5.88 -17.23 -5.26
CA ARG D 189 -4.57 -16.84 -5.76
C ARG D 189 -3.72 -18.10 -5.89
N ALA D 190 -3.21 -18.35 -7.09
CA ALA D 190 -2.52 -19.59 -7.37
C ALA D 190 -1.14 -19.31 -7.94
N GLU D 191 -0.21 -20.23 -7.68
CA GLU D 191 1.12 -20.15 -8.25
C GLU D 191 1.09 -20.55 -9.71
N CYS D 192 1.76 -19.78 -10.55
CA CYS D 192 1.91 -20.09 -11.98
C CYS D 192 3.38 -19.94 -12.33
N PRO D 193 4.18 -20.99 -12.16
CA PRO D 193 5.59 -20.92 -12.55
C PRO D 193 5.73 -20.62 -14.04
N MET D 194 6.68 -19.75 -14.36
CA MET D 194 6.84 -19.26 -15.72
C MET D 194 8.28 -19.44 -16.17
N HIS D 195 8.44 -19.73 -17.46
CA HIS D 195 9.73 -19.77 -18.11
C HIS D 195 9.83 -18.55 -19.02
N LEU D 196 10.63 -17.57 -18.61
CA LEU D 196 10.71 -16.28 -19.30
C LEU D 196 11.81 -16.23 -20.33
N GLU D 197 12.13 -17.36 -20.97
CA GLU D 197 13.16 -17.35 -21.99
C GLU D 197 12.77 -16.47 -23.18
N ASP D 198 11.49 -16.50 -23.55
CA ASP D 198 11.01 -15.78 -24.72
C ASP D 198 10.33 -14.47 -24.37
N PHE D 199 10.57 -13.94 -23.18
CA PHE D 199 9.95 -12.69 -22.78
C PHE D 199 10.40 -11.57 -23.71
N PRO D 200 9.49 -10.68 -24.14
CA PRO D 200 8.06 -10.59 -23.83
C PRO D 200 7.17 -11.21 -24.89
N MET D 201 7.59 -12.32 -25.49
CA MET D 201 6.80 -13.03 -26.48
C MET D 201 6.54 -14.46 -26.02
N ASP D 202 6.19 -14.62 -24.75
CA ASP D 202 6.08 -15.92 -24.11
C ASP D 202 4.63 -16.35 -23.98
N ALA D 203 4.44 -17.66 -23.90
CA ALA D 203 3.15 -18.27 -23.65
C ALA D 203 3.25 -19.14 -22.41
N HIS D 204 2.19 -19.15 -21.61
CA HIS D 204 2.18 -19.85 -20.34
C HIS D 204 0.94 -20.71 -20.22
N ALA D 205 1.03 -21.73 -19.37
CA ALA D 205 -0.09 -22.61 -19.05
C ALA D 205 -0.23 -22.62 -17.54
N CYS D 206 -0.99 -21.67 -17.01
CA CYS D 206 -1.14 -21.55 -15.57
C CYS D 206 -2.04 -22.67 -15.04
N PRO D 207 -1.60 -23.41 -14.03
CA PRO D 207 -2.40 -24.53 -13.54
C PRO D 207 -3.33 -24.13 -12.39
N LEU D 208 -4.28 -25.01 -12.13
CA LEU D 208 -5.16 -24.89 -10.97
C LEU D 208 -5.57 -26.31 -10.58
N LYS D 209 -5.06 -26.79 -9.46
CA LYS D 209 -5.28 -28.14 -9.00
C LYS D 209 -6.06 -28.11 -7.70
N PHE D 210 -6.98 -29.06 -7.53
CA PHE D 210 -7.70 -29.17 -6.27
C PHE D 210 -8.01 -30.61 -5.97
N GLY D 211 -8.22 -30.88 -4.69
CA GLY D 211 -8.53 -32.23 -4.25
C GLY D 211 -8.80 -32.27 -2.76
N SER D 212 -9.16 -33.44 -2.28
CA SER D 212 -9.39 -33.63 -0.85
C SER D 212 -8.09 -33.53 -0.08
N TYR D 213 -8.19 -33.08 1.17
CA TYR D 213 -7.00 -32.92 2.00
C TYR D 213 -6.75 -34.13 2.90
N ALA D 214 -7.79 -34.75 3.43
CA ALA D 214 -7.63 -35.81 4.41
C ALA D 214 -8.07 -37.18 3.91
N TYR D 215 -8.99 -37.25 2.96
CA TYR D 215 -9.52 -38.51 2.50
C TYR D 215 -8.77 -38.98 1.27
N THR D 216 -8.30 -40.22 1.31
CA THR D 216 -7.50 -40.78 0.22
C THR D 216 -8.40 -41.25 -0.91
N ARG D 217 -7.78 -41.83 -1.94
CA ARG D 217 -8.52 -42.28 -3.11
C ARG D 217 -9.46 -43.43 -2.81
N ALA D 218 -9.25 -44.13 -1.69
CA ALA D 218 -10.10 -45.24 -1.30
C ALA D 218 -11.32 -44.80 -0.50
N GLU D 219 -11.43 -43.50 -0.20
CA GLU D 219 -12.55 -42.97 0.55
C GLU D 219 -13.35 -41.94 -0.23
N VAL D 220 -12.67 -40.94 -0.81
CA VAL D 220 -13.32 -39.88 -1.56
C VAL D 220 -12.65 -39.77 -2.92
N VAL D 221 -13.46 -39.78 -3.98
CA VAL D 221 -12.98 -39.57 -5.33
C VAL D 221 -13.73 -38.40 -5.93
N TYR D 222 -13.08 -37.73 -6.88
CA TYR D 222 -13.65 -36.56 -7.53
C TYR D 222 -13.90 -36.84 -9.00
N GLU D 223 -14.99 -36.27 -9.53
CA GLU D 223 -15.33 -36.39 -10.93
C GLU D 223 -15.83 -35.03 -11.42
N TRP D 224 -15.88 -34.88 -12.73
CA TRP D 224 -16.48 -33.70 -13.33
C TRP D 224 -17.95 -33.95 -13.61
N THR D 225 -18.77 -32.91 -13.40
CA THR D 225 -20.21 -33.06 -13.50
C THR D 225 -20.63 -33.50 -14.90
N ARG D 226 -20.01 -32.91 -15.91
CA ARG D 226 -20.29 -33.23 -17.30
C ARG D 226 -18.97 -33.57 -17.99
N GLU D 227 -18.95 -33.61 -19.31
CA GLU D 227 -17.71 -33.88 -20.02
C GLU D 227 -16.64 -32.89 -19.57
N PRO D 228 -15.39 -33.34 -19.39
CA PRO D 228 -14.39 -32.46 -18.75
C PRO D 228 -14.19 -31.14 -19.47
N ALA D 229 -14.36 -31.10 -20.79
CA ALA D 229 -14.19 -29.85 -21.51
C ALA D 229 -15.23 -28.82 -21.09
N ARG D 230 -16.46 -29.25 -20.86
CA ARG D 230 -17.55 -28.35 -20.53
C ARG D 230 -17.78 -28.20 -19.03
N SER D 231 -16.93 -28.80 -18.20
CA SER D 231 -17.11 -28.73 -16.76
C SER D 231 -16.45 -27.52 -16.11
N VAL D 232 -15.65 -26.78 -16.85
CA VAL D 232 -15.12 -25.49 -16.40
C VAL D 232 -15.57 -24.45 -17.42
N VAL D 233 -16.43 -23.52 -16.98
CA VAL D 233 -17.06 -22.56 -17.88
C VAL D 233 -16.59 -21.17 -17.49
N VAL D 234 -16.04 -20.44 -18.46
CA VAL D 234 -15.53 -19.09 -18.24
C VAL D 234 -16.55 -18.09 -18.74
N ALA D 235 -16.91 -17.14 -17.88
CA ALA D 235 -17.85 -16.09 -18.27
C ALA D 235 -17.25 -15.23 -19.38
N GLU D 236 -18.10 -14.81 -20.32
CA GLU D 236 -17.62 -14.09 -21.49
C GLU D 236 -17.01 -12.74 -21.11
N ASP D 237 -17.66 -12.01 -20.21
CA ASP D 237 -17.15 -10.71 -19.75
C ASP D 237 -16.32 -10.82 -18.49
N GLY D 238 -15.66 -11.96 -18.28
CA GLY D 238 -14.90 -12.18 -17.08
C GLY D 238 -13.40 -12.18 -17.27
N SER D 239 -12.90 -11.23 -18.05
CA SER D 239 -11.47 -11.10 -18.30
C SER D 239 -10.99 -9.80 -17.67
N ARG D 240 -10.19 -9.93 -16.60
CA ARG D 240 -9.52 -8.79 -15.99
C ARG D 240 -8.06 -8.69 -16.41
N LEU D 241 -7.65 -9.48 -17.39
CA LEU D 241 -6.27 -9.45 -17.87
C LEU D 241 -5.97 -8.13 -18.56
N ASN D 242 -4.77 -7.61 -18.29
CA ASN D 242 -4.30 -6.39 -18.95
C ASN D 242 -3.35 -6.68 -20.10
N GLN D 243 -2.36 -7.53 -19.88
CA GLN D 243 -1.33 -7.81 -20.87
C GLN D 243 -1.27 -9.28 -21.21
N TYR D 244 -2.42 -9.96 -21.19
CA TYR D 244 -2.48 -11.37 -21.54
C TYR D 244 -3.77 -11.66 -22.30
N ASP D 245 -3.76 -12.76 -23.02
CA ASP D 245 -4.93 -13.27 -23.72
C ASP D 245 -5.24 -14.67 -23.22
N LEU D 246 -6.50 -14.91 -22.86
CA LEU D 246 -6.92 -16.22 -22.39
C LEU D 246 -7.37 -17.03 -23.60
N LEU D 247 -6.47 -17.89 -24.10
CA LEU D 247 -6.78 -18.65 -25.31
C LEU D 247 -7.79 -19.76 -25.03
N GLY D 248 -7.66 -20.43 -23.89
CA GLY D 248 -8.54 -21.52 -23.56
C GLY D 248 -8.05 -22.25 -22.33
N GLN D 249 -8.66 -23.40 -22.07
CA GLN D 249 -8.26 -24.21 -20.93
C GLN D 249 -8.41 -25.69 -21.26
N THR D 250 -7.61 -26.49 -20.60
CA THR D 250 -7.69 -27.95 -20.67
C THR D 250 -7.97 -28.50 -19.29
N VAL D 251 -8.70 -29.62 -19.24
CA VAL D 251 -9.20 -30.19 -18.00
C VAL D 251 -8.74 -31.63 -17.91
N ASP D 252 -8.22 -32.03 -16.74
CA ASP D 252 -7.68 -33.36 -16.56
C ASP D 252 -7.86 -33.79 -15.11
N SER D 253 -7.69 -35.09 -14.87
CA SER D 253 -7.78 -35.63 -13.53
C SER D 253 -6.76 -36.74 -13.36
N GLY D 254 -6.06 -36.75 -12.22
CA GLY D 254 -5.04 -37.74 -11.96
C GLY D 254 -4.89 -38.12 -10.50
N ILE D 255 -3.82 -38.83 -10.19
CA ILE D 255 -3.54 -39.32 -8.84
C ILE D 255 -2.21 -38.75 -8.38
N VAL D 256 -2.19 -38.20 -7.17
CA VAL D 256 -0.98 -37.66 -6.57
C VAL D 256 -0.71 -38.40 -5.27
N GLN D 257 0.54 -38.86 -5.10
CA GLN D 257 0.93 -39.61 -3.92
C GLN D 257 1.79 -38.74 -3.02
N SER D 258 1.45 -38.71 -1.73
CA SER D 258 2.22 -38.03 -0.72
C SER D 258 2.48 -38.99 0.43
N SER D 259 3.19 -38.51 1.45
CA SER D 259 3.59 -39.37 2.56
C SER D 259 2.40 -39.93 3.32
N THR D 260 1.22 -39.33 3.19
CA THR D 260 0.02 -39.82 3.85
C THR D 260 -0.81 -40.75 2.98
N GLY D 261 -0.48 -40.91 1.71
CA GLY D 261 -1.20 -41.83 0.87
C GLY D 261 -1.46 -41.24 -0.49
N GLU D 262 -2.39 -41.86 -1.22
CA GLU D 262 -2.74 -41.46 -2.57
C GLU D 262 -4.03 -40.65 -2.56
N TYR D 263 -4.08 -39.61 -3.38
CA TYR D 263 -5.24 -38.73 -3.46
C TYR D 263 -5.58 -38.46 -4.91
N VAL D 264 -6.84 -38.13 -5.15
CA VAL D 264 -7.32 -37.75 -6.47
C VAL D 264 -7.18 -36.24 -6.61
N VAL D 265 -6.63 -35.79 -7.73
CA VAL D 265 -6.41 -34.38 -8.00
C VAL D 265 -7.07 -34.04 -9.33
N MET D 266 -7.74 -32.89 -9.36
CA MET D 266 -8.35 -32.36 -10.57
C MET D 266 -7.58 -31.13 -11.01
N THR D 267 -7.16 -31.10 -12.26
CA THR D 267 -6.29 -30.05 -12.78
C THR D 267 -6.96 -29.33 -13.94
N THR D 268 -6.79 -28.01 -13.97
CA THR D 268 -7.23 -27.19 -15.09
C THR D 268 -6.09 -26.27 -15.48
N HIS D 269 -5.75 -26.26 -16.76
CA HIS D 269 -4.68 -25.42 -17.29
C HIS D 269 -5.27 -24.32 -18.14
N PHE D 270 -4.98 -23.07 -17.80
CA PHE D 270 -5.39 -21.92 -18.57
C PHE D 270 -4.23 -21.43 -19.41
N HIS D 271 -4.43 -21.32 -20.72
CA HIS D 271 -3.37 -20.94 -21.63
C HIS D 271 -3.40 -19.44 -21.88
N LEU D 272 -2.27 -18.78 -21.64
CA LEU D 272 -2.16 -17.34 -21.74
C LEU D 272 -1.05 -16.96 -22.71
N LYS D 273 -1.29 -15.93 -23.51
CA LYS D 273 -0.27 -15.38 -24.39
C LYS D 273 -0.14 -13.89 -24.13
N ARG D 274 1.09 -13.42 -23.95
CA ARG D 274 1.32 -12.03 -23.57
C ARG D 274 1.10 -11.10 -24.75
N LYS D 275 0.59 -9.92 -24.45
CA LYS D 275 0.41 -8.85 -25.43
C LYS D 275 1.69 -8.00 -25.47
N ILE D 276 2.19 -7.76 -26.69
CA ILE D 276 3.50 -7.15 -26.86
C ILE D 276 3.44 -5.64 -27.05
N GLY D 277 2.25 -5.05 -27.07
CA GLY D 277 2.14 -3.63 -27.37
C GLY D 277 2.86 -2.75 -26.36
N TYR D 278 2.72 -3.05 -25.08
CA TYR D 278 3.32 -2.19 -24.05
C TYR D 278 4.84 -2.17 -24.18
N PHE D 279 5.44 -3.34 -24.37
CA PHE D 279 6.89 -3.39 -24.49
C PHE D 279 7.38 -2.86 -25.83
N VAL D 280 6.53 -2.91 -26.86
CA VAL D 280 6.88 -2.27 -28.13
C VAL D 280 6.96 -0.77 -27.96
N ILE D 281 5.94 -0.16 -27.33
CA ILE D 281 5.92 1.29 -27.19
C ILE D 281 6.69 1.79 -25.99
N GLN D 282 7.27 0.90 -25.19
CA GLN D 282 7.98 1.29 -23.99
C GLN D 282 9.47 1.02 -24.04
N THR D 283 9.90 -0.08 -24.66
CA THR D 283 11.31 -0.45 -24.65
C THR D 283 11.92 -0.52 -26.05
N TYR D 284 11.27 -1.20 -26.99
CA TYR D 284 11.86 -1.38 -28.31
C TYR D 284 11.98 -0.06 -29.06
N LEU D 285 10.94 0.77 -29.02
CA LEU D 285 10.99 2.04 -29.74
C LEU D 285 12.07 2.98 -29.22
N PRO D 286 12.24 3.19 -27.91
CA PRO D 286 13.38 4.02 -27.47
C PRO D 286 14.72 3.46 -27.91
N CYS D 287 14.90 2.14 -27.88
CA CYS D 287 16.17 1.57 -28.32
C CYS D 287 16.42 1.82 -29.80
N ILE D 288 15.39 1.62 -30.63
CA ILE D 288 15.55 1.85 -32.06
C ILE D 288 15.85 3.31 -32.33
N MET D 289 15.15 4.21 -31.66
CA MET D 289 15.38 5.63 -31.87
C MET D 289 16.78 6.03 -31.41
N THR D 290 17.25 5.46 -30.30
CA THR D 290 18.62 5.75 -29.85
C THR D 290 19.65 5.28 -30.86
N VAL D 291 19.45 4.09 -31.42
CA VAL D 291 20.40 3.57 -32.40
C VAL D 291 20.41 4.46 -33.64
N ILE D 292 19.23 4.85 -34.13
CA ILE D 292 19.16 5.72 -35.29
C ILE D 292 19.82 7.06 -35.00
N LEU D 293 19.58 7.61 -33.81
CA LEU D 293 20.18 8.88 -33.43
C LEU D 293 21.70 8.79 -33.41
N SER D 294 22.23 7.67 -32.88
CA SER D 294 23.68 7.48 -32.88
C SER D 294 24.22 7.39 -34.29
N GLN D 295 23.52 6.66 -35.17
CA GLN D 295 24.00 6.53 -36.55
C GLN D 295 23.88 7.82 -37.34
N VAL D 296 23.04 8.76 -36.89
CA VAL D 296 22.93 10.04 -37.58
C VAL D 296 24.26 10.77 -37.60
N SER D 297 25.11 10.53 -36.61
CA SER D 297 26.36 11.28 -36.47
C SER D 297 27.32 11.06 -37.62
N PHE D 298 27.11 10.02 -38.44
CA PHE D 298 28.03 9.73 -39.53
C PHE D 298 27.94 10.73 -40.67
N TRP D 299 26.96 11.64 -40.65
CA TRP D 299 26.75 12.56 -41.75
C TRP D 299 27.26 13.96 -41.47
N LEU D 300 27.59 14.28 -40.22
CA LEU D 300 28.18 15.58 -39.93
C LEU D 300 29.58 15.67 -40.52
N ASN D 301 29.90 16.85 -41.06
CA ASN D 301 31.23 17.05 -41.63
C ASN D 301 32.29 17.01 -40.53
N ARG D 302 33.49 16.59 -40.91
CA ARG D 302 34.55 16.34 -39.94
C ARG D 302 35.06 17.59 -39.24
N GLU D 303 34.69 18.79 -39.72
CA GLU D 303 35.07 20.00 -39.02
C GLU D 303 34.31 20.21 -37.72
N SER D 304 33.29 19.39 -37.45
CA SER D 304 32.50 19.49 -36.23
C SER D 304 32.75 18.24 -35.40
N VAL D 305 33.84 18.26 -34.64
CA VAL D 305 34.20 17.16 -33.75
C VAL D 305 33.38 17.18 -32.46
N PRO D 306 33.22 18.32 -31.78
CA PRO D 306 32.41 18.31 -30.55
C PRO D 306 30.99 17.84 -30.76
N ALA D 307 30.39 18.16 -31.91
CA ALA D 307 29.02 17.70 -32.16
C ALA D 307 28.94 16.18 -32.20
N ARG D 308 29.87 15.55 -32.92
CA ARG D 308 29.86 14.09 -33.01
C ARG D 308 30.17 13.46 -31.66
N THR D 309 31.06 14.09 -30.88
CA THR D 309 31.35 13.58 -29.55
C THR D 309 30.12 13.66 -28.65
N VAL D 310 29.37 14.75 -28.73
CA VAL D 310 28.14 14.88 -27.96
C VAL D 310 27.14 13.82 -28.39
N PHE D 311 27.00 13.59 -29.70
CA PHE D 311 26.14 12.53 -30.19
C PHE D 311 26.49 11.19 -29.56
N GLY D 312 27.77 10.81 -29.64
CA GLY D 312 28.17 9.52 -29.13
C GLY D 312 27.97 9.39 -27.63
N VAL D 313 28.37 10.43 -26.88
CA VAL D 313 28.25 10.41 -25.44
C VAL D 313 26.80 10.25 -25.02
N THR D 314 25.91 11.07 -25.59
CA THR D 314 24.50 11.03 -25.20
C THR D 314 23.88 9.70 -25.57
N THR D 315 24.19 9.17 -26.76
CA THR D 315 23.59 7.91 -27.16
C THR D 315 24.05 6.76 -26.28
N VAL D 316 25.35 6.72 -25.94
CA VAL D 316 25.85 5.65 -25.08
C VAL D 316 25.22 5.75 -23.70
N LEU D 317 25.11 6.97 -23.16
CA LEU D 317 24.51 7.15 -21.85
C LEU D 317 23.04 6.72 -21.85
N THR D 318 22.30 7.09 -22.89
CA THR D 318 20.90 6.71 -22.97
C THR D 318 20.74 5.21 -23.08
N MET D 319 21.59 4.56 -23.87
CA MET D 319 21.51 3.10 -23.97
C MET D 319 21.82 2.45 -22.63
N THR D 320 22.83 2.97 -21.91
CA THR D 320 23.14 2.41 -20.59
C THR D 320 21.96 2.57 -19.64
N THR D 321 21.34 3.75 -19.63
CA THR D 321 20.19 3.98 -18.76
C THR D 321 19.04 3.05 -19.10
N LEU D 322 18.76 2.87 -20.40
CA LEU D 322 17.70 1.96 -20.79
C LEU D 322 18.01 0.53 -20.37
N SER D 323 19.26 0.09 -20.57
CA SER D 323 19.64 -1.27 -20.20
C SER D 323 19.47 -1.49 -18.70
N ILE D 324 19.86 -0.51 -17.89
CA ILE D 324 19.73 -0.65 -16.44
C ILE D 324 18.26 -0.63 -16.03
N SER D 325 17.47 0.27 -16.62
CA SER D 325 16.10 0.47 -16.16
C SER D 325 15.18 -0.66 -16.58
N ALA D 326 15.36 -1.18 -17.81
CA ALA D 326 14.45 -2.20 -18.31
C ALA D 326 14.58 -3.51 -17.58
N ARG D 327 15.65 -3.70 -16.81
CA ARG D 327 15.81 -4.92 -16.02
C ARG D 327 15.10 -4.85 -14.68
N ASN D 328 14.44 -3.73 -14.37
CA ASN D 328 13.68 -3.58 -13.14
C ASN D 328 12.21 -3.95 -13.32
N SER D 329 11.83 -4.48 -14.47
CA SER D 329 10.46 -4.90 -14.71
C SER D 329 10.26 -6.36 -14.29
N LEU D 330 11.04 -7.26 -14.86
CA LEU D 330 10.92 -8.67 -14.54
C LEU D 330 11.49 -8.99 -13.17
N PRO D 331 11.08 -10.09 -12.57
CA PRO D 331 11.77 -10.59 -11.37
C PRO D 331 13.17 -11.06 -11.73
N LYS D 332 14.03 -11.08 -10.71
CA LYS D 332 15.42 -11.50 -10.91
C LYS D 332 15.47 -12.94 -11.41
N VAL D 333 15.89 -13.11 -12.66
CA VAL D 333 16.06 -14.43 -13.26
C VAL D 333 17.47 -14.53 -13.81
N ALA D 334 18.15 -15.62 -13.52
CA ALA D 334 19.55 -15.79 -13.89
C ALA D 334 19.72 -16.35 -15.29
N TYR D 335 19.04 -15.74 -16.27
CA TYR D 335 19.22 -16.09 -17.67
C TYR D 335 18.71 -14.94 -18.51
N ALA D 336 19.13 -14.94 -19.78
CA ALA D 336 18.83 -13.85 -20.69
C ALA D 336 17.50 -14.08 -21.40
N THR D 337 16.70 -13.03 -21.47
CA THR D 337 15.44 -13.04 -22.21
C THR D 337 15.66 -12.45 -23.60
N ALA D 338 14.60 -12.45 -24.41
CA ALA D 338 14.71 -11.88 -25.75
C ALA D 338 14.95 -10.38 -25.70
N MET D 339 14.30 -9.68 -24.77
CA MET D 339 14.50 -8.25 -24.64
C MET D 339 15.93 -7.94 -24.24
N ASP D 340 16.54 -8.80 -23.41
CA ASP D 340 17.94 -8.59 -23.05
C ASP D 340 18.84 -8.70 -24.26
N TRP D 341 18.59 -9.66 -25.15
CA TRP D 341 19.37 -9.77 -26.37
C TRP D 341 19.19 -8.55 -27.26
N PHE D 342 17.95 -8.07 -27.39
CA PHE D 342 17.72 -6.88 -28.20
C PHE D 342 18.46 -5.67 -27.64
N ILE D 343 18.40 -5.48 -26.33
CA ILE D 343 19.10 -4.36 -25.70
C ILE D 343 20.61 -4.50 -25.88
N ALA D 344 21.13 -5.72 -25.75
CA ALA D 344 22.55 -5.94 -25.90
C ALA D 344 23.02 -5.61 -27.31
N VAL D 345 22.24 -6.01 -28.32
CA VAL D 345 22.64 -5.72 -29.69
C VAL D 345 22.55 -4.22 -29.98
N CYS D 346 21.53 -3.55 -29.45
CA CYS D 346 21.46 -2.10 -29.64
C CYS D 346 22.64 -1.41 -28.98
N TYR D 347 23.02 -1.86 -27.78
CA TYR D 347 24.18 -1.30 -27.10
C TYR D 347 25.45 -1.52 -27.90
N ALA D 348 25.59 -2.73 -28.48
CA ALA D 348 26.76 -3.00 -29.31
C ALA D 348 26.80 -2.08 -30.52
N PHE D 349 25.65 -1.83 -31.15
CA PHE D 349 25.62 -0.92 -32.29
C PHE D 349 26.05 0.49 -31.89
N VAL D 350 25.53 1.00 -30.77
CA VAL D 350 25.88 2.35 -30.35
C VAL D 350 27.36 2.45 -30.02
N PHE D 351 27.88 1.47 -29.28
CA PHE D 351 29.29 1.49 -28.93
C PHE D 351 30.17 1.38 -30.17
N SER D 352 29.77 0.56 -31.14
CA SER D 352 30.52 0.46 -32.38
C SER D 352 30.51 1.78 -33.14
N ALA D 353 29.38 2.50 -33.11
CA ALA D 353 29.35 3.81 -33.76
C ALA D 353 30.32 4.78 -33.11
N LEU D 354 30.39 4.78 -31.78
CA LEU D 354 31.35 5.66 -31.10
C LEU D 354 32.78 5.26 -31.42
N ILE D 355 33.07 3.96 -31.46
CA ILE D 355 34.41 3.49 -31.80
C ILE D 355 34.77 3.91 -33.22
N GLU D 356 33.79 3.86 -34.14
CA GLU D 356 34.05 4.29 -35.51
C GLU D 356 34.36 5.78 -35.56
N PHE D 357 33.64 6.59 -34.80
CA PHE D 357 33.96 8.01 -34.75
C PHE D 357 35.37 8.24 -34.25
N ALA D 358 35.76 7.54 -33.19
CA ALA D 358 37.12 7.68 -32.67
C ALA D 358 38.16 7.27 -33.69
N THR D 359 37.91 6.18 -34.42
CA THR D 359 38.83 5.73 -35.45
C THR D 359 38.96 6.76 -36.56
N VAL D 360 37.83 7.35 -36.98
CA VAL D 360 37.88 8.37 -38.02
C VAL D 360 38.68 9.57 -37.54
N ASN D 361 38.43 10.01 -36.31
CA ASN D 361 39.17 11.16 -35.78
C ASN D 361 40.65 10.85 -35.64
N TYR D 362 41.01 9.57 -35.46
CA TYR D 362 42.41 9.21 -35.38
C TYR D 362 43.14 9.46 -36.69
N PHE D 363 42.50 9.18 -37.82
CA PHE D 363 43.12 9.31 -39.14
C PHE D 363 42.85 10.67 -39.79
N THR D 364 42.18 11.59 -39.09
CA THR D 364 41.79 12.85 -39.71
C THR D 364 43.00 13.66 -40.17
N LYS D 365 44.04 13.73 -39.34
CA LYS D 365 45.18 14.59 -39.66
C LYS D 365 46.16 13.92 -40.60
N SER D 366 46.39 12.61 -40.43
CA SER D 366 47.42 11.91 -41.19
C SER D 366 46.91 11.41 -42.53
N GLN D 367 45.79 10.70 -42.54
CA GLN D 367 45.25 10.08 -43.76
C GLN D 367 43.80 10.52 -43.93
N PRO D 368 43.57 11.73 -44.45
CA PRO D 368 42.19 12.19 -44.63
C PRO D 368 41.38 11.31 -45.56
N ALA D 369 41.99 10.77 -46.61
CA ALA D 369 41.26 9.93 -47.55
C ALA D 369 40.77 8.66 -46.88
N ARG D 370 41.60 8.05 -46.03
CA ARG D 370 41.18 6.84 -45.33
C ARG D 370 40.02 7.11 -44.40
N ALA D 371 40.07 8.24 -43.67
CA ALA D 371 38.97 8.58 -42.77
C ALA D 371 37.69 8.85 -43.54
N ALA D 372 37.79 9.54 -44.68
CA ALA D 372 36.61 9.78 -45.51
C ALA D 372 36.03 8.48 -46.02
N LYS D 373 36.89 7.55 -46.45
CA LYS D 373 36.40 6.25 -46.90
C LYS D 373 35.72 5.49 -45.77
N ILE D 374 36.28 5.56 -44.57
CA ILE D 374 35.68 4.87 -43.42
C ILE D 374 34.29 5.43 -43.13
N ASP D 375 34.16 6.76 -43.13
CA ASP D 375 32.85 7.36 -42.90
C ASP D 375 31.87 6.97 -43.99
N ARG D 376 32.30 7.01 -45.24
CA ARG D 376 31.41 6.68 -46.35
C ARG D 376 30.93 5.23 -46.26
N LEU D 377 31.84 4.31 -45.93
CA LEU D 377 31.45 2.92 -45.77
C LEU D 377 30.52 2.73 -44.58
N SER D 378 30.79 3.42 -43.46
CA SER D 378 29.97 3.25 -42.27
C SER D 378 28.55 3.71 -42.50
N ARG D 379 28.37 4.82 -43.21
CA ARG D 379 27.03 5.36 -43.45
C ARG D 379 26.11 4.32 -44.09
N ILE D 380 26.68 3.41 -44.87
CA ILE D 380 25.88 2.37 -45.50
C ILE D 380 25.88 1.09 -44.67
N ALA D 381 27.01 0.77 -44.03
CA ALA D 381 27.12 -0.50 -43.33
C ALA D 381 26.23 -0.56 -42.10
N PHE D 382 26.22 0.50 -41.29
CA PHE D 382 25.48 0.44 -40.03
C PHE D 382 23.99 0.27 -40.23
N PRO D 383 23.28 1.09 -41.02
CA PRO D 383 21.83 0.88 -41.17
C PRO D 383 21.49 -0.47 -41.77
N LEU D 384 22.28 -0.95 -42.73
CA LEU D 384 21.99 -2.24 -43.36
C LEU D 384 22.09 -3.37 -42.35
N LEU D 385 23.16 -3.39 -41.55
CA LEU D 385 23.32 -4.43 -40.55
C LEU D 385 22.23 -4.34 -39.49
N PHE D 386 21.85 -3.13 -39.07
CA PHE D 386 20.78 -3.00 -38.08
C PHE D 386 19.46 -3.52 -38.63
N GLY D 387 19.14 -3.20 -39.88
CA GLY D 387 17.92 -3.71 -40.48
C GLY D 387 17.92 -5.22 -40.60
N ILE D 388 19.07 -5.79 -41.00
CA ILE D 388 19.17 -7.24 -41.11
C ILE D 388 18.98 -7.90 -39.75
N PHE D 389 19.60 -7.33 -38.71
CA PHE D 389 19.44 -7.89 -37.38
C PHE D 389 17.99 -7.82 -36.94
N ASN D 390 17.31 -6.70 -37.20
CA ASN D 390 15.91 -6.59 -36.82
C ASN D 390 15.05 -7.62 -37.54
N LEU D 391 15.30 -7.80 -38.84
CA LEU D 391 14.56 -8.82 -39.58
C LEU D 391 14.76 -10.20 -38.97
N VAL D 392 16.02 -10.56 -38.70
CA VAL D 392 16.30 -11.88 -38.14
C VAL D 392 15.64 -12.05 -36.79
N TYR D 393 15.75 -11.04 -35.92
CA TYR D 393 15.21 -11.14 -34.57
C TYR D 393 13.70 -11.29 -34.58
N TRP D 394 13.01 -10.43 -35.34
CA TRP D 394 11.55 -10.49 -35.33
C TRP D 394 11.04 -11.75 -36.02
N ALA D 395 11.72 -12.19 -37.09
CA ALA D 395 11.34 -13.45 -37.71
C ALA D 395 11.51 -14.61 -36.77
N THR D 396 12.61 -14.63 -36.00
CA THR D 396 12.86 -15.73 -35.08
C THR D 396 11.83 -15.75 -33.96
N TYR D 397 11.58 -14.61 -33.33
CA TYR D 397 10.74 -14.60 -32.13
C TYR D 397 9.26 -14.45 -32.41
N LEU D 398 8.85 -14.14 -33.64
CA LEU D 398 7.44 -14.10 -33.97
C LEU D 398 6.95 -15.41 -34.58
N ASN D 399 7.82 -16.43 -34.66
CA ASN D 399 7.43 -17.74 -35.13
C ASN D 399 8.02 -18.84 -34.24
N ARG D 400 8.14 -18.56 -32.95
CA ARG D 400 8.81 -19.47 -32.02
C ARG D 400 7.92 -20.66 -31.67
N ASN E 62 -14.54 -11.03 51.38
CA ASN E 62 -15.70 -11.88 51.14
C ASN E 62 -16.11 -11.80 49.67
N MET E 63 -15.35 -12.48 48.81
CA MET E 63 -15.68 -12.50 47.39
C MET E 63 -16.99 -13.24 47.11
N SER E 64 -17.44 -14.09 48.03
CA SER E 64 -18.71 -14.78 47.82
C SER E 64 -19.88 -13.80 47.75
N PHE E 65 -19.88 -12.80 48.62
CA PHE E 65 -20.96 -11.80 48.60
C PHE E 65 -20.95 -11.01 47.31
N VAL E 66 -19.77 -10.62 46.84
CA VAL E 66 -19.68 -9.87 45.59
C VAL E 66 -20.13 -10.73 44.42
N LYS E 67 -19.75 -12.01 44.43
CA LYS E 67 -20.18 -12.91 43.36
C LYS E 67 -21.69 -13.08 43.36
N GLU E 68 -22.30 -13.21 44.55
CA GLU E 68 -23.75 -13.30 44.63
C GLU E 68 -24.40 -12.03 44.10
N THR E 69 -23.87 -10.87 44.47
CA THR E 69 -24.43 -9.61 44.02
C THR E 69 -24.36 -9.49 42.49
N VAL E 70 -23.21 -9.83 41.91
CA VAL E 70 -23.05 -9.72 40.47
C VAL E 70 -23.96 -10.70 39.74
N ASP E 71 -24.07 -11.93 40.26
CA ASP E 71 -24.98 -12.90 39.66
C ASP E 71 -26.43 -12.40 39.72
N LYS E 72 -26.81 -11.79 40.84
CA LYS E 72 -28.16 -11.25 40.95
C LYS E 72 -28.39 -10.11 39.97
N LEU E 73 -27.38 -9.27 39.76
CA LEU E 73 -27.52 -8.17 38.80
C LEU E 73 -27.76 -8.68 37.39
N LEU E 74 -27.02 -9.69 36.97
CA LEU E 74 -27.10 -10.20 35.60
C LEU E 74 -28.18 -11.25 35.42
N LYS E 75 -28.86 -11.66 36.48
CA LYS E 75 -29.94 -12.64 36.36
C LYS E 75 -31.20 -11.94 35.86
N GLY E 76 -31.71 -12.40 34.71
CA GLY E 76 -32.85 -11.77 34.10
C GLY E 76 -32.53 -10.52 33.31
N TYR E 77 -31.27 -10.12 33.24
CA TYR E 77 -30.88 -8.94 32.48
C TYR E 77 -31.06 -9.21 30.99
N ASP E 78 -31.65 -8.24 30.30
CA ASP E 78 -31.87 -8.33 28.86
C ASP E 78 -30.97 -7.33 28.15
N ILE E 79 -30.11 -7.83 27.26
CA ILE E 79 -29.18 -6.95 26.56
C ILE E 79 -29.80 -6.31 25.32
N ARG E 80 -30.99 -6.74 24.92
CA ARG E 80 -31.66 -6.19 23.75
C ARG E 80 -32.43 -4.91 24.07
N LEU E 81 -32.58 -4.56 25.34
CA LEU E 81 -33.39 -3.41 25.74
C LEU E 81 -32.49 -2.37 26.38
N ARG E 82 -32.57 -1.14 25.88
CA ARG E 82 -31.81 -0.05 26.44
C ARG E 82 -32.35 0.32 27.82
N PRO E 83 -31.55 0.97 28.65
CA PRO E 83 -32.06 1.44 29.94
C PRO E 83 -33.25 2.37 29.75
N ASP E 84 -34.23 2.23 30.64
CA ASP E 84 -35.48 2.99 30.56
C ASP E 84 -36.14 2.83 29.20
N PHE E 85 -36.25 1.57 28.76
CA PHE E 85 -36.83 1.29 27.46
C PHE E 85 -38.28 1.73 27.41
N GLY E 86 -38.60 2.60 26.45
CA GLY E 86 -39.92 3.17 26.33
C GLY E 86 -40.15 4.41 27.16
N GLY E 87 -39.20 4.79 28.01
CA GLY E 87 -39.33 5.98 28.82
C GLY E 87 -38.47 7.12 28.32
N PRO E 88 -37.96 7.95 29.23
CA PRO E 88 -37.13 9.06 28.82
C PRO E 88 -35.82 8.56 28.23
N PRO E 89 -35.20 9.34 27.34
CA PRO E 89 -33.95 8.90 26.71
C PRO E 89 -32.82 8.77 27.72
N VAL E 90 -31.89 7.86 27.41
CA VAL E 90 -30.71 7.64 28.23
C VAL E 90 -29.61 8.57 27.74
N CYS E 91 -29.00 9.30 28.67
CA CYS E 91 -27.98 10.28 28.35
C CYS E 91 -26.59 9.67 28.50
N VAL E 92 -25.76 9.82 27.48
CA VAL E 92 -24.41 9.27 27.47
C VAL E 92 -23.42 10.42 27.39
N GLY E 93 -22.47 10.44 28.31
CA GLY E 93 -21.43 11.45 28.32
C GLY E 93 -20.13 10.88 27.79
N MET E 94 -19.42 11.68 26.99
CA MET E 94 -18.24 11.22 26.27
C MET E 94 -17.00 11.94 26.78
N ASN E 95 -15.92 11.17 26.96
CA ASN E 95 -14.60 11.71 27.23
C ASN E 95 -13.62 11.11 26.24
N ILE E 96 -12.70 11.93 25.74
CA ILE E 96 -11.68 11.47 24.80
C ILE E 96 -10.33 11.97 25.28
N ASP E 97 -9.36 11.06 25.37
CA ASP E 97 -7.98 11.40 25.66
C ASP E 97 -7.14 11.02 24.44
N ILE E 98 -6.59 12.02 23.76
CA ILE E 98 -5.85 11.78 22.53
C ILE E 98 -4.43 11.35 22.89
N ALA E 99 -4.09 10.10 22.60
CA ALA E 99 -2.73 9.63 22.89
C ALA E 99 -1.75 10.20 21.87
N SER E 100 -2.12 10.21 20.59
CA SER E 100 -1.25 10.72 19.55
C SER E 100 -2.02 10.80 18.24
N ILE E 101 -1.64 11.75 17.40
CA ILE E 101 -2.08 11.80 16.02
C ILE E 101 -0.89 11.37 15.16
N ASP E 102 -1.01 10.22 14.52
CA ASP E 102 0.15 9.58 13.90
C ASP E 102 0.60 10.34 12.65
N MET E 103 -0.26 10.42 11.65
CA MET E 103 0.12 11.02 10.39
C MET E 103 -1.08 11.67 9.74
N VAL E 104 -0.83 12.74 9.00
CA VAL E 104 -1.85 13.42 8.21
C VAL E 104 -1.44 13.29 6.75
N SER E 105 -2.31 12.69 5.95
CA SER E 105 -1.99 12.32 4.58
C SER E 105 -2.82 13.15 3.61
N GLU E 106 -2.14 13.94 2.77
CA GLU E 106 -2.84 14.65 1.72
C GLU E 106 -3.17 13.73 0.55
N VAL E 107 -2.37 12.70 0.33
CA VAL E 107 -2.62 11.78 -0.78
C VAL E 107 -3.92 11.03 -0.56
N ASN E 108 -4.13 10.52 0.65
CA ASN E 108 -5.33 9.76 0.97
C ASN E 108 -6.43 10.61 1.57
N MET E 109 -6.16 11.87 1.88
CA MET E 109 -7.15 12.78 2.47
C MET E 109 -7.71 12.20 3.77
N ASP E 110 -6.82 11.83 4.68
CA ASP E 110 -7.22 11.27 5.95
C ASP E 110 -6.11 11.47 6.97
N TYR E 111 -6.40 11.08 8.21
CA TYR E 111 -5.43 11.17 9.29
C TYR E 111 -5.69 10.05 10.29
N THR E 112 -4.63 9.61 10.95
CA THR E 112 -4.71 8.51 11.91
C THR E 112 -4.58 9.06 13.33
N LEU E 113 -5.42 8.54 14.23
CA LEU E 113 -5.54 9.09 15.57
C LEU E 113 -5.82 7.98 16.57
N THR E 114 -5.09 7.97 17.68
CA THR E 114 -5.25 6.99 18.74
C THR E 114 -5.79 7.68 19.99
N MET E 115 -6.76 7.05 20.65
CA MET E 115 -7.43 7.73 21.75
C MET E 115 -7.98 6.72 22.76
N TYR E 116 -8.15 7.21 23.98
CA TYR E 116 -8.94 6.54 25.00
C TYR E 116 -10.34 7.17 24.97
N PHE E 117 -11.34 6.34 24.70
CA PHE E 117 -12.71 6.79 24.48
C PHE E 117 -13.58 6.22 25.60
N GLN E 118 -14.10 7.10 26.45
CA GLN E 118 -14.88 6.70 27.61
C GLN E 118 -16.33 7.17 27.45
N GLN E 119 -17.27 6.28 27.75
CA GLN E 119 -18.68 6.59 27.76
C GLN E 119 -19.23 6.38 29.16
N TYR E 120 -20.09 7.30 29.58
CA TYR E 120 -20.63 7.33 30.93
CA TYR E 120 -20.63 7.33 30.93
C TYR E 120 -22.15 7.37 30.84
N TRP E 121 -22.81 6.42 31.48
CA TRP E 121 -24.27 6.45 31.48
C TRP E 121 -24.79 5.79 32.75
N ARG E 122 -26.11 5.69 32.85
CA ARG E 122 -26.75 5.14 34.04
C ARG E 122 -27.74 4.06 33.65
N ASP E 123 -27.63 2.91 34.31
CA ASP E 123 -28.56 1.81 34.14
C ASP E 123 -29.10 1.41 35.51
N LYS E 124 -30.39 1.60 35.72
CA LYS E 124 -30.98 1.26 37.01
C LYS E 124 -31.02 -0.23 37.27
N ARG E 125 -30.90 -1.06 36.22
CA ARG E 125 -30.87 -2.50 36.42
C ARG E 125 -29.61 -2.95 37.12
N LEU E 126 -28.51 -2.19 36.99
CA LEU E 126 -27.21 -2.55 37.54
C LEU E 126 -26.92 -1.82 38.84
N ALA E 127 -27.94 -1.58 39.66
CA ALA E 127 -27.76 -0.93 40.94
C ALA E 127 -27.58 -1.97 42.03
N TYR E 128 -26.56 -1.79 42.87
CA TYR E 128 -26.27 -2.71 43.96
C TYR E 128 -26.02 -1.91 45.23
N SER E 129 -26.36 -2.52 46.36
CA SER E 129 -26.22 -1.90 47.66
C SER E 129 -25.45 -2.83 48.60
N GLY E 130 -24.81 -2.24 49.60
CA GLY E 130 -24.04 -2.99 50.57
C GLY E 130 -22.58 -3.19 50.23
N ILE E 131 -22.14 -2.77 49.06
CA ILE E 131 -20.75 -2.89 48.63
C ILE E 131 -20.23 -1.49 48.33
N PRO E 132 -19.58 -0.83 49.29
CA PRO E 132 -19.10 0.54 49.10
C PRO E 132 -17.82 0.60 48.27
N LEU E 133 -17.92 0.18 47.00
CA LEU E 133 -16.77 0.15 46.12
C LEU E 133 -17.21 0.44 44.70
N ASN E 134 -16.29 1.04 43.92
CA ASN E 134 -16.43 1.08 42.47
C ASN E 134 -16.06 -0.31 41.95
N LEU E 135 -17.07 -1.09 41.55
CA LEU E 135 -16.78 -2.45 41.08
C LEU E 135 -16.14 -2.40 39.71
N THR E 136 -14.83 -2.57 39.66
CA THR E 136 -14.10 -2.67 38.40
C THR E 136 -14.13 -4.12 37.96
N LEU E 137 -14.87 -4.42 36.90
CA LEU E 137 -15.05 -5.81 36.48
C LEU E 137 -14.12 -6.16 35.34
N ASP E 138 -14.04 -7.46 35.05
CA ASP E 138 -13.31 -7.91 33.88
C ASP E 138 -13.97 -7.37 32.62
N ASN E 139 -13.16 -7.13 31.58
CA ASN E 139 -13.70 -6.49 30.39
C ASN E 139 -14.72 -7.38 29.68
N ARG E 140 -14.64 -8.70 29.84
CA ARG E 140 -15.56 -9.59 29.17
C ARG E 140 -17.01 -9.40 29.66
N VAL E 141 -17.20 -8.84 30.84
CA VAL E 141 -18.54 -8.53 31.32
C VAL E 141 -19.25 -7.58 30.37
N ALA E 142 -18.49 -6.81 29.57
CA ALA E 142 -19.10 -5.94 28.58
C ALA E 142 -19.93 -6.70 27.56
N ASP E 143 -19.69 -8.00 27.39
CA ASP E 143 -20.50 -8.79 26.47
C ASP E 143 -21.85 -9.19 27.07
N GLN E 144 -22.07 -8.95 28.36
CA GLN E 144 -23.31 -9.30 29.03
C GLN E 144 -24.10 -8.07 29.47
N LEU E 145 -23.76 -6.90 28.94
CA LEU E 145 -24.43 -5.66 29.29
C LEU E 145 -24.85 -4.94 28.03
N TRP E 146 -25.76 -3.98 28.19
CA TRP E 146 -26.13 -3.10 27.10
C TRP E 146 -25.13 -1.96 27.00
N VAL E 147 -24.63 -1.71 25.80
CA VAL E 147 -23.70 -0.60 25.57
C VAL E 147 -24.21 0.23 24.41
N PRO E 148 -23.93 1.53 24.38
CA PRO E 148 -24.37 2.35 23.25
C PRO E 148 -23.71 1.91 21.96
N ASP E 149 -24.43 2.06 20.85
CA ASP E 149 -23.91 1.71 19.53
C ASP E 149 -23.22 2.90 18.87
N THR E 150 -22.28 3.50 19.61
CA THR E 150 -21.57 4.67 19.13
C THR E 150 -20.64 4.28 17.98
N TYR E 151 -20.62 5.11 16.93
CA TYR E 151 -19.71 4.89 15.82
C TYR E 151 -19.22 6.24 15.32
N PHE E 152 -18.13 6.20 14.56
CA PHE E 152 -17.50 7.38 14.01
C PHE E 152 -17.91 7.52 12.55
N LEU E 153 -18.63 8.60 12.24
CA LEU E 153 -19.28 8.73 10.95
C LEU E 153 -18.27 8.78 9.81
N ASN E 154 -17.17 9.52 9.98
CA ASN E 154 -16.23 9.76 8.89
C ASN E 154 -14.96 8.94 9.02
N ASP E 155 -15.05 7.71 9.47
CA ASP E 155 -13.88 6.84 9.57
C ASP E 155 -13.80 5.91 8.37
N LYS E 156 -12.58 5.44 8.09
CA LYS E 156 -12.33 4.51 7.00
C LYS E 156 -11.89 3.15 7.48
N LYS E 157 -11.14 3.08 8.58
CA LYS E 157 -10.71 1.81 9.15
C LYS E 157 -10.33 2.05 10.60
N SER E 158 -11.04 1.41 11.52
CA SER E 158 -10.78 1.55 12.94
C SER E 158 -10.74 0.18 13.59
N PHE E 159 -10.02 0.09 14.70
CA PHE E 159 -9.94 -1.15 15.45
C PHE E 159 -9.71 -0.85 16.91
N VAL E 160 -10.03 -1.81 17.76
CA VAL E 160 -9.78 -1.74 19.20
C VAL E 160 -8.58 -2.61 19.50
N HIS E 161 -7.61 -2.06 20.23
CA HIS E 161 -6.39 -2.79 20.54
C HIS E 161 -6.70 -4.03 21.37
N GLY E 162 -6.01 -5.12 21.07
CA GLY E 162 -6.31 -6.39 21.71
C GLY E 162 -5.10 -7.15 22.23
N VAL E 163 -4.07 -6.43 22.66
CA VAL E 163 -2.89 -7.02 23.28
C VAL E 163 -2.64 -6.28 24.60
N THR E 164 -2.48 -7.03 25.70
CA THR E 164 -2.48 -8.49 25.69
C THR E 164 -3.89 -9.07 25.72
N VAL E 165 -4.84 -8.29 26.24
CA VAL E 165 -6.25 -8.63 26.15
C VAL E 165 -6.94 -7.49 25.41
N LYS E 166 -8.24 -7.62 25.17
CA LYS E 166 -8.97 -6.55 24.51
C LYS E 166 -8.99 -5.32 25.39
N ASN E 167 -8.50 -4.21 24.86
CA ASN E 167 -8.33 -2.99 25.65
C ASN E 167 -9.70 -2.39 25.97
N ARG E 168 -10.25 -2.73 27.13
CA ARG E 168 -11.61 -2.37 27.46
C ARG E 168 -11.76 -2.35 28.98
N MET E 169 -12.54 -1.38 29.48
CA MET E 169 -12.72 -1.19 30.91
C MET E 169 -14.20 -1.07 31.22
N ILE E 170 -14.66 -1.85 32.20
CA ILE E 170 -16.03 -1.79 32.70
C ILE E 170 -15.97 -1.47 34.18
N ARG E 171 -16.59 -0.37 34.58
CA ARG E 171 -16.60 0.05 35.97
C ARG E 171 -18.02 0.40 36.39
N LEU E 172 -18.56 -0.33 37.35
CA LEU E 172 -19.89 -0.10 37.88
C LEU E 172 -19.80 0.69 39.18
N HIS E 173 -20.84 1.47 39.45
CA HIS E 173 -20.93 2.31 40.62
C HIS E 173 -22.22 2.00 41.37
N PRO E 174 -22.27 2.26 42.68
CA PRO E 174 -23.41 1.79 43.47
C PRO E 174 -24.76 2.29 42.98
N ASP E 175 -24.84 3.50 42.43
CA ASP E 175 -26.10 4.02 41.92
C ASP E 175 -26.47 3.46 40.56
N GLY E 176 -25.72 2.49 40.06
CA GLY E 176 -25.97 1.92 38.75
C GLY E 176 -25.21 2.55 37.61
N THR E 177 -24.41 3.58 37.88
CA THR E 177 -23.68 4.26 36.82
C THR E 177 -22.62 3.34 36.22
N VAL E 178 -22.53 3.34 34.90
CA VAL E 178 -21.60 2.51 34.16
C VAL E 178 -20.61 3.40 33.44
N LEU E 179 -19.32 3.10 33.61
CA LEU E 179 -18.25 3.70 32.85
C LEU E 179 -17.64 2.63 31.94
N TYR E 180 -17.56 2.93 30.65
CA TYR E 180 -17.16 1.97 29.62
C TYR E 180 -16.07 2.61 28.78
N GLY E 181 -14.86 2.08 28.87
CA GLY E 181 -13.71 2.67 28.21
C GLY E 181 -13.11 1.75 27.17
N LEU E 182 -12.65 2.34 26.06
CA LEU E 182 -12.01 1.61 24.98
C LEU E 182 -10.77 2.37 24.53
N ARG E 183 -9.83 1.66 23.90
CA ARG E 183 -8.66 2.29 23.30
C ARG E 183 -8.74 2.04 21.80
N ILE E 184 -8.93 3.10 21.03
CA ILE E 184 -9.28 3.00 19.61
C ILE E 184 -8.25 3.75 18.79
N THR E 185 -7.74 3.08 17.76
CA THR E 185 -6.93 3.72 16.72
C THR E 185 -7.75 3.78 15.45
N THR E 186 -8.02 4.98 14.96
CA THR E 186 -8.92 5.17 13.84
C THR E 186 -8.26 6.01 12.75
N THR E 187 -8.47 5.61 11.51
CA THR E 187 -8.16 6.44 10.35
C THR E 187 -9.44 7.14 9.94
N ALA E 188 -9.42 8.47 9.91
CA ALA E 188 -10.60 9.26 9.66
C ALA E 188 -10.38 10.16 8.45
N ALA E 189 -11.41 10.27 7.62
CA ALA E 189 -11.31 11.07 6.41
C ALA E 189 -11.32 12.56 6.75
N CYS E 190 -10.54 13.33 5.99
CA CYS E 190 -10.49 14.78 6.16
C CYS E 190 -10.17 15.38 4.79
N MET E 191 -11.19 15.89 4.10
CA MET E 191 -10.97 16.53 2.82
C MET E 191 -10.20 17.82 3.00
N MET E 192 -9.24 18.06 2.10
CA MET E 192 -8.35 19.19 2.19
C MET E 192 -8.46 20.08 0.96
N ASP E 193 -8.31 21.39 1.17
CA ASP E 193 -8.30 22.37 0.10
C ASP E 193 -6.85 22.78 -0.13
N LEU E 194 -6.25 22.26 -1.19
CA LEU E 194 -4.85 22.49 -1.49
C LEU E 194 -4.64 23.57 -2.53
N ARG E 195 -5.66 24.38 -2.83
CA ARG E 195 -5.52 25.44 -3.81
C ARG E 195 -4.45 26.44 -3.39
N ARG E 196 -4.45 26.83 -2.12
CA ARG E 196 -3.50 27.81 -1.60
C ARG E 196 -2.26 27.16 -1.01
N TYR E 197 -1.88 25.99 -1.51
CA TYR E 197 -0.71 25.30 -1.00
C TYR E 197 0.54 26.15 -1.24
N PRO E 198 1.47 26.23 -0.28
CA PRO E 198 1.46 25.62 1.06
C PRO E 198 0.97 26.56 2.14
N LEU E 199 0.25 27.62 1.76
CA LEU E 199 -0.35 28.51 2.75
C LEU E 199 -1.68 27.99 3.26
N ASP E 200 -2.10 26.80 2.83
CA ASP E 200 -3.40 26.27 3.19
C ASP E 200 -3.49 26.01 4.69
N GLU E 201 -4.69 26.20 5.23
CA GLU E 201 -5.00 25.90 6.63
C GLU E 201 -6.16 24.92 6.63
N GLN E 202 -5.95 23.76 7.23
CA GLN E 202 -6.91 22.67 7.17
C GLN E 202 -7.76 22.60 8.43
N ASN E 203 -8.88 21.89 8.32
CA ASN E 203 -9.81 21.71 9.44
C ASN E 203 -10.30 20.28 9.38
N CYS E 204 -9.77 19.44 10.28
CA CYS E 204 -10.07 18.01 10.29
C CYS E 204 -10.97 17.67 11.46
N THR E 205 -12.03 16.93 11.20
CA THR E 205 -13.06 16.65 12.18
C THR E 205 -13.14 15.16 12.48
N LEU E 206 -13.70 14.86 13.65
CA LEU E 206 -14.09 13.52 14.04
C LEU E 206 -15.54 13.58 14.48
N GLU E 207 -16.39 12.79 13.85
CA GLU E 207 -17.83 12.82 14.07
C GLU E 207 -18.25 11.56 14.81
N ILE E 208 -19.03 11.73 15.88
CA ILE E 208 -19.47 10.66 16.74
C ILE E 208 -20.99 10.64 16.73
N GLU E 209 -21.57 9.48 16.43
CA GLU E 209 -23.01 9.40 16.26
C GLU E 209 -23.51 8.04 16.70
N SER E 210 -24.77 7.99 17.12
CA SER E 210 -25.43 6.73 17.40
C SER E 210 -25.93 6.10 16.11
N TYR E 211 -25.72 4.80 15.95
CA TYR E 211 -26.06 4.15 14.70
C TYR E 211 -27.53 3.77 14.62
N GLY E 212 -28.07 3.15 15.67
CA GLY E 212 -29.43 2.65 15.60
C GLY E 212 -30.46 3.49 16.31
N TYR E 213 -30.13 3.96 17.51
CA TYR E 213 -31.10 4.69 18.32
C TYR E 213 -31.17 6.15 17.90
N THR E 214 -32.37 6.72 17.92
CA THR E 214 -32.59 8.10 17.55
C THR E 214 -32.60 8.98 18.80
N THR E 215 -32.85 10.27 18.61
CA THR E 215 -32.86 11.21 19.73
C THR E 215 -34.00 10.95 20.70
N ASP E 216 -35.01 10.17 20.31
CA ASP E 216 -36.07 9.78 21.24
C ASP E 216 -35.60 8.73 22.23
N ASP E 217 -34.48 8.07 21.99
CA ASP E 217 -33.98 7.00 22.83
C ASP E 217 -32.67 7.32 23.51
N ILE E 218 -31.75 8.00 22.83
CA ILE E 218 -30.41 8.21 23.35
C ILE E 218 -30.00 9.67 23.08
N GLU E 219 -29.24 10.23 24.02
CA GLU E 219 -28.74 11.58 23.91
C GLU E 219 -27.25 11.59 24.22
N PHE E 220 -26.51 12.46 23.53
CA PHE E 220 -25.08 12.60 23.69
C PHE E 220 -24.74 13.97 24.25
N TYR E 221 -23.69 14.02 25.06
CA TYR E 221 -23.17 15.29 25.54
C TYR E 221 -21.71 15.09 25.91
N TRP E 222 -20.98 16.21 26.00
CA TRP E 222 -19.60 16.17 26.45
C TRP E 222 -19.56 16.28 27.96
N ARG E 223 -18.88 15.32 28.60
CA ARG E 223 -18.77 15.32 30.05
C ARG E 223 -17.67 16.29 30.46
N GLY E 224 -18.02 17.28 31.28
CA GLY E 224 -17.10 18.31 31.66
C GLY E 224 -17.03 19.49 30.71
N GLY E 225 -17.86 19.53 29.68
CA GLY E 225 -17.85 20.66 28.77
C GLY E 225 -16.59 20.68 27.94
N ASP E 226 -15.91 21.82 27.92
CA ASP E 226 -14.71 22.00 27.11
C ASP E 226 -13.53 21.20 27.64
N LYS E 227 -13.63 20.61 28.82
CA LYS E 227 -12.58 19.77 29.37
C LYS E 227 -12.74 18.31 28.95
N ALA E 228 -13.70 18.00 28.09
CA ALA E 228 -13.97 16.62 27.72
C ALA E 228 -12.80 15.99 26.98
N VAL E 229 -12.17 16.73 26.08
CA VAL E 229 -11.06 16.23 25.29
C VAL E 229 -9.76 16.79 25.85
N THR E 230 -8.80 15.90 26.11
CA THR E 230 -7.52 16.28 26.70
C THR E 230 -6.39 15.69 25.87
N GLY E 231 -5.19 16.23 26.07
CA GLY E 231 -4.00 15.74 25.42
C GLY E 231 -3.74 16.29 24.04
N VAL E 232 -4.53 17.24 23.58
CA VAL E 232 -4.27 17.85 22.26
C VAL E 232 -3.00 18.67 22.30
N GLU E 233 -2.75 19.37 23.41
CA GLU E 233 -1.59 20.25 23.50
C GLU E 233 -0.26 19.49 23.43
N ARG E 234 -0.25 18.20 23.76
CA ARG E 234 0.97 17.41 23.71
C ARG E 234 1.26 16.84 22.33
N ILE E 235 0.39 17.06 21.37
CA ILE E 235 0.55 16.46 20.04
C ILE E 235 1.54 17.28 19.22
N GLU E 236 2.52 16.59 18.63
CA GLU E 236 3.47 17.20 17.72
C GLU E 236 3.37 16.51 16.37
N LEU E 237 3.19 17.29 15.32
CA LEU E 237 3.09 16.78 13.96
C LEU E 237 4.29 17.23 13.13
N PRO E 238 4.72 16.43 12.16
CA PRO E 238 5.87 16.85 11.33
C PRO E 238 5.61 18.10 10.51
N GLN E 239 4.51 18.12 9.73
CA GLN E 239 4.24 19.23 8.84
C GLN E 239 3.36 20.29 9.46
N PHE E 240 2.31 19.89 10.17
CA PHE E 240 1.32 20.81 10.68
C PHE E 240 1.57 21.16 12.14
N SER E 241 0.93 22.24 12.57
CA SER E 241 0.87 22.61 13.97
C SER E 241 -0.57 22.90 14.34
N ILE E 242 -1.07 22.26 15.40
CA ILE E 242 -2.46 22.42 15.78
C ILE E 242 -2.66 23.79 16.40
N VAL E 243 -3.63 24.54 15.89
CA VAL E 243 -3.90 25.88 16.38
C VAL E 243 -5.01 25.88 17.42
N GLU E 244 -6.12 25.23 17.13
CA GLU E 244 -7.27 25.27 18.03
C GLU E 244 -8.18 24.08 17.75
N HIS E 245 -8.71 23.50 18.82
CA HIS E 245 -9.70 22.44 18.72
C HIS E 245 -11.02 22.92 19.28
N ARG E 246 -12.10 22.31 18.82
CA ARG E 246 -13.45 22.77 19.10
C ARG E 246 -14.39 21.59 19.24
N LEU E 247 -15.32 21.68 20.19
CA LEU E 247 -16.29 20.64 20.48
C LEU E 247 -17.69 21.15 20.16
N VAL E 248 -18.46 20.38 19.42
CA VAL E 248 -19.81 20.76 19.00
C VAL E 248 -20.77 19.61 19.28
N SER E 249 -21.97 19.93 19.74
CA SER E 249 -23.02 18.97 19.96
C SER E 249 -24.28 19.42 19.21
N ARG E 250 -24.90 18.51 18.47
CA ARG E 250 -26.05 18.89 17.66
C ARG E 250 -26.87 17.63 17.33
N ASN E 251 -27.86 17.80 16.46
CA ASN E 251 -28.70 16.71 15.99
C ASN E 251 -28.66 16.68 14.46
N VAL E 252 -28.62 15.47 13.91
CA VAL E 252 -28.52 15.28 12.47
C VAL E 252 -29.70 14.42 12.03
N VAL E 253 -30.44 14.89 11.02
CA VAL E 253 -31.66 14.25 10.57
C VAL E 253 -31.38 13.49 9.28
N PHE E 254 -31.58 12.18 9.31
CA PHE E 254 -31.59 11.32 8.14
C PHE E 254 -33.03 10.90 7.85
N ALA E 255 -33.21 10.18 6.75
CA ALA E 255 -34.54 9.70 6.36
C ALA E 255 -35.15 8.80 7.41
N THR E 256 -34.34 8.19 8.28
CA THR E 256 -34.83 7.32 9.33
C THR E 256 -35.10 8.05 10.63
N GLY E 257 -34.74 9.33 10.75
CA GLY E 257 -35.03 10.09 11.94
C GLY E 257 -33.85 10.92 12.36
N ALA E 258 -33.93 11.48 13.56
CA ALA E 258 -32.91 12.38 14.08
C ALA E 258 -32.01 11.66 15.05
N TYR E 259 -30.70 11.87 14.93
CA TYR E 259 -29.69 11.22 15.73
C TYR E 259 -28.81 12.25 16.41
N PRO E 260 -28.35 11.97 17.62
CA PRO E 260 -27.40 12.89 18.27
C PRO E 260 -26.05 12.84 17.59
N ARG E 261 -25.33 13.96 17.67
CA ARG E 261 -24.05 14.08 16.98
C ARG E 261 -23.10 14.89 17.83
N LEU E 262 -21.86 14.42 17.95
CA LEU E 262 -20.77 15.16 18.57
C LEU E 262 -19.66 15.33 17.56
N SER E 263 -19.01 16.49 17.57
CA SER E 263 -17.94 16.78 16.62
C SER E 263 -16.73 17.33 17.38
N LEU E 264 -15.56 16.74 17.12
CA LEU E 264 -14.29 17.23 17.64
C LEU E 264 -13.45 17.64 16.45
N SER E 265 -13.14 18.93 16.35
CA SER E 265 -12.48 19.45 15.16
C SER E 265 -11.19 20.17 15.53
N PHE E 266 -10.14 19.92 14.75
CA PHE E 266 -8.85 20.59 14.90
C PHE E 266 -8.57 21.45 13.68
N ARG E 267 -8.00 22.62 13.91
CA ARG E 267 -7.58 23.51 12.84
C ARG E 267 -6.05 23.47 12.75
N LEU E 268 -5.53 22.98 11.63
CA LEU E 268 -4.11 22.77 11.44
C LEU E 268 -3.55 23.85 10.52
N LYS E 269 -2.45 24.47 10.95
CA LYS E 269 -1.73 25.43 10.13
C LYS E 269 -0.39 24.82 9.74
N ARG E 270 -0.11 24.81 8.43
CA ARG E 270 1.10 24.17 7.93
C ARG E 270 2.32 25.03 8.21
N ASN E 271 3.44 24.37 8.53
CA ASN E 271 4.69 25.08 8.69
C ASN E 271 5.16 25.59 7.33
N ILE E 272 5.53 26.87 7.27
CA ILE E 272 5.70 27.55 5.99
C ILE E 272 7.12 28.02 5.74
N GLY E 273 7.98 28.12 6.76
CA GLY E 273 9.28 28.74 6.56
C GLY E 273 10.15 27.98 5.58
N TYR E 274 10.20 26.66 5.71
CA TYR E 274 11.11 25.87 4.89
C TYR E 274 10.68 25.90 3.42
N PHE E 275 9.38 25.82 3.15
CA PHE E 275 8.92 25.91 1.77
C PHE E 275 9.27 27.26 1.16
N ILE E 276 9.05 28.34 1.90
CA ILE E 276 9.37 29.68 1.38
C ILE E 276 10.86 29.79 1.10
N LEU E 277 11.70 29.28 2.00
CA LEU E 277 13.13 29.30 1.77
C LEU E 277 13.59 28.31 0.72
N GLN E 278 12.72 27.40 0.28
CA GLN E 278 13.12 26.31 -0.61
C GLN E 278 12.63 26.46 -2.04
N THR E 279 11.40 26.94 -2.25
CA THR E 279 10.85 26.96 -3.60
C THR E 279 10.53 28.35 -4.14
N TYR E 280 10.22 29.32 -3.29
CA TYR E 280 9.87 30.65 -3.77
C TYR E 280 11.11 31.53 -3.95
N MET E 281 11.96 31.62 -2.94
CA MET E 281 13.14 32.46 -3.02
C MET E 281 14.09 32.05 -4.14
N PRO E 282 14.45 30.77 -4.31
CA PRO E 282 15.29 30.41 -5.47
C PRO E 282 14.66 30.76 -6.80
N SER E 283 13.35 30.57 -6.94
CA SER E 283 12.68 30.92 -8.20
C SER E 283 12.77 32.40 -8.48
N ILE E 284 12.49 33.22 -7.47
CA ILE E 284 12.56 34.67 -7.66
C ILE E 284 13.98 35.09 -7.99
N LEU E 285 14.97 34.53 -7.29
CA LEU E 285 16.36 34.89 -7.54
C LEU E 285 16.78 34.51 -8.96
N ILE E 286 16.35 33.33 -9.43
CA ILE E 286 16.70 32.92 -10.78
C ILE E 286 16.05 33.83 -11.81
N THR E 287 14.78 34.19 -11.60
CA THR E 287 14.12 35.08 -12.54
C THR E 287 14.78 36.45 -12.56
N ILE E 288 15.24 36.93 -11.40
CA ILE E 288 15.98 38.20 -11.37
C ILE E 288 17.30 38.06 -12.12
N LEU E 289 18.01 36.95 -11.89
CA LEU E 289 19.31 36.75 -12.54
C LEU E 289 19.17 36.62 -14.05
N SER E 290 18.02 36.14 -14.52
CA SER E 290 17.81 36.00 -15.96
C SER E 290 17.87 37.33 -16.69
N TRP E 291 17.67 38.45 -16.00
CA TRP E 291 17.67 39.76 -16.63
C TRP E 291 19.06 40.38 -16.71
N VAL E 292 20.06 39.77 -16.08
CA VAL E 292 21.42 40.31 -16.14
C VAL E 292 21.93 40.26 -17.57
N SER E 293 21.55 39.23 -18.33
CA SER E 293 22.01 39.10 -19.71
C SER E 293 21.53 40.25 -20.59
N PHE E 294 20.48 40.95 -20.20
CA PHE E 294 20.04 42.12 -20.96
C PHE E 294 21.11 43.20 -20.96
N TRP E 295 21.74 43.44 -19.81
CA TRP E 295 22.80 44.43 -19.73
C TRP E 295 24.10 43.96 -20.36
N ILE E 296 24.27 42.65 -20.54
CA ILE E 296 25.47 42.14 -21.18
C ILE E 296 25.44 42.48 -22.66
N ASN E 297 26.55 43.05 -23.15
CA ASN E 297 26.65 43.34 -24.57
C ASN E 297 26.65 42.04 -25.38
N TYR E 298 26.07 42.12 -26.58
CA TYR E 298 25.89 40.94 -27.42
C TYR E 298 27.17 40.48 -28.09
N ASP E 299 28.28 41.21 -27.94
CA ASP E 299 29.54 40.77 -28.53
C ASP E 299 30.01 39.46 -27.89
N ALA E 300 29.84 39.32 -26.59
CA ALA E 300 30.25 38.10 -25.87
C ALA E 300 29.04 37.20 -25.65
N SER E 301 28.64 36.55 -26.74
CA SER E 301 27.46 35.68 -26.70
C SER E 301 27.67 34.48 -25.80
N ALA E 302 28.92 34.09 -25.55
CA ALA E 302 29.18 32.93 -24.69
C ALA E 302 28.67 33.17 -23.27
N ALA E 303 28.87 34.38 -22.75
CA ALA E 303 28.39 34.68 -21.41
C ALA E 303 26.87 34.58 -21.32
N ARG E 304 26.16 35.08 -22.33
CA ARG E 304 24.71 35.02 -22.32
C ARG E 304 24.21 33.59 -22.46
N VAL E 305 24.88 32.78 -23.29
CA VAL E 305 24.52 31.37 -23.39
C VAL E 305 24.74 30.68 -22.05
N ALA E 306 25.85 30.98 -21.37
CA ALA E 306 26.10 30.40 -20.07
C ALA E 306 25.04 30.80 -19.06
N LEU E 307 24.63 32.08 -19.07
CA LEU E 307 23.59 32.52 -18.15
C LEU E 307 22.27 31.81 -18.43
N GLY E 308 21.90 31.68 -19.71
CA GLY E 308 20.67 30.99 -20.03
C GLY E 308 20.68 29.54 -19.60
N ILE E 309 21.80 28.85 -19.85
CA ILE E 309 21.92 27.45 -19.46
C ILE E 309 21.84 27.32 -17.93
N THR E 310 22.51 28.22 -17.21
CA THR E 310 22.47 28.17 -15.76
C THR E 310 21.06 28.39 -15.23
N THR E 311 20.34 29.36 -15.79
CA THR E 311 18.97 29.62 -15.34
C THR E 311 18.06 28.43 -15.62
N VAL E 312 18.18 27.83 -16.81
CA VAL E 312 17.32 26.70 -17.13
C VAL E 312 17.64 25.51 -16.23
N LEU E 313 18.94 25.25 -16.00
CA LEU E 313 19.31 24.16 -15.11
C LEU E 313 18.78 24.38 -13.70
N THR E 314 18.88 25.59 -13.19
CA THR E 314 18.39 25.87 -11.84
C THR E 314 16.89 25.70 -11.77
N MET E 315 16.16 26.16 -12.80
CA MET E 315 14.71 25.98 -12.80
C MET E 315 14.33 24.51 -12.82
N THR E 316 15.02 23.70 -13.63
CA THR E 316 14.73 22.27 -13.66
C THR E 316 15.04 21.62 -12.31
N THR E 317 16.14 22.02 -11.68
CA THR E 317 16.48 21.46 -10.37
C THR E 317 15.41 21.81 -9.33
N ILE E 318 14.96 23.06 -9.33
CA ILE E 318 13.90 23.47 -8.40
C ILE E 318 12.64 22.67 -8.67
N ASN E 319 12.29 22.48 -9.94
CA ASN E 319 11.07 21.75 -10.27
C ASN E 319 11.16 20.30 -9.81
N THR E 320 12.31 19.66 -10.03
CA THR E 320 12.47 18.26 -9.60
C THR E 320 12.39 18.15 -8.09
N HIS E 321 13.05 19.05 -7.37
CA HIS E 321 12.98 18.99 -5.91
C HIS E 321 11.57 19.24 -5.40
N LEU E 322 10.83 20.15 -6.05
CA LEU E 322 9.45 20.37 -5.67
C LEU E 322 8.59 19.14 -5.93
N ARG E 323 8.79 18.49 -7.08
CA ARG E 323 8.08 17.24 -7.36
C ARG E 323 8.36 16.22 -6.27
N GLU E 324 9.62 16.17 -5.80
CA GLU E 324 9.97 15.25 -4.73
C GLU E 324 9.27 15.62 -3.42
N THR E 325 9.18 16.91 -3.10
CA THR E 325 8.57 17.32 -1.84
C THR E 325 7.06 17.13 -1.87
N LEU E 326 6.42 17.52 -2.96
CA LEU E 326 4.96 17.56 -2.99
C LEU E 326 4.38 16.16 -2.94
N PRO E 327 3.22 15.98 -2.28
CA PRO E 327 2.49 14.72 -2.42
C PRO E 327 1.94 14.56 -3.82
N LYS E 328 1.81 13.31 -4.24
CA LYS E 328 1.40 13.00 -5.61
C LYS E 328 -0.13 12.97 -5.74
N ILE E 329 -0.74 14.09 -5.42
CA ILE E 329 -2.18 14.28 -5.58
C ILE E 329 -2.42 14.95 -6.94
N PRO E 330 -3.10 14.30 -7.88
CA PRO E 330 -3.20 14.84 -9.25
C PRO E 330 -4.27 15.92 -9.39
N TYR E 331 -3.98 17.10 -8.85
CA TYR E 331 -4.83 18.26 -9.07
C TYR E 331 -4.02 19.53 -8.80
N VAL E 332 -4.53 20.64 -9.32
CA VAL E 332 -3.73 21.87 -9.42
C VAL E 332 -3.45 22.46 -8.04
N LYS E 333 -2.31 23.12 -7.91
CA LYS E 333 -1.93 23.86 -6.71
C LYS E 333 -1.28 25.17 -7.13
N ALA E 334 -1.26 26.13 -6.20
CA ALA E 334 -0.75 27.46 -6.53
C ALA E 334 0.74 27.43 -6.84
N ILE E 335 1.52 26.65 -6.09
CA ILE E 335 2.96 26.64 -6.28
C ILE E 335 3.33 26.13 -7.66
N ASP E 336 2.57 25.17 -8.19
CA ASP E 336 2.81 24.70 -9.55
C ASP E 336 2.64 25.83 -10.56
N MET E 337 1.59 26.62 -10.41
CA MET E 337 1.36 27.73 -11.32
C MET E 337 2.45 28.79 -11.20
N TYR E 338 2.90 29.07 -9.97
CA TYR E 338 3.97 30.04 -9.80
C TYR E 338 5.25 29.57 -10.48
N LEU E 339 5.62 28.29 -10.30
CA LEU E 339 6.81 27.78 -10.94
C LEU E 339 6.67 27.77 -12.46
N MET E 340 5.49 27.45 -12.97
CA MET E 340 5.27 27.50 -14.41
C MET E 340 5.43 28.91 -14.94
N GLY E 341 4.92 29.90 -14.21
CA GLY E 341 5.09 31.28 -14.64
C GLY E 341 6.55 31.71 -14.65
N CYS E 342 7.31 31.33 -13.62
CA CYS E 342 8.73 31.66 -13.59
C CYS E 342 9.48 31.00 -14.75
N PHE E 343 9.16 29.74 -15.04
CA PHE E 343 9.81 29.06 -16.15
C PHE E 343 9.45 29.72 -17.48
N VAL E 344 8.20 30.14 -17.63
CA VAL E 344 7.80 30.85 -18.85
C VAL E 344 8.60 32.15 -18.97
N PHE E 345 8.84 32.83 -17.84
CA PHE E 345 9.62 34.07 -17.90
C PHE E 345 11.04 33.81 -18.36
N VAL E 346 11.71 32.79 -17.80
CA VAL E 346 13.09 32.54 -18.22
C VAL E 346 13.13 32.06 -19.67
N PHE E 347 12.12 31.30 -20.09
CA PHE E 347 12.03 30.87 -21.48
C PHE E 347 11.87 32.07 -22.42
N LEU E 348 11.05 33.05 -22.02
CA LEU E 348 10.89 34.25 -22.81
C LEU E 348 12.19 35.05 -22.88
N ALA E 349 12.93 35.10 -21.77
CA ALA E 349 14.23 35.77 -21.79
C ALA E 349 15.17 35.09 -22.78
N LEU E 350 15.19 33.75 -22.78
CA LEU E 350 16.05 33.03 -23.71
C LEU E 350 15.64 33.29 -25.16
N LEU E 351 14.33 33.30 -25.43
CA LEU E 351 13.87 33.57 -26.79
C LEU E 351 14.23 35.00 -27.22
N GLU E 352 14.12 35.96 -26.30
CA GLU E 352 14.51 37.32 -26.61
C GLU E 352 15.99 37.40 -26.94
N TYR E 353 16.83 36.69 -26.20
CA TYR E 353 18.24 36.66 -26.52
C TYR E 353 18.47 36.05 -27.91
N ALA E 354 17.73 35.00 -28.24
CA ALA E 354 17.87 34.40 -29.58
C ALA E 354 17.51 35.41 -30.66
N PHE E 355 16.43 36.17 -30.45
CA PHE E 355 16.04 37.19 -31.42
C PHE E 355 17.12 38.26 -31.56
N VAL E 356 17.69 38.69 -30.42
CA VAL E 356 18.75 39.69 -30.48
C VAL E 356 19.95 39.15 -31.24
N ASN E 357 20.33 37.91 -30.99
CA ASN E 357 21.45 37.30 -31.69
C ASN E 357 21.20 37.23 -33.19
N TYR E 358 19.97 36.89 -33.58
CA TYR E 358 19.66 36.82 -35.01
C TYR E 358 19.66 38.20 -35.66
N ILE E 359 19.23 39.23 -34.94
CA ILE E 359 19.07 40.55 -35.55
C ILE E 359 20.37 41.36 -35.51
N PHE E 360 21.20 41.19 -34.49
CA PHE E 360 22.25 42.16 -34.20
C PHE E 360 23.25 42.30 -35.34
N PHE E 361 23.48 41.24 -36.12
CA PHE E 361 24.53 41.30 -37.14
C PHE E 361 24.21 42.33 -38.21
N SER E 362 22.96 42.42 -38.65
CA SER E 362 22.60 43.33 -39.72
C SER E 362 22.13 44.68 -39.20
N GLN E 363 21.43 44.71 -38.07
CA GLN E 363 20.82 45.92 -37.52
C GLN E 363 21.22 46.06 -36.07
N PRO E 364 22.45 46.52 -35.80
CA PRO E 364 22.88 46.69 -34.40
C PRO E 364 22.01 47.65 -33.62
N ALA E 365 21.50 48.70 -34.27
CA ALA E 365 20.62 49.64 -33.56
C ALA E 365 19.35 48.95 -33.08
N ARG E 366 18.77 48.07 -33.91
CA ARG E 366 17.57 47.36 -33.50
C ARG E 366 17.84 46.47 -32.30
N ALA E 367 18.96 45.74 -32.31
CA ALA E 367 19.29 44.87 -31.19
C ALA E 367 19.51 45.68 -29.92
N ALA E 368 20.24 46.80 -30.03
CA ALA E 368 20.45 47.64 -28.85
C ALA E 368 19.13 48.16 -28.32
N ALA E 369 18.24 48.60 -29.21
CA ALA E 369 16.96 49.13 -28.77
C ALA E 369 16.11 48.07 -28.08
N ILE E 370 16.05 46.86 -28.66
CA ILE E 370 15.21 45.83 -28.05
C ILE E 370 15.78 45.37 -26.71
N ASP E 371 17.12 45.28 -26.60
CA ASP E 371 17.71 44.99 -25.29
C ASP E 371 17.37 46.08 -24.29
N ARG E 372 17.49 47.35 -24.70
CA ARG E 372 17.22 48.45 -23.78
C ARG E 372 15.77 48.44 -23.32
N TRP E 373 14.84 48.16 -24.24
CA TRP E 373 13.43 48.11 -23.86
C TRP E 373 13.13 46.90 -22.98
N SER E 374 13.75 45.75 -23.28
CA SER E 374 13.55 44.58 -22.43
C SER E 374 14.02 44.86 -21.01
N ARG E 375 15.09 45.65 -20.87
CA ARG E 375 15.62 45.96 -19.54
C ARG E 375 14.55 46.56 -18.62
N ILE E 376 13.56 47.26 -19.18
CA ILE E 376 12.56 47.91 -18.35
C ILE E 376 11.25 47.12 -18.39
N VAL E 377 10.98 46.42 -19.50
CA VAL E 377 9.68 45.75 -19.61
C VAL E 377 9.68 44.34 -19.04
N PHE E 378 10.85 43.77 -18.73
CA PHE E 378 10.82 42.47 -18.06
C PHE E 378 10.55 42.61 -16.57
N PRO E 379 11.25 43.48 -15.83
CA PRO E 379 10.91 43.63 -14.40
C PRO E 379 9.48 44.09 -14.17
N PHE E 380 8.97 44.98 -15.02
CA PHE E 380 7.60 45.44 -14.86
C PHE E 380 6.60 44.31 -15.03
N THR E 381 6.79 43.49 -16.07
CA THR E 381 5.89 42.37 -16.30
C THR E 381 5.99 41.35 -15.17
N PHE E 382 7.21 41.09 -14.69
CA PHE E 382 7.37 40.14 -13.59
C PHE E 382 6.70 40.64 -12.32
N SER E 383 6.82 41.94 -12.04
CA SER E 383 6.16 42.51 -10.87
C SER E 383 4.65 42.44 -11.02
N LEU E 384 4.13 42.70 -12.22
CA LEU E 384 2.69 42.60 -12.45
C LEU E 384 2.20 41.17 -12.24
N PHE E 385 2.96 40.18 -12.73
CA PHE E 385 2.59 38.78 -12.52
C PHE E 385 2.62 38.43 -11.04
N ASN E 386 3.63 38.89 -10.31
CA ASN E 386 3.69 38.62 -8.89
C ASN E 386 2.52 39.26 -8.14
N LEU E 387 2.14 40.47 -8.54
CA LEU E 387 0.98 41.12 -7.93
C LEU E 387 -0.30 40.33 -8.19
N VAL E 388 -0.48 39.85 -9.42
CA VAL E 388 -1.66 39.06 -9.75
C VAL E 388 -1.68 37.77 -8.93
N TYR E 389 -0.53 37.12 -8.83
CA TYR E 389 -0.45 35.89 -8.04
C TYR E 389 -0.75 36.15 -6.57
N TRP E 390 -0.25 37.25 -6.03
CA TRP E 390 -0.49 37.59 -4.63
C TRP E 390 -1.97 37.86 -4.39
N LEU E 391 -2.62 38.58 -5.30
CA LEU E 391 -4.05 38.88 -5.10
C LEU E 391 -4.90 37.62 -5.26
N TYR E 392 -4.58 36.78 -6.24
CA TYR E 392 -5.43 35.64 -6.55
C TYR E 392 -5.28 34.50 -5.54
N TYR E 393 -4.10 34.33 -4.96
CA TYR E 393 -3.84 33.18 -4.09
C TYR E 393 -3.30 33.54 -2.71
N VAL E 394 -3.17 34.82 -2.38
CA VAL E 394 -2.72 35.21 -1.04
C VAL E 394 -3.59 36.35 -0.52
N GLN F 1 -17.30 30.46 8.86
CA GLN F 1 -18.38 31.44 8.75
C GLN F 1 -18.64 31.77 7.29
N VAL F 2 -19.90 31.68 6.86
CA VAL F 2 -20.28 31.89 5.48
C VAL F 2 -21.36 32.96 5.42
N GLN F 3 -21.17 33.95 4.56
CA GLN F 3 -22.18 34.96 4.27
C GLN F 3 -22.80 34.67 2.92
N LEU F 4 -24.13 34.71 2.87
CA LEU F 4 -24.89 34.43 1.66
C LEU F 4 -25.69 35.67 1.27
N VAL F 5 -25.55 36.09 0.01
CA VAL F 5 -26.27 37.23 -0.53
C VAL F 5 -27.14 36.76 -1.68
N GLU F 6 -28.38 37.26 -1.72
CA GLU F 6 -29.35 36.85 -2.72
C GLU F 6 -29.65 38.02 -3.65
N SER F 7 -29.68 37.74 -4.96
CA SER F 7 -29.98 38.73 -5.97
C SER F 7 -31.00 38.18 -6.94
N GLY F 8 -31.81 39.07 -7.51
CA GLY F 8 -32.81 38.68 -8.48
C GLY F 8 -34.23 38.97 -8.01
N LEU F 405 -37.65 33.54 -14.45
CA LEU F 405 -36.77 34.51 -13.82
C LEU F 405 -35.40 33.90 -13.53
N ARG F 406 -34.72 34.45 -12.52
CA ARG F 406 -33.42 33.94 -12.11
C ARG F 406 -33.05 34.53 -10.77
N LEU F 407 -32.50 33.70 -9.89
CA LEU F 407 -31.98 34.12 -8.60
C LEU F 407 -30.53 33.68 -8.48
N SER F 408 -29.72 34.49 -7.82
CA SER F 408 -28.31 34.21 -7.63
C SER F 408 -27.98 34.26 -6.15
N CYS F 409 -27.29 33.23 -5.67
CA CYS F 409 -26.80 33.15 -4.30
C CYS F 409 -25.29 33.21 -4.35
N ALA F 410 -24.72 34.22 -3.70
CA ALA F 410 -23.28 34.43 -3.66
C ALA F 410 -22.78 34.20 -2.24
N ALA F 411 -21.78 33.35 -2.11
CA ALA F 411 -21.26 32.94 -0.80
C ALA F 411 -19.85 33.46 -0.61
N SER F 412 -19.56 33.90 0.61
CA SER F 412 -18.24 34.40 0.98
C SER F 412 -17.82 33.79 2.31
N GLY F 413 -16.53 33.52 2.45
CA GLY F 413 -15.98 32.98 3.68
C GLY F 413 -15.46 31.55 3.49
N HIS F 414 -15.66 30.73 4.52
CA HIS F 414 -15.23 29.33 4.49
C HIS F 414 -16.25 28.49 3.72
N THR F 415 -16.27 28.70 2.41
CA THR F 415 -17.18 27.96 1.55
C THR F 415 -16.72 26.52 1.29
N PHE F 416 -15.48 26.18 1.64
CA PHE F 416 -15.02 24.81 1.43
C PHE F 416 -15.58 23.85 2.47
N ASN F 417 -15.76 24.31 3.71
CA ASN F 417 -16.32 23.45 4.75
C ASN F 417 -17.80 23.21 4.57
N TYR F 418 -18.46 23.94 3.68
CA TYR F 418 -19.88 23.77 3.39
C TYR F 418 -20.02 23.60 1.89
N PRO F 419 -19.74 22.41 1.36
CA PRO F 419 -19.68 22.22 -0.09
C PRO F 419 -21.04 22.09 -0.77
N ILE F 420 -22.15 22.22 -0.05
CA ILE F 420 -23.47 22.03 -0.62
C ILE F 420 -24.32 23.26 -0.33
N MET F 421 -24.96 23.78 -1.36
CA MET F 421 -25.90 24.89 -1.25
C MET F 421 -27.30 24.38 -1.55
N GLY F 422 -28.28 24.88 -0.81
CA GLY F 422 -29.64 24.44 -0.97
C GLY F 422 -30.61 25.60 -1.00
N TRP F 423 -31.73 25.37 -1.67
CA TRP F 423 -32.80 26.36 -1.77
C TRP F 423 -34.03 25.87 -1.03
N PHE F 424 -34.66 26.76 -0.27
CA PHE F 424 -35.86 26.44 0.47
C PHE F 424 -36.89 27.53 0.26
N ARG F 425 -38.17 27.18 0.41
CA ARG F 425 -39.23 28.18 0.32
C ARG F 425 -40.26 27.91 1.40
N GLN F 426 -40.72 28.96 2.05
CA GLN F 426 -41.70 28.85 3.12
C GLN F 426 -43.01 29.49 2.67
N ALA F 427 -44.09 28.71 2.72
CA ALA F 427 -45.41 29.21 2.41
C ALA F 427 -45.90 30.11 3.55
N PRO F 428 -46.84 31.01 3.27
CA PRO F 428 -47.38 31.86 4.35
C PRO F 428 -48.03 31.06 5.47
N GLY F 429 -48.61 29.91 5.18
CA GLY F 429 -49.29 29.13 6.19
C GLY F 429 -48.68 27.76 6.45
N LYS F 430 -47.53 27.47 5.85
CA LYS F 430 -46.91 26.16 6.00
C LYS F 430 -45.46 26.26 6.45
N GLU F 431 -44.76 25.13 6.45
CA GLU F 431 -43.37 25.07 6.87
C GLU F 431 -42.44 25.15 5.66
N ARG F 432 -41.14 25.23 5.94
CA ARG F 432 -40.15 25.34 4.89
C ARG F 432 -40.10 24.06 4.06
N GLU F 433 -39.94 24.22 2.74
CA GLU F 433 -39.96 23.13 1.79
C GLU F 433 -38.69 23.18 0.95
N PHE F 434 -38.06 22.02 0.80
CA PHE F 434 -36.85 21.91 -0.02
C PHE F 434 -37.19 22.12 -1.49
N VAL F 435 -36.26 22.73 -2.23
CA VAL F 435 -36.47 23.00 -3.64
C VAL F 435 -35.38 22.34 -4.46
N GLY F 436 -34.13 22.68 -4.17
CA GLY F 436 -33.02 22.13 -4.92
C GLY F 436 -31.71 22.27 -4.17
N ALA F 437 -30.71 21.51 -4.64
CA ALA F 437 -29.40 21.53 -4.03
C ALA F 437 -28.35 21.28 -5.10
N ILE F 438 -27.16 21.82 -4.87
CA ILE F 438 -26.07 21.76 -5.85
C ILE F 438 -24.74 21.67 -5.10
N SER F 439 -23.87 20.76 -5.54
CA SER F 439 -22.53 20.72 -5.00
C SER F 439 -21.74 21.94 -5.46
N TRP F 440 -20.93 22.50 -4.55
CA TRP F 440 -20.13 23.68 -4.89
C TRP F 440 -19.12 23.37 -5.98
N SER F 441 -18.50 22.19 -5.93
CA SER F 441 -17.44 21.82 -6.86
C SER F 441 -17.86 20.76 -7.87
N GLY F 442 -18.57 19.73 -7.43
CA GLY F 442 -18.91 18.63 -8.33
C GLY F 442 -19.89 19.00 -9.43
N GLY F 443 -20.68 20.04 -9.23
CA GLY F 443 -21.66 20.43 -10.22
C GLY F 443 -22.75 19.40 -10.44
N SER F 444 -23.23 18.78 -9.37
CA SER F 444 -24.32 17.82 -9.42
C SER F 444 -25.54 18.40 -8.72
N THR F 445 -26.69 18.33 -9.37
CA THR F 445 -27.90 18.97 -8.87
C THR F 445 -28.93 17.92 -8.46
N SER F 446 -29.71 18.26 -7.44
CA SER F 446 -30.85 17.46 -7.00
C SER F 446 -32.05 18.36 -6.83
N TYR F 447 -33.20 17.92 -7.31
CA TYR F 447 -34.41 18.73 -7.32
C TYR F 447 -35.54 17.98 -6.64
N ALA F 448 -36.50 18.74 -6.12
CA ALA F 448 -37.74 18.17 -5.63
C ALA F 448 -38.64 17.78 -6.79
N ASP F 449 -39.52 16.81 -6.55
CA ASP F 449 -40.38 16.29 -7.61
C ASP F 449 -41.35 17.36 -8.12
N SER F 450 -41.70 18.33 -7.28
CA SER F 450 -42.69 19.33 -7.67
C SER F 450 -42.12 20.36 -8.64
N VAL F 451 -40.79 20.47 -8.75
CA VAL F 451 -40.19 21.51 -9.57
C VAL F 451 -39.23 20.90 -10.59
N LYS F 452 -39.37 19.61 -10.85
CA LYS F 452 -38.53 18.98 -11.88
C LYS F 452 -38.95 19.46 -13.26
N ASP F 453 -37.96 19.68 -14.12
CA ASP F 453 -38.09 20.15 -15.50
C ASP F 453 -38.62 21.57 -15.59
N ARG F 454 -38.93 22.23 -14.48
CA ARG F 454 -39.35 23.62 -14.48
C ARG F 454 -38.31 24.56 -13.91
N PHE F 455 -37.54 24.12 -12.92
CA PHE F 455 -36.45 24.89 -12.35
C PHE F 455 -35.13 24.25 -12.71
N THR F 456 -34.09 25.08 -12.77
CA THR F 456 -32.74 24.60 -13.03
C THR F 456 -31.79 25.25 -12.04
N ILE F 457 -30.70 24.55 -11.72
CA ILE F 457 -29.69 25.05 -10.80
C ILE F 457 -28.31 24.81 -11.40
N SER F 458 -27.47 25.84 -11.39
CA SER F 458 -26.10 25.75 -11.85
C SER F 458 -25.20 26.50 -10.87
N ARG F 459 -23.89 26.40 -11.07
CA ARG F 459 -22.94 27.07 -10.20
C ARG F 459 -21.68 27.41 -10.97
N ASP F 460 -21.07 28.54 -10.59
CA ASP F 460 -19.77 28.93 -11.11
C ASP F 460 -18.88 29.32 -9.94
N ASN F 461 -17.68 28.75 -9.90
CA ASN F 461 -16.73 28.99 -8.83
C ASN F 461 -15.79 30.14 -9.13
N ALA F 462 -15.94 30.81 -10.26
CA ALA F 462 -15.12 31.97 -10.56
C ALA F 462 -15.34 33.08 -9.55
N LYS F 463 -16.59 33.28 -9.13
CA LYS F 463 -16.92 34.27 -8.11
C LYS F 463 -17.75 33.64 -6.98
N ASN F 464 -17.78 32.30 -6.90
CA ASN F 464 -18.52 31.58 -5.86
C ASN F 464 -20.00 31.97 -5.87
N THR F 465 -20.66 31.60 -6.98
CA THR F 465 -22.07 31.90 -7.16
C THR F 465 -22.82 30.67 -7.61
N VAL F 466 -24.09 30.59 -7.21
CA VAL F 466 -24.99 29.51 -7.60
C VAL F 466 -26.29 30.13 -8.09
N TYR F 467 -26.74 29.70 -9.27
CA TYR F 467 -27.91 30.28 -9.93
C TYR F 467 -29.07 29.29 -9.89
N LEU F 468 -30.25 29.80 -9.55
CA LEU F 468 -31.51 29.04 -9.60
C LEU F 468 -32.43 29.76 -10.59
N GLU F 469 -32.72 29.10 -11.71
CA GLU F 469 -33.54 29.67 -12.76
C GLU F 469 -34.93 29.06 -12.71
N MET F 470 -35.95 29.92 -12.65
CA MET F 470 -37.34 29.50 -12.59
C MET F 470 -38.00 29.68 -13.95
N ASN F 471 -38.58 28.60 -14.47
CA ASN F 471 -39.27 28.62 -15.74
C ASN F 471 -40.66 28.03 -15.58
N ASN F 472 -41.59 28.52 -16.39
CA ASN F 472 -42.99 28.06 -16.38
C ASN F 472 -43.60 28.21 -14.97
N LEU F 473 -43.51 29.44 -14.46
CA LEU F 473 -43.97 29.71 -13.11
C LEU F 473 -45.47 29.55 -12.99
N LYS F 474 -45.93 29.23 -11.79
CA LYS F 474 -47.33 29.00 -11.49
C LYS F 474 -47.74 29.84 -10.29
N PRO F 475 -49.02 30.21 -10.18
CA PRO F 475 -49.45 31.06 -9.06
C PRO F 475 -49.28 30.41 -7.70
N GLU F 476 -49.16 29.09 -7.61
CA GLU F 476 -48.99 28.42 -6.34
C GLU F 476 -47.54 28.44 -5.85
N ASP F 477 -46.69 29.27 -6.43
CA ASP F 477 -45.29 29.40 -6.03
C ASP F 477 -45.04 30.63 -5.19
N THR F 478 -46.06 31.13 -4.51
CA THR F 478 -45.94 32.34 -3.68
C THR F 478 -45.42 31.94 -2.30
N ALA F 479 -44.10 32.00 -2.15
CA ALA F 479 -43.47 31.65 -0.88
C ALA F 479 -42.19 32.45 -0.75
N VAL F 480 -41.74 32.61 0.50
CA VAL F 480 -40.51 33.36 0.79
C VAL F 480 -39.33 32.41 0.64
N TYR F 481 -38.35 32.80 -0.17
CA TYR F 481 -37.24 31.92 -0.51
C TYR F 481 -36.05 32.14 0.41
N TYR F 482 -35.18 31.13 0.47
CA TYR F 482 -33.98 31.16 1.28
C TYR F 482 -32.90 30.33 0.60
N CYS F 483 -31.66 30.80 0.70
CA CYS F 483 -30.49 30.07 0.27
C CYS F 483 -29.67 29.70 1.50
N ALA F 484 -29.31 28.43 1.62
CA ALA F 484 -28.65 27.94 2.82
C ALA F 484 -27.44 27.09 2.45
N ALA F 485 -26.52 26.98 3.40
CA ALA F 485 -25.30 26.19 3.24
C ALA F 485 -25.34 24.99 4.17
N LYS F 486 -24.80 23.87 3.69
CA LYS F 486 -24.83 22.62 4.44
C LYS F 486 -23.44 22.05 4.58
N GLY F 487 -23.11 21.58 5.77
CA GLY F 487 -21.81 21.01 6.04
C GLY F 487 -21.58 19.69 5.32
N ARG F 488 -20.36 19.19 5.45
CA ARG F 488 -19.99 17.98 4.74
C ARG F 488 -20.59 16.73 5.37
N TYR F 489 -20.82 16.73 6.68
CA TYR F 489 -21.41 15.61 7.39
C TYR F 489 -22.67 16.02 8.12
N SER F 490 -23.52 16.81 7.48
CA SER F 490 -24.74 17.31 8.11
C SER F 490 -25.94 16.40 7.92
N GLY F 491 -25.80 15.33 7.16
CA GLY F 491 -26.85 14.33 7.07
C GLY F 491 -27.68 14.48 5.80
N GLY F 492 -29.00 14.46 5.97
CA GLY F 492 -29.88 14.46 4.82
C GLY F 492 -29.89 15.79 4.09
N LEU F 493 -30.42 15.76 2.87
CA LEU F 493 -30.41 16.91 1.98
C LEU F 493 -31.74 17.66 1.97
N TYR F 494 -32.84 17.03 2.37
CA TYR F 494 -34.17 17.59 2.24
C TYR F 494 -34.67 18.22 3.53
N TYR F 495 -33.82 18.36 4.54
CA TYR F 495 -34.26 18.78 5.86
C TYR F 495 -33.63 20.12 6.23
N PRO F 496 -34.42 21.15 6.50
CA PRO F 496 -33.85 22.47 6.78
C PRO F 496 -32.98 22.53 8.03
N THR F 497 -33.14 21.57 8.95
CA THR F 497 -32.39 21.61 10.20
C THR F 497 -30.89 21.46 9.95
N ASN F 498 -30.52 20.62 8.98
CA ASN F 498 -29.11 20.32 8.73
C ASN F 498 -28.34 21.50 8.16
N TYR F 499 -29.01 22.56 7.73
CA TYR F 499 -28.35 23.70 7.09
C TYR F 499 -28.02 24.75 8.13
N ASP F 500 -26.79 25.26 8.10
CA ASP F 500 -26.31 26.17 9.12
C ASP F 500 -26.55 27.63 8.77
N TYR F 501 -25.97 28.10 7.67
CA TYR F 501 -26.03 29.52 7.32
C TYR F 501 -27.16 29.75 6.33
N TRP F 502 -28.08 30.64 6.68
CA TRP F 502 -29.25 30.94 5.87
C TRP F 502 -29.12 32.32 5.25
N GLY F 503 -29.56 32.45 4.01
CA GLY F 503 -29.47 33.70 3.29
C GLY F 503 -30.64 34.62 3.60
N GLN F 504 -30.72 35.70 2.84
CA GLN F 504 -31.75 36.69 3.03
C GLN F 504 -33.10 36.15 2.55
N GLY F 505 -34.14 36.35 3.36
CA GLY F 505 -35.48 35.98 2.95
C GLY F 505 -35.93 36.83 1.78
N THR F 506 -36.30 36.18 0.67
CA THR F 506 -36.73 36.88 -0.53
C THR F 506 -38.16 36.48 -0.86
N GLN F 507 -39.01 37.47 -1.11
CA GLN F 507 -40.41 37.25 -1.43
C GLN F 507 -40.60 37.34 -2.95
N VAL F 508 -41.11 36.26 -3.54
CA VAL F 508 -41.40 36.20 -4.97
C VAL F 508 -42.82 35.65 -5.13
N THR F 509 -43.64 36.34 -5.90
CA THR F 509 -45.01 35.93 -6.13
C THR F 509 -45.12 34.96 -7.29
C1 NAG G . -6.21 -19.13 17.65
C2 NAG G . -7.53 -18.41 17.42
C3 NAG G . -8.63 -19.07 18.24
C4 NAG G . -8.69 -20.56 17.95
C5 NAG G . -7.32 -21.19 18.12
C6 NAG G . -7.28 -22.65 17.68
C7 NAG G . -7.69 -16.04 16.84
C8 NAG G . -7.53 -14.63 17.33
N2 NAG G . -7.42 -17.00 17.73
O3 NAG G . -9.88 -18.46 17.94
O4 NAG G . -9.60 -21.19 18.84
O5 NAG G . -6.34 -20.51 17.32
O6 NAG G . -5.96 -23.18 17.74
O7 NAG G . -8.05 -16.29 15.69
C1 NAG G . -10.75 -21.71 18.13
C2 NAG G . -11.44 -22.71 19.06
C3 NAG G . -12.69 -23.27 18.38
C4 NAG G . -13.60 -22.12 17.97
C5 NAG G . -12.83 -21.16 17.07
C6 NAG G . -13.62 -19.94 16.68
C7 NAG G . -10.23 -24.07 20.69
C8 NAG G . -9.26 -25.21 20.90
N2 NAG G . -10.53 -23.79 19.43
O3 NAG G . -13.38 -24.12 19.29
O4 NAG G . -14.74 -22.63 17.26
O5 NAG G . -11.66 -20.68 17.77
O6 NAG G . -12.88 -19.08 15.83
O7 NAG G . -10.71 -23.45 21.64
C1 BMA G . -15.92 -22.30 18.03
C2 BMA G . -17.11 -22.25 17.07
C3 BMA G . -18.38 -21.95 17.85
C4 BMA G . -18.57 -22.92 18.99
C5 BMA G . -17.31 -22.96 19.86
C6 BMA G . -17.37 -24.02 20.94
O2 BMA G . -17.24 -23.50 16.41
O3 BMA G . -19.51 -22.00 16.97
O4 BMA G . -19.67 -22.53 19.80
O5 BMA G . -16.17 -23.28 19.05
O6 BMA G . -17.78 -25.28 20.40
C1 MAN G . -19.48 -20.87 16.08
C2 MAN G . -20.75 -20.05 16.28
C3 MAN G . -21.96 -20.87 15.86
C4 MAN G . -21.80 -21.39 14.45
C5 MAN G . -20.48 -22.16 14.32
C6 MAN G . -20.18 -22.60 12.91
O2 MAN G . -20.67 -18.86 15.51
O3 MAN G . -23.13 -20.06 15.95
O4 MAN G . -22.87 -22.26 14.11
O5 MAN G . -19.39 -21.31 14.72
O6 MAN G . -18.94 -23.29 12.83
C1 MAN G . -17.78 -26.26 21.46
C2 MAN G . -17.91 -27.64 20.83
C3 MAN G . -19.27 -27.79 20.16
C4 MAN G . -20.38 -27.49 21.16
C5 MAN G . -20.16 -26.11 21.77
C6 MAN G . -21.16 -25.77 22.86
O2 MAN G . -17.75 -28.64 21.83
O3 MAN G . -19.42 -29.11 19.65
O4 MAN G . -21.64 -27.50 20.49
O5 MAN G . -18.86 -26.05 22.38
O6 MAN G . -21.09 -26.70 23.93
C1 NAG H . 23.10 -22.97 9.72
C2 NAG H . 23.52 -24.40 9.36
C3 NAG H . 23.17 -25.36 10.48
C4 NAG H . 23.73 -24.87 11.82
C5 NAG H . 23.31 -23.42 12.07
C6 NAG H . 23.95 -22.82 13.29
C7 NAG H . 23.40 -25.79 7.33
C8 NAG H . 22.62 -26.08 6.09
N2 NAG H . 22.91 -24.82 8.10
O3 NAG H . 23.70 -26.64 10.19
O4 NAG H . 23.17 -25.66 12.88
O5 NAG H . 23.71 -22.60 10.95
O6 NAG H . 23.54 -21.47 13.48
O7 NAG H . 24.41 -26.41 7.64
C1 NAG H . 24.15 -26.47 13.54
C2 NAG H . 23.66 -26.73 14.96
C3 NAG H . 24.62 -27.66 15.70
C4 NAG H . 24.82 -28.93 14.90
C5 NAG H . 25.29 -28.58 13.48
C6 NAG H . 25.43 -29.79 12.59
C7 NAG H . 22.33 -24.80 15.72
C8 NAG H . 22.34 -23.55 16.54
N2 NAG H . 23.49 -25.49 15.69
O3 NAG H . 24.09 -27.96 16.98
O4 NAG H . 25.80 -29.76 15.54
O5 NAG H . 24.34 -27.71 12.86
O6 NAG H . 25.87 -29.43 11.30
O7 NAG H . 21.34 -25.19 15.11
C1 BMA H . 25.17 -30.97 15.99
C2 BMA H . 26.26 -32.02 16.19
C3 BMA H . 25.66 -33.32 16.68
C4 BMA H . 24.82 -33.08 17.92
C5 BMA H . 23.80 -31.98 17.67
C6 BMA H . 23.04 -31.59 18.92
O2 BMA H . 27.22 -31.54 17.13
O3 BMA H . 26.68 -34.27 16.97
O4 BMA H . 24.13 -34.28 18.28
O5 BMA H . 24.47 -30.79 17.22
O6 BMA H . 23.93 -31.33 20.00
C1 MAN H . 27.41 -34.60 15.79
C2 MAN H . 27.43 -36.12 15.64
C3 MAN H . 28.18 -36.75 16.80
C4 MAN H . 29.57 -36.15 16.93
C5 MAN H . 29.48 -34.62 17.00
C6 MAN H . 30.82 -33.94 17.00
O2 MAN H . 28.03 -36.48 14.40
O3 MAN H . 28.27 -38.16 16.61
O4 MAN H . 30.21 -36.63 18.09
O5 MAN H . 28.75 -34.13 15.86
O6 MAN H . 30.69 -32.53 17.09
C1 MAN H . 23.17 -30.99 21.18
C2 MAN H . 24.10 -30.26 22.14
C3 MAN H . 25.19 -31.19 22.65
C4 MAN H . 24.58 -32.45 23.24
C5 MAN H . 23.65 -33.10 22.22
C6 MAN H . 22.91 -34.30 22.77
O2 MAN H . 23.35 -29.75 23.24
O3 MAN H . 25.99 -30.53 23.62
O4 MAN H . 25.60 -33.37 23.59
O5 MAN H . 22.64 -32.16 21.81
O6 MAN H . 22.08 -34.90 21.79
C1 NAG I . -3.70 -47.89 9.40
C2 NAG I . -3.65 -48.92 8.27
C3 NAG I . -2.47 -49.86 8.46
C4 NAG I . -1.18 -49.05 8.57
C5 NAG I . -1.32 -48.04 9.71
C6 NAG I . -0.13 -47.12 9.83
C7 NAG I . -5.63 -49.76 7.08
C8 NAG I . -6.89 -50.58 7.19
N2 NAG I . -4.90 -49.67 8.20
O3 NAG I . -2.38 -50.75 7.35
O4 NAG I . -0.08 -49.90 8.82
O5 NAG I . -2.45 -47.19 9.45
O6 NAG I . 0.08 -46.38 8.64
O7 NAG I . -5.30 -49.22 6.04
C1 NAG I . 0.77 -49.89 7.65
C2 NAG I . 2.06 -50.65 7.97
C3 NAG I . 2.95 -50.71 6.73
C4 NAG I . 2.17 -51.30 5.56
C5 NAG I . 0.89 -50.51 5.34
C6 NAG I . 0.01 -51.09 4.26
C7 NAG I . 2.71 -50.49 10.33
C8 NAG I . 3.49 -49.72 11.35
N2 NAG I . 2.76 -50.03 9.07
O3 NAG I . 4.09 -51.51 7.01
O4 NAG I . 2.97 -51.24 4.38
O5 NAG I . 0.10 -50.51 6.54
O6 NAG I . 0.66 -51.07 2.99
O7 NAG I . 2.06 -51.49 10.63
C1 NAG J . -22.56 1.35 -17.55
C2 NAG J . -23.79 2.25 -17.66
C3 NAG J . -25.05 1.45 -17.36
C4 NAG J . -25.12 0.20 -18.22
C5 NAG J . -23.83 -0.60 -18.11
C6 NAG J . -23.78 -1.77 -19.07
C7 NAG J . -24.26 4.56 -17.01
C8 NAG J . -24.04 5.63 -15.97
N2 NAG J . -23.67 3.38 -16.77
O3 NAG J . -26.18 2.26 -17.60
O4 NAG J . -26.18 -0.64 -17.74
O5 NAG J . -22.71 0.23 -18.44
O6 NAG J . -22.52 -2.44 -18.99
O7 NAG J . -24.94 4.76 -18.00
C1 NAG J . -27.22 -0.81 -18.72
C2 NAG J . -27.83 -2.19 -18.49
C3 NAG J . -29.00 -2.42 -19.44
C4 NAG J . -30.01 -1.30 -19.30
C5 NAG J . -29.31 0.05 -19.51
C6 NAG J . -30.23 1.23 -19.29
C7 NAG J . -26.39 -4.01 -17.67
C8 NAG J . -25.36 -5.03 -18.02
N2 NAG J . -26.83 -3.23 -18.67
O3 NAG J . -29.62 -3.66 -19.14
O4 NAG J . -31.05 -1.45 -20.25
O5 NAG J . -28.23 0.19 -18.58
O6 NAG J . -29.53 2.46 -19.47
O7 NAG J . -26.83 -3.89 -16.52
C1 BMA J . -32.30 -1.65 -19.57
C2 BMA J . -33.43 -1.30 -20.54
C3 BMA J . -34.78 -1.51 -19.87
C4 BMA J . -34.88 -2.92 -19.31
C5 BMA J . -33.68 -3.23 -18.42
C6 BMA J . -33.66 -4.67 -17.97
O2 BMA J . -33.34 -2.11 -21.70
O3 BMA J . -35.83 -1.29 -20.80
O4 BMA J . -36.08 -3.05 -18.55
O5 BMA J . -32.46 -3.00 -19.14
O6 BMA J . -33.70 -5.54 -19.09
C1 MAN J . -35.91 0.10 -21.15
C2 MAN J . -37.36 0.56 -20.97
C3 MAN J . -38.26 -0.18 -21.95
C4 MAN J . -37.75 -0.01 -23.38
C5 MAN J . -36.27 -0.44 -23.45
C6 MAN J . -35.65 -0.18 -24.80
O2 MAN J . -37.44 1.96 -21.17
O3 MAN J . -39.59 0.33 -21.86
O4 MAN J . -38.50 -0.83 -24.26
O5 MAN J . -35.51 0.33 -22.49
O6 MAN J . -34.30 -0.61 -24.83
C1 MAN J . -33.82 -6.90 -18.62
C2 MAN J . -33.26 -7.81 -19.71
C3 MAN J . -34.11 -7.72 -20.97
C4 MAN J . -35.57 -8.02 -20.63
C5 MAN J . -36.04 -7.09 -19.51
C6 MAN J . -37.44 -7.40 -19.04
O2 MAN J . -33.22 -9.15 -19.24
O3 MAN J . -33.64 -8.64 -21.95
O4 MAN J . -36.38 -7.80 -21.78
O5 MAN J . -35.18 -7.24 -18.37
O6 MAN J . -37.83 -6.56 -17.97
C1 NAG K . -43.55 2.81 12.88
C2 NAG K . -44.05 4.23 13.15
C3 NAG K . -45.26 4.54 12.25
C4 NAG K . -44.91 4.27 10.80
C5 NAG K . -44.36 2.86 10.63
C6 NAG K . -43.88 2.56 9.23
C7 NAG K . -43.61 5.03 15.42
C8 NAG K . -44.13 5.12 16.83
N2 NAG K . -44.40 4.40 14.54
O3 NAG K . -45.63 5.90 12.42
O4 NAG K . -46.07 4.41 10.00
O5 NAG K . -43.24 2.67 11.50
O6 NAG K . -42.82 3.42 8.85
O7 NAG K . -42.53 5.51 15.09
C1 NAG K . -45.95 5.54 9.12
C2 NAG K . -47.06 5.46 8.07
C3 NAG K . -46.98 6.66 7.14
C4 NAG K . -47.02 7.94 7.95
C5 NAG K . -45.91 7.94 9.00
C6 NAG K . -45.95 9.14 9.92
C7 NAG K . -47.77 3.17 7.55
C8 NAG K . -47.55 1.96 6.69
N2 NAG K . -46.97 4.22 7.33
O3 NAG K . -48.08 6.62 6.24
O4 NAG K . -46.85 9.07 7.09
O5 NAG K . -46.05 6.77 9.83
O6 NAG K . -45.84 10.35 9.19
O7 NAG K . -48.64 3.21 8.42
C1 NAG L . -16.73 -13.83 7.63
C2 NAG L . -17.68 -13.61 8.80
C3 NAG L . -17.06 -12.68 9.83
C4 NAG L . -15.72 -13.25 10.28
C5 NAG L . -14.83 -13.41 9.05
C6 NAG L . -13.48 -14.03 9.37
C7 NAG L . -20.13 -13.47 8.87
C8 NAG L . -21.36 -12.83 8.28
N2 NAG L . -18.96 -13.09 8.35
O3 NAG L . -17.93 -12.55 10.95
O4 NAG L . -15.10 -12.42 11.26
O5 NAG L . -15.46 -14.28 8.11
O6 NAG L . -12.67 -14.14 8.21
O7 NAG L . -20.19 -14.31 9.76
C1 NAG L . -15.08 -13.19 12.49
C2 NAG L . -14.05 -12.59 13.46
C3 NAG L . -14.06 -13.37 14.77
C4 NAG L . -15.47 -13.45 15.34
C5 NAG L . -16.44 -13.98 14.29
C6 NAG L . -17.87 -13.96 14.75
C7 NAG L . -12.24 -11.56 12.17
C8 NAG L . -10.84 -11.72 11.63
N2 NAG L . -12.72 -12.59 12.87
O3 NAG L . -13.19 -12.73 15.70
O4 NAG L . -15.48 -14.32 16.46
O5 NAG L . -16.37 -13.18 13.10
O6 NAG L . -18.29 -12.65 15.10
O7 NAG L . -12.89 -10.54 11.97
C1 BMA L . -15.79 -13.62 17.68
C2 BMA L . -16.12 -14.65 18.75
C3 BMA L . -16.39 -13.96 20.08
C4 BMA L . -15.23 -13.04 20.45
C5 BMA L . -14.94 -12.08 19.31
C6 BMA L . -13.73 -11.21 19.56
O2 BMA L . -15.04 -15.56 18.89
O3 BMA L . -16.59 -14.93 21.10
O4 BMA L . -15.55 -12.31 21.63
O5 BMA L . -14.68 -12.82 18.10
O6 BMA L . -13.41 -10.45 18.39
C1 MAN L . -17.99 -15.00 21.42
C2 MAN L . -18.15 -14.95 22.94
C3 MAN L . -17.53 -16.19 23.57
C4 MAN L . -18.09 -17.45 22.94
C5 MAN L . -17.94 -17.39 21.41
C6 MAN L . -18.59 -18.56 20.71
O2 MAN L . -19.53 -14.87 23.27
O3 MAN L . -17.78 -16.19 24.97
O4 MAN L . -17.41 -18.59 23.43
O5 MAN L . -18.58 -16.20 20.92
O6 MAN L . -18.04 -19.79 21.14
C1 MAN L . -12.41 -9.47 18.73
C2 MAN L . -12.31 -8.49 17.58
C3 MAN L . -11.79 -9.17 16.32
C4 MAN L . -10.48 -9.88 16.62
C5 MAN L . -10.66 -10.83 17.80
C6 MAN L . -9.37 -11.50 18.23
O2 MAN L . -11.44 -7.41 17.94
O3 MAN L . -11.61 -8.22 15.28
O4 MAN L . -10.06 -10.63 15.47
O5 MAN L . -11.14 -10.10 18.94
O6 MAN L . -9.57 -12.34 19.36
C1 NAG M . -14.34 22.92 11.03
C2 NAG M . -14.34 23.90 12.20
C3 NAG M . -15.58 23.71 13.05
C4 NAG M . -16.85 23.73 12.20
C5 NAG M . -16.72 22.77 11.03
C6 NAG M . -17.88 22.87 10.06
C7 NAG M . -12.63 24.71 13.75
C8 NAG M . -11.39 24.37 14.52
N2 NAG M . -13.14 23.74 12.99
O3 NAG M . -15.65 24.73 14.03
O4 NAG M . -17.95 23.29 12.99
O5 NAG M . -15.55 23.08 10.28
O6 NAG M . -17.75 21.91 9.01
O7 NAG M . -13.14 25.82 13.83
C1 NAG M . -18.89 24.33 13.30
C2 NAG M . -20.26 23.67 13.46
C3 NAG M . -21.30 24.69 13.89
C4 NAG M . -20.83 25.41 15.14
C5 NAG M . -19.46 26.03 14.90
C6 NAG M . -18.87 26.69 16.12
C7 NAG M . -20.70 21.68 12.08
C8 NAG M . -21.15 21.18 10.74
N2 NAG M . -20.67 23.02 12.23
O3 NAG M . -22.53 24.03 14.15
O4 NAG M . -21.75 26.45 15.47
O5 NAG M . -18.54 25.00 14.51
O6 NAG M . -17.61 27.27 15.83
O7 NAG M . -20.37 20.93 12.98
C1 BMA M . -22.37 26.17 16.74
C2 BMA M . -22.97 27.48 17.25
C3 BMA M . -23.68 27.26 18.58
C4 BMA M . -24.70 26.13 18.45
C5 BMA M . -24.03 24.88 17.89
C6 BMA M . -25.01 23.76 17.63
O2 BMA M . -23.87 28.00 16.28
O3 BMA M . -24.36 28.46 18.95
O4 BMA M . -25.25 25.84 19.73
O5 BMA M . -23.39 25.18 16.63
O6 BMA M . -26.13 24.23 16.90
C1 MAN M . -23.47 29.35 19.63
C2 MAN M . -24.26 30.05 20.73
C3 MAN M . -25.36 30.89 20.10
C4 MAN M . -24.77 31.86 19.08
C5 MAN M . -23.93 31.09 18.07
C6 MAN M . -23.20 32.00 17.09
O2 MAN M . -23.39 30.87 21.49
O3 MAN M . -26.05 31.62 21.11
O4 MAN M . -25.82 32.54 18.40
O5 MAN M . -22.93 30.32 18.74
O6 MAN M . -22.41 31.25 16.19
C1 MAN M . -27.17 23.23 16.91
C2 MAN M . -28.02 23.41 15.66
C3 MAN M . -28.76 24.74 15.72
C4 MAN M . -29.56 24.85 17.01
C5 MAN M . -28.64 24.61 18.21
C6 MAN M . -29.39 24.57 19.52
O2 MAN M . -28.95 22.33 15.56
O3 MAN M . -29.62 24.86 14.60
O4 MAN M . -30.14 26.14 17.12
O5 MAN M . -27.99 23.33 18.07
O6 MAN M . -28.52 24.30 20.61
C1 NAG N . -17.14 5.07 43.59
C2 NAG N . -16.05 5.72 44.44
C3 NAG N . -16.48 7.11 44.87
C4 NAG N . -16.86 7.94 43.66
C5 NAG N . -17.92 7.21 42.83
C6 NAG N . -18.26 7.93 41.55
C7 NAG N . -14.49 4.77 46.08
C8 NAG N . -14.33 3.88 47.27
N2 NAG N . -15.73 4.89 45.59
O3 NAG N . -15.42 7.75 45.59
O4 NAG N . -17.38 9.21 44.07
O5 NAG N . -17.44 5.90 42.47
O6 NAG N . -17.12 8.11 40.74
O7 NAG N . -13.53 5.34 45.56
C1 NAG N . -16.48 10.26 43.71
C2 NAG N . -17.28 11.48 43.27
C3 NAG N . -16.36 12.64 42.93
C4 NAG N . -15.44 12.93 44.11
C5 NAG N . -14.70 11.66 44.51
C6 NAG N . -13.85 11.85 45.75
C7 NAG N . -19.43 11.48 42.09
C8 NAG N . -20.17 11.08 40.85
N2 NAG N . -18.14 11.15 42.14
O3 NAG N . -17.13 13.79 42.61
O4 NAG N . -14.49 13.94 43.76
O5 NAG N . -15.63 10.62 44.81
O6 NAG N . -12.88 12.88 45.57
O7 NAG N . -19.99 12.08 43.01
C1 CLR O . 18.72 22.09 -0.11
C2 CLR O . 18.34 20.86 0.71
C3 CLR O . 16.84 20.62 0.66
C4 CLR O . 16.40 20.43 -0.78
C5 CLR O . 16.85 21.57 -1.67
C6 CLR O . 16.00 22.18 -2.47
C7 CLR O . 16.35 23.20 -3.50
C8 CLR O . 17.87 23.38 -3.68
C9 CLR O . 18.56 23.31 -2.31
C10 CLR O . 18.32 21.95 -1.59
C11 CLR O . 20.04 23.68 -2.39
C12 CLR O . 20.29 25.02 -3.10
C13 CLR O . 19.66 25.06 -4.50
C14 CLR O . 18.16 24.74 -4.32
C15 CLR O . 17.55 25.10 -5.68
C16 CLR O . 18.42 26.25 -6.21
C17 CLR O . 19.56 26.43 -5.18
C18 CLR O . 20.34 24.02 -5.41
C19 CLR O . 19.15 20.82 -2.23
C20 CLR O . 20.82 27.06 -5.82
C21 CLR O . 21.83 27.57 -4.79
C22 CLR O . 20.40 28.20 -6.77
C23 CLR O . 21.04 29.56 -6.49
C24 CLR O . 20.47 30.66 -7.37
C25 CLR O . 21.10 32.04 -7.19
C26 CLR O . 21.05 32.48 -5.73
C27 CLR O . 20.43 33.07 -8.07
O1 CLR O . 16.51 19.46 1.42
N ABU P . 9.67 -22.24 24.59
CD ABU P . 8.76 -21.29 25.25
CB ABU P . 9.42 -20.61 26.42
CG ABU P . 8.52 -19.54 27.03
C ABU P . 9.16 -18.79 28.18
O ABU P . 8.88 -17.58 28.31
OXT ABU P . 9.93 -19.41 28.94
N ABU Q . -25.72 -15.49 -7.83
CD ABU Q . -25.41 -16.76 -7.14
CB ABU Q . -25.09 -17.86 -8.12
CG ABU Q . -24.77 -19.17 -7.41
C ABU Q . -24.46 -20.32 -8.35
O ABU Q . -24.54 -20.12 -9.57
OXT ABU Q . -24.13 -21.40 -7.82
#